data_5HWH
# 
_entry.id   5HWH 
# 
_audit_conform.dict_name       mmcif_pdbx.dic 
_audit_conform.dict_version    5.387 
_audit_conform.dict_location   http://mmcif.pdb.org/dictionaries/ascii/mmcif_pdbx.dic 
# 
loop_
_database_2.database_id 
_database_2.database_code 
_database_2.pdbx_database_accession 
_database_2.pdbx_DOI 
PDB   5HWH         pdb_00005hwh 10.2210/pdb5hwh/pdb 
WWPDB D_1000217858 ?            ?                   
# 
loop_
_pdbx_audit_revision_history.ordinal 
_pdbx_audit_revision_history.data_content_type 
_pdbx_audit_revision_history.major_revision 
_pdbx_audit_revision_history.minor_revision 
_pdbx_audit_revision_history.revision_date 
1 'Structure model' 1 0 2017-02-01 
2 'Structure model' 1 1 2019-02-20 
3 'Structure model' 1 2 2024-03-20 
# 
_pdbx_audit_revision_details.ordinal             1 
_pdbx_audit_revision_details.revision_ordinal    1 
_pdbx_audit_revision_details.data_content_type   'Structure model' 
_pdbx_audit_revision_details.provider            repository 
_pdbx_audit_revision_details.type                'Initial release' 
_pdbx_audit_revision_details.description         ? 
_pdbx_audit_revision_details.details             ? 
# 
loop_
_pdbx_audit_revision_group.ordinal 
_pdbx_audit_revision_group.revision_ordinal 
_pdbx_audit_revision_group.data_content_type 
_pdbx_audit_revision_group.group 
1 2 'Structure model' 'Data collection'     
2 2 'Structure model' 'Source and taxonomy' 
3 3 'Structure model' 'Data collection'     
4 3 'Structure model' 'Database references' 
# 
loop_
_pdbx_audit_revision_category.ordinal 
_pdbx_audit_revision_category.revision_ordinal 
_pdbx_audit_revision_category.data_content_type 
_pdbx_audit_revision_category.category 
1 2 'Structure model' entity_src_gen 
2 3 'Structure model' chem_comp_atom 
3 3 'Structure model' chem_comp_bond 
4 3 'Structure model' database_2     
# 
loop_
_pdbx_audit_revision_item.ordinal 
_pdbx_audit_revision_item.revision_ordinal 
_pdbx_audit_revision_item.data_content_type 
_pdbx_audit_revision_item.item 
1 2 'Structure model' '_entity_src_gen.pdbx_host_org_ncbi_taxonomy_id' 
2 2 'Structure model' '_entity_src_gen.pdbx_host_org_scientific_name'  
3 3 'Structure model' '_database_2.pdbx_DOI'                           
4 3 'Structure model' '_database_2.pdbx_database_accession'            
# 
_pdbx_database_status.status_code                     REL 
_pdbx_database_status.status_code_sf                  REL 
_pdbx_database_status.status_code_mr                  ? 
_pdbx_database_status.entry_id                        5HWH 
_pdbx_database_status.recvd_initial_deposition_date   2016-01-29 
_pdbx_database_status.SG_entry                        N 
_pdbx_database_status.deposit_site                    RCSB 
_pdbx_database_status.process_site                    PDBJ 
_pdbx_database_status.status_code_cs                  ? 
_pdbx_database_status.methods_development_category    ? 
_pdbx_database_status.pdb_format_compatible           Y 
_pdbx_database_status.status_code_nmr_data            ? 
# 
_pdbx_database_related.db_name        PDB 
_pdbx_database_related.details        . 
_pdbx_database_related.db_id          5HWG 
_pdbx_database_related.content_type   unspecified 
# 
loop_
_audit_author.name 
_audit_author.pdbx_ordinal 
'Feng, Y.' 1 
'Gao, S.'  2 
# 
_citation.abstract                  ? 
_citation.abstract_id_CAS           ? 
_citation.book_id_ISBN              ? 
_citation.book_publisher            ? 
_citation.book_publisher_city       ? 
_citation.book_title                ? 
_citation.coordinate_linkage        ? 
_citation.country                   ? 
_citation.database_id_Medline       ? 
_citation.details                   ? 
_citation.id                        primary 
_citation.journal_abbrev            'To Be Published' 
_citation.journal_id_ASTM           ? 
_citation.journal_id_CSD            0353 
_citation.journal_id_ISSN           ? 
_citation.journal_full              ? 
_citation.journal_issue             ? 
_citation.journal_volume            ? 
_citation.language                  ? 
_citation.page_first                ? 
_citation.page_last                 ? 
_citation.title                     'Structure of a cysteine hydrolase' 
_citation.year                      ? 
_citation.database_id_CSD           ? 
_citation.pdbx_database_id_DOI      ? 
_citation.pdbx_database_id_PubMed   ? 
_citation.unpublished_flag          ? 
# 
loop_
_citation_author.citation_id 
_citation_author.name 
_citation_author.ordinal 
_citation_author.identifier_ORCID 
primary 'Gao, S.'  1 ? 
primary 'Feng, Y.' 2 ? 
# 
loop_
_entity.id 
_entity.type 
_entity.src_method 
_entity.pdbx_description 
_entity.formula_weight 
_entity.pdbx_number_of_molecules 
_entity.pdbx_ec 
_entity.pdbx_mutation 
_entity.pdbx_fragment 
_entity.details 
1 polymer     man Isochorismatase                                    20425.797 1   ? C111A ? ? 
2 non-polymer syn '(1~{S},4~{R})-3-azabicyclo[2.2.1]hept-5-en-2-one' 109.126   1   ? ?     ? ? 
3 water       nat water                                              18.015    237 ? ?     ? ? 
# 
_entity_poly.entity_id                      1 
_entity_poly.type                           'polypeptide(L)' 
_entity_poly.nstd_linkage                   no 
_entity_poly.nstd_monomer                   no 
_entity_poly.pdbx_seq_one_letter_code       
;MGSHHHHHHMAAPRRTVVLAIDLQAGVTPGCFDEEGVLSRAAALVERARAGGVPVVWVHHDPVGVGTPEWELAAPLHRAE
GEPLVRKNYRDSFADTTLRETLDELGATHLVITGAQSDFAVRTTMQRAAAEGYDVTLVSDAHTTVDTEWEGVRISGEQIV
AHTNMYFSGLRYPGQEFVIATHDHVAL
;
_entity_poly.pdbx_seq_one_letter_code_can   
;MGSHHHHHHMAAPRRTVVLAIDLQAGVTPGCFDEEGVLSRAAALVERARAGGVPVVWVHHDPVGVGTPEWELAAPLHRAE
GEPLVRKNYRDSFADTTLRETLDELGATHLVITGAQSDFAVRTTMQRAAAEGYDVTLVSDAHTTVDTEWEGVRISGEQIV
AHTNMYFSGLRYPGQEFVIATHDHVAL
;
_entity_poly.pdbx_strand_id                 A 
_entity_poly.pdbx_target_identifier         ? 
# 
loop_
_pdbx_entity_nonpoly.entity_id 
_pdbx_entity_nonpoly.name 
_pdbx_entity_nonpoly.comp_id 
2 '(1~{S},4~{R})-3-azabicyclo[2.2.1]hept-5-en-2-one' 66Z 
3 water                                              HOH 
# 
loop_
_entity_poly_seq.entity_id 
_entity_poly_seq.num 
_entity_poly_seq.mon_id 
_entity_poly_seq.hetero 
1 1   MET n 
1 2   GLY n 
1 3   SER n 
1 4   HIS n 
1 5   HIS n 
1 6   HIS n 
1 7   HIS n 
1 8   HIS n 
1 9   HIS n 
1 10  MET n 
1 11  ALA n 
1 12  ALA n 
1 13  PRO n 
1 14  ARG n 
1 15  ARG n 
1 16  THR n 
1 17  VAL n 
1 18  VAL n 
1 19  LEU n 
1 20  ALA n 
1 21  ILE n 
1 22  ASP n 
1 23  LEU n 
1 24  GLN n 
1 25  ALA n 
1 26  GLY n 
1 27  VAL n 
1 28  THR n 
1 29  PRO n 
1 30  GLY n 
1 31  CYS n 
1 32  PHE n 
1 33  ASP n 
1 34  GLU n 
1 35  GLU n 
1 36  GLY n 
1 37  VAL n 
1 38  LEU n 
1 39  SER n 
1 40  ARG n 
1 41  ALA n 
1 42  ALA n 
1 43  ALA n 
1 44  LEU n 
1 45  VAL n 
1 46  GLU n 
1 47  ARG n 
1 48  ALA n 
1 49  ARG n 
1 50  ALA n 
1 51  GLY n 
1 52  GLY n 
1 53  VAL n 
1 54  PRO n 
1 55  VAL n 
1 56  VAL n 
1 57  TRP n 
1 58  VAL n 
1 59  HIS n 
1 60  HIS n 
1 61  ASP n 
1 62  PRO n 
1 63  VAL n 
1 64  GLY n 
1 65  VAL n 
1 66  GLY n 
1 67  THR n 
1 68  PRO n 
1 69  GLU n 
1 70  TRP n 
1 71  GLU n 
1 72  LEU n 
1 73  ALA n 
1 74  ALA n 
1 75  PRO n 
1 76  LEU n 
1 77  HIS n 
1 78  ARG n 
1 79  ALA n 
1 80  GLU n 
1 81  GLY n 
1 82  GLU n 
1 83  PRO n 
1 84  LEU n 
1 85  VAL n 
1 86  ARG n 
1 87  LYS n 
1 88  ASN n 
1 89  TYR n 
1 90  ARG n 
1 91  ASP n 
1 92  SER n 
1 93  PHE n 
1 94  ALA n 
1 95  ASP n 
1 96  THR n 
1 97  THR n 
1 98  LEU n 
1 99  ARG n 
1 100 GLU n 
1 101 THR n 
1 102 LEU n 
1 103 ASP n 
1 104 GLU n 
1 105 LEU n 
1 106 GLY n 
1 107 ALA n 
1 108 THR n 
1 109 HIS n 
1 110 LEU n 
1 111 VAL n 
1 112 ILE n 
1 113 THR n 
1 114 GLY n 
1 115 ALA n 
1 116 GLN n 
1 117 SER n 
1 118 ASP n 
1 119 PHE n 
1 120 ALA n 
1 121 VAL n 
1 122 ARG n 
1 123 THR n 
1 124 THR n 
1 125 MET n 
1 126 GLN n 
1 127 ARG n 
1 128 ALA n 
1 129 ALA n 
1 130 ALA n 
1 131 GLU n 
1 132 GLY n 
1 133 TYR n 
1 134 ASP n 
1 135 VAL n 
1 136 THR n 
1 137 LEU n 
1 138 VAL n 
1 139 SER n 
1 140 ASP n 
1 141 ALA n 
1 142 HIS n 
1 143 THR n 
1 144 THR n 
1 145 VAL n 
1 146 ASP n 
1 147 THR n 
1 148 GLU n 
1 149 TRP n 
1 150 GLU n 
1 151 GLY n 
1 152 VAL n 
1 153 ARG n 
1 154 ILE n 
1 155 SER n 
1 156 GLY n 
1 157 GLU n 
1 158 GLN n 
1 159 ILE n 
1 160 VAL n 
1 161 ALA n 
1 162 HIS n 
1 163 THR n 
1 164 ASN n 
1 165 MET n 
1 166 TYR n 
1 167 PHE n 
1 168 SER n 
1 169 GLY n 
1 170 LEU n 
1 171 ARG n 
1 172 TYR n 
1 173 PRO n 
1 174 GLY n 
1 175 GLN n 
1 176 GLU n 
1 177 PHE n 
1 178 VAL n 
1 179 ILE n 
1 180 ALA n 
1 181 THR n 
1 182 HIS n 
1 183 ASP n 
1 184 HIS n 
1 185 VAL n 
1 186 ALA n 
1 187 LEU n 
# 
_entity_src_gen.entity_id                          1 
_entity_src_gen.pdbx_src_id                        1 
_entity_src_gen.pdbx_alt_source_flag               sample 
_entity_src_gen.pdbx_seq_type                      'Biological sequence' 
_entity_src_gen.pdbx_beg_seq_num                   1 
_entity_src_gen.pdbx_end_seq_num                   187 
_entity_src_gen.gene_src_common_name               ? 
_entity_src_gen.gene_src_genus                     ? 
_entity_src_gen.pdbx_gene_src_gene                 ? 
_entity_src_gen.gene_src_species                   ? 
_entity_src_gen.gene_src_strain                    ? 
_entity_src_gen.gene_src_tissue                    ? 
_entity_src_gen.gene_src_tissue_fraction           ? 
_entity_src_gen.gene_src_details                   ? 
_entity_src_gen.pdbx_gene_src_fragment             ? 
_entity_src_gen.pdbx_gene_src_scientific_name      'Microbacterium hydrocarbonoxydans' 
_entity_src_gen.pdbx_gene_src_ncbi_taxonomy_id     273678 
_entity_src_gen.pdbx_gene_src_variant              ? 
_entity_src_gen.pdbx_gene_src_cell_line            ? 
_entity_src_gen.pdbx_gene_src_atcc                 ? 
_entity_src_gen.pdbx_gene_src_organ                ? 
_entity_src_gen.pdbx_gene_src_organelle            ? 
_entity_src_gen.pdbx_gene_src_cell                 ? 
_entity_src_gen.pdbx_gene_src_cellular_location    ? 
_entity_src_gen.host_org_common_name               ? 
_entity_src_gen.pdbx_host_org_scientific_name      'Escherichia coli' 
_entity_src_gen.pdbx_host_org_ncbi_taxonomy_id     562 
_entity_src_gen.host_org_genus                     ? 
_entity_src_gen.pdbx_host_org_gene                 ? 
_entity_src_gen.pdbx_host_org_organ                ? 
_entity_src_gen.host_org_species                   ? 
_entity_src_gen.pdbx_host_org_tissue               ? 
_entity_src_gen.pdbx_host_org_tissue_fraction      ? 
_entity_src_gen.pdbx_host_org_strain               ? 
_entity_src_gen.pdbx_host_org_variant              ? 
_entity_src_gen.pdbx_host_org_cell_line            ? 
_entity_src_gen.pdbx_host_org_atcc                 ? 
_entity_src_gen.pdbx_host_org_culture_collection   ? 
_entity_src_gen.pdbx_host_org_cell                 ? 
_entity_src_gen.pdbx_host_org_organelle            ? 
_entity_src_gen.pdbx_host_org_cellular_location    ? 
_entity_src_gen.pdbx_host_org_vector_type          plasmid 
_entity_src_gen.pdbx_host_org_vector               ? 
_entity_src_gen.host_org_details                   ? 
_entity_src_gen.expression_system_id               ? 
_entity_src_gen.plasmid_name                       ? 
_entity_src_gen.plasmid_details                    ? 
_entity_src_gen.pdbx_description                   ? 
# 
loop_
_chem_comp.id 
_chem_comp.type 
_chem_comp.mon_nstd_flag 
_chem_comp.name 
_chem_comp.pdbx_synonyms 
_chem_comp.formula 
_chem_comp.formula_weight 
66Z non-polymer         . '(1~{S},4~{R})-3-azabicyclo[2.2.1]hept-5-en-2-one' ? 'C6 H7 N O'      109.126 
ALA 'L-peptide linking' y ALANINE                                            ? 'C3 H7 N O2'     89.093  
ARG 'L-peptide linking' y ARGININE                                           ? 'C6 H15 N4 O2 1' 175.209 
ASN 'L-peptide linking' y ASPARAGINE                                         ? 'C4 H8 N2 O3'    132.118 
ASP 'L-peptide linking' y 'ASPARTIC ACID'                                    ? 'C4 H7 N O4'     133.103 
CYS 'L-peptide linking' y CYSTEINE                                           ? 'C3 H7 N O2 S'   121.158 
GLN 'L-peptide linking' y GLUTAMINE                                          ? 'C5 H10 N2 O3'   146.144 
GLU 'L-peptide linking' y 'GLUTAMIC ACID'                                    ? 'C5 H9 N O4'     147.129 
GLY 'peptide linking'   y GLYCINE                                            ? 'C2 H5 N O2'     75.067  
HIS 'L-peptide linking' y HISTIDINE                                          ? 'C6 H10 N3 O2 1' 156.162 
HOH non-polymer         . WATER                                              ? 'H2 O'           18.015  
ILE 'L-peptide linking' y ISOLEUCINE                                         ? 'C6 H13 N O2'    131.173 
LEU 'L-peptide linking' y LEUCINE                                            ? 'C6 H13 N O2'    131.173 
LYS 'L-peptide linking' y LYSINE                                             ? 'C6 H15 N2 O2 1' 147.195 
MET 'L-peptide linking' y METHIONINE                                         ? 'C5 H11 N O2 S'  149.211 
PHE 'L-peptide linking' y PHENYLALANINE                                      ? 'C9 H11 N O2'    165.189 
PRO 'L-peptide linking' y PROLINE                                            ? 'C5 H9 N O2'     115.130 
SER 'L-peptide linking' y SERINE                                             ? 'C3 H7 N O3'     105.093 
THR 'L-peptide linking' y THREONINE                                          ? 'C4 H9 N O3'     119.119 
TRP 'L-peptide linking' y TRYPTOPHAN                                         ? 'C11 H12 N2 O2'  204.225 
TYR 'L-peptide linking' y TYROSINE                                           ? 'C9 H11 N O3'    181.189 
VAL 'L-peptide linking' y VALINE                                             ? 'C5 H11 N O2'    117.146 
# 
loop_
_pdbx_poly_seq_scheme.asym_id 
_pdbx_poly_seq_scheme.entity_id 
_pdbx_poly_seq_scheme.seq_id 
_pdbx_poly_seq_scheme.mon_id 
_pdbx_poly_seq_scheme.ndb_seq_num 
_pdbx_poly_seq_scheme.pdb_seq_num 
_pdbx_poly_seq_scheme.auth_seq_num 
_pdbx_poly_seq_scheme.pdb_mon_id 
_pdbx_poly_seq_scheme.auth_mon_id 
_pdbx_poly_seq_scheme.pdb_strand_id 
_pdbx_poly_seq_scheme.pdb_ins_code 
_pdbx_poly_seq_scheme.hetero 
A 1 1   MET 1   -8  ?   ?   ?   A . n 
A 1 2   GLY 2   -7  ?   ?   ?   A . n 
A 1 3   SER 3   -6  ?   ?   ?   A . n 
A 1 4   HIS 4   -5  ?   ?   ?   A . n 
A 1 5   HIS 5   -4  ?   ?   ?   A . n 
A 1 6   HIS 6   -3  ?   ?   ?   A . n 
A 1 7   HIS 7   -2  ?   ?   ?   A . n 
A 1 8   HIS 8   -1  ?   ?   ?   A . n 
A 1 9   HIS 9   0   ?   ?   ?   A . n 
A 1 10  MET 10  1   ?   ?   ?   A . n 
A 1 11  ALA 11  2   ?   ?   ?   A . n 
A 1 12  ALA 12  3   ?   ?   ?   A . n 
A 1 13  PRO 13  4   4   PRO PRO A . n 
A 1 14  ARG 14  5   5   ARG ARG A . n 
A 1 15  ARG 15  6   6   ARG ARG A . n 
A 1 16  THR 16  7   7   THR THR A . n 
A 1 17  VAL 17  8   8   VAL VAL A . n 
A 1 18  VAL 18  9   9   VAL VAL A . n 
A 1 19  LEU 19  10  10  LEU LEU A . n 
A 1 20  ALA 20  11  11  ALA ALA A . n 
A 1 21  ILE 21  12  12  ILE ILE A . n 
A 1 22  ASP 22  13  13  ASP ASP A . n 
A 1 23  LEU 23  14  14  LEU LEU A . n 
A 1 24  GLN 24  15  15  GLN GLN A . n 
A 1 25  ALA 25  16  16  ALA ALA A . n 
A 1 26  GLY 26  17  17  GLY GLY A . n 
A 1 27  VAL 27  18  18  VAL VAL A . n 
A 1 28  THR 28  19  19  THR THR A . n 
A 1 29  PRO 29  20  20  PRO PRO A . n 
A 1 30  GLY 30  21  21  GLY GLY A . n 
A 1 31  CYS 31  22  22  CYS CYS A . n 
A 1 32  PHE 32  23  23  PHE PHE A . n 
A 1 33  ASP 33  24  24  ASP ASP A . n 
A 1 34  GLU 34  25  25  GLU GLU A . n 
A 1 35  GLU 35  26  26  GLU GLU A . n 
A 1 36  GLY 36  27  27  GLY GLY A . n 
A 1 37  VAL 37  28  28  VAL VAL A . n 
A 1 38  LEU 38  29  29  LEU LEU A . n 
A 1 39  SER 39  30  30  SER SER A . n 
A 1 40  ARG 40  31  31  ARG ARG A . n 
A 1 41  ALA 41  32  32  ALA ALA A . n 
A 1 42  ALA 42  33  33  ALA ALA A . n 
A 1 43  ALA 43  34  34  ALA ALA A . n 
A 1 44  LEU 44  35  35  LEU LEU A . n 
A 1 45  VAL 45  36  36  VAL VAL A . n 
A 1 46  GLU 46  37  37  GLU GLU A . n 
A 1 47  ARG 47  38  38  ARG ARG A . n 
A 1 48  ALA 48  39  39  ALA ALA A . n 
A 1 49  ARG 49  40  40  ARG ARG A . n 
A 1 50  ALA 50  41  41  ALA ALA A . n 
A 1 51  GLY 51  42  42  GLY GLY A . n 
A 1 52  GLY 52  43  43  GLY GLY A . n 
A 1 53  VAL 53  44  44  VAL VAL A . n 
A 1 54  PRO 54  45  45  PRO PRO A . n 
A 1 55  VAL 55  46  46  VAL VAL A . n 
A 1 56  VAL 56  47  47  VAL VAL A . n 
A 1 57  TRP 57  48  48  TRP TRP A . n 
A 1 58  VAL 58  49  49  VAL VAL A . n 
A 1 59  HIS 59  50  50  HIS HIS A . n 
A 1 60  HIS 60  51  51  HIS HIS A . n 
A 1 61  ASP 61  52  52  ASP ASP A . n 
A 1 62  PRO 62  53  53  PRO PRO A . n 
A 1 63  VAL 63  54  54  VAL VAL A . n 
A 1 64  GLY 64  55  55  GLY GLY A . n 
A 1 65  VAL 65  56  56  VAL VAL A . n 
A 1 66  GLY 66  57  57  GLY GLY A . n 
A 1 67  THR 67  58  58  THR THR A . n 
A 1 68  PRO 68  59  59  PRO PRO A . n 
A 1 69  GLU 69  60  60  GLU GLU A . n 
A 1 70  TRP 70  61  61  TRP TRP A . n 
A 1 71  GLU 71  62  62  GLU GLU A . n 
A 1 72  LEU 72  63  63  LEU LEU A . n 
A 1 73  ALA 73  64  64  ALA ALA A . n 
A 1 74  ALA 74  65  65  ALA ALA A . n 
A 1 75  PRO 75  66  66  PRO PRO A . n 
A 1 76  LEU 76  67  67  LEU LEU A . n 
A 1 77  HIS 77  68  68  HIS HIS A . n 
A 1 78  ARG 78  69  69  ARG ARG A . n 
A 1 79  ALA 79  70  70  ALA ALA A . n 
A 1 80  GLU 80  71  71  GLU GLU A . n 
A 1 81  GLY 81  72  72  GLY GLY A . n 
A 1 82  GLU 82  73  73  GLU GLU A . n 
A 1 83  PRO 83  74  74  PRO PRO A . n 
A 1 84  LEU 84  75  75  LEU LEU A . n 
A 1 85  VAL 85  76  76  VAL VAL A . n 
A 1 86  ARG 86  77  77  ARG ARG A . n 
A 1 87  LYS 87  78  78  LYS LYS A . n 
A 1 88  ASN 88  79  79  ASN ASN A . n 
A 1 89  TYR 89  80  80  TYR TYR A . n 
A 1 90  ARG 90  81  81  ARG ARG A . n 
A 1 91  ASP 91  82  82  ASP ASP A . n 
A 1 92  SER 92  83  83  SER SER A . n 
A 1 93  PHE 93  84  84  PHE PHE A . n 
A 1 94  ALA 94  85  85  ALA ALA A . n 
A 1 95  ASP 95  86  86  ASP ASP A . n 
A 1 96  THR 96  87  87  THR THR A . n 
A 1 97  THR 97  88  88  THR THR A . n 
A 1 98  LEU 98  89  89  LEU LEU A . n 
A 1 99  ARG 99  90  90  ARG ARG A . n 
A 1 100 GLU 100 91  91  GLU GLU A . n 
A 1 101 THR 101 92  92  THR THR A . n 
A 1 102 LEU 102 93  93  LEU LEU A . n 
A 1 103 ASP 103 94  94  ASP ASP A . n 
A 1 104 GLU 104 95  95  GLU GLU A . n 
A 1 105 LEU 105 96  96  LEU LEU A . n 
A 1 106 GLY 106 97  97  GLY GLY A . n 
A 1 107 ALA 107 98  98  ALA ALA A . n 
A 1 108 THR 108 99  99  THR THR A . n 
A 1 109 HIS 109 100 100 HIS HIS A . n 
A 1 110 LEU 110 101 101 LEU LEU A . n 
A 1 111 VAL 111 102 102 VAL VAL A . n 
A 1 112 ILE 112 103 103 ILE ILE A . n 
A 1 113 THR 113 104 104 THR THR A . n 
A 1 114 GLY 114 105 105 GLY GLY A . n 
A 1 115 ALA 115 106 106 ALA ALA A . n 
A 1 116 GLN 116 107 107 GLN GLN A . n 
A 1 117 SER 117 108 108 SER SER A . n 
A 1 118 ASP 118 109 109 ASP ASP A . n 
A 1 119 PHE 119 110 110 PHE PHE A . n 
A 1 120 ALA 120 111 111 ALA ALA A . n 
A 1 121 VAL 121 112 112 VAL VAL A . n 
A 1 122 ARG 122 113 113 ARG ARG A . n 
A 1 123 THR 123 114 114 THR THR A . n 
A 1 124 THR 124 115 115 THR THR A . n 
A 1 125 MET 125 116 116 MET MET A . n 
A 1 126 GLN 126 117 117 GLN GLN A . n 
A 1 127 ARG 127 118 118 ARG ARG A . n 
A 1 128 ALA 128 119 119 ALA ALA A . n 
A 1 129 ALA 129 120 120 ALA ALA A . n 
A 1 130 ALA 130 121 121 ALA ALA A . n 
A 1 131 GLU 131 122 122 GLU GLU A . n 
A 1 132 GLY 132 123 123 GLY GLY A . n 
A 1 133 TYR 133 124 124 TYR TYR A . n 
A 1 134 ASP 134 125 125 ASP ASP A . n 
A 1 135 VAL 135 126 126 VAL VAL A . n 
A 1 136 THR 136 127 127 THR THR A . n 
A 1 137 LEU 137 128 128 LEU LEU A . n 
A 1 138 VAL 138 129 129 VAL VAL A . n 
A 1 139 SER 139 130 130 SER SER A . n 
A 1 140 ASP 140 131 131 ASP ASP A . n 
A 1 141 ALA 141 132 132 ALA ALA A . n 
A 1 142 HIS 142 133 133 HIS HIS A . n 
A 1 143 THR 143 134 134 THR THR A . n 
A 1 144 THR 144 135 135 THR THR A . n 
A 1 145 VAL 145 136 136 VAL VAL A . n 
A 1 146 ASP 146 137 137 ASP ASP A . n 
A 1 147 THR 147 138 138 THR THR A . n 
A 1 148 GLU 148 139 139 GLU GLU A . n 
A 1 149 TRP 149 140 140 TRP TRP A . n 
A 1 150 GLU 150 141 141 GLU GLU A . n 
A 1 151 GLY 151 142 142 GLY GLY A . n 
A 1 152 VAL 152 143 143 VAL VAL A . n 
A 1 153 ARG 153 144 144 ARG ARG A . n 
A 1 154 ILE 154 145 145 ILE ILE A . n 
A 1 155 SER 155 146 146 SER SER A . n 
A 1 156 GLY 156 147 147 GLY GLY A . n 
A 1 157 GLU 157 148 148 GLU GLU A . n 
A 1 158 GLN 158 149 149 GLN GLN A . n 
A 1 159 ILE 159 150 150 ILE ILE A . n 
A 1 160 VAL 160 151 151 VAL VAL A . n 
A 1 161 ALA 161 152 152 ALA ALA A . n 
A 1 162 HIS 162 153 153 HIS HIS A . n 
A 1 163 THR 163 154 154 THR THR A . n 
A 1 164 ASN 164 155 155 ASN ASN A . n 
A 1 165 MET 165 156 156 MET MET A . n 
A 1 166 TYR 166 157 157 TYR TYR A . n 
A 1 167 PHE 167 158 158 PHE PHE A . n 
A 1 168 SER 168 159 159 SER SER A . n 
A 1 169 GLY 169 160 160 GLY GLY A . n 
A 1 170 LEU 170 161 161 LEU LEU A . n 
A 1 171 ARG 171 162 162 ARG ARG A . n 
A 1 172 TYR 172 163 163 TYR TYR A . n 
A 1 173 PRO 173 164 164 PRO PRO A . n 
A 1 174 GLY 174 165 165 GLY GLY A . n 
A 1 175 GLN 175 166 166 GLN GLN A . n 
A 1 176 GLU 176 167 167 GLU GLU A . n 
A 1 177 PHE 177 168 168 PHE PHE A . n 
A 1 178 VAL 178 169 169 VAL VAL A . n 
A 1 179 ILE 179 170 170 ILE ILE A . n 
A 1 180 ALA 180 171 171 ALA ALA A . n 
A 1 181 THR 181 172 172 THR THR A . n 
A 1 182 HIS 182 173 173 HIS HIS A . n 
A 1 183 ASP 183 174 174 ASP ASP A . n 
A 1 184 HIS 184 175 175 HIS HIS A . n 
A 1 185 VAL 185 176 176 VAL VAL A . n 
A 1 186 ALA 186 177 177 ALA ALA A . n 
A 1 187 LEU 187 178 178 LEU LEU A . n 
# 
loop_
_pdbx_nonpoly_scheme.asym_id 
_pdbx_nonpoly_scheme.entity_id 
_pdbx_nonpoly_scheme.mon_id 
_pdbx_nonpoly_scheme.ndb_seq_num 
_pdbx_nonpoly_scheme.pdb_seq_num 
_pdbx_nonpoly_scheme.auth_seq_num 
_pdbx_nonpoly_scheme.pdb_mon_id 
_pdbx_nonpoly_scheme.auth_mon_id 
_pdbx_nonpoly_scheme.pdb_strand_id 
_pdbx_nonpoly_scheme.pdb_ins_code 
B 2 66Z 1   201 201 66Z 66Z A . 
C 3 HOH 1   301 301 HOH HOH A . 
C 3 HOH 2   302 302 HOH HOH A . 
C 3 HOH 3   303 303 HOH HOH A . 
C 3 HOH 4   304 304 HOH HOH A . 
C 3 HOH 5   305 305 HOH HOH A . 
C 3 HOH 6   306 306 HOH HOH A . 
C 3 HOH 7   307 307 HOH HOH A . 
C 3 HOH 8   308 308 HOH HOH A . 
C 3 HOH 9   309 309 HOH HOH A . 
C 3 HOH 10  310 310 HOH HOH A . 
C 3 HOH 11  311 311 HOH HOH A . 
C 3 HOH 12  312 312 HOH HOH A . 
C 3 HOH 13  313 313 HOH HOH A . 
C 3 HOH 14  314 314 HOH HOH A . 
C 3 HOH 15  315 315 HOH HOH A . 
C 3 HOH 16  316 316 HOH HOH A . 
C 3 HOH 17  317 317 HOH HOH A . 
C 3 HOH 18  318 318 HOH HOH A . 
C 3 HOH 19  319 319 HOH HOH A . 
C 3 HOH 20  320 320 HOH HOH A . 
C 3 HOH 21  321 321 HOH HOH A . 
C 3 HOH 22  322 322 HOH HOH A . 
C 3 HOH 23  323 323 HOH HOH A . 
C 3 HOH 24  324 324 HOH HOH A . 
C 3 HOH 25  325 325 HOH HOH A . 
C 3 HOH 26  326 326 HOH HOH A . 
C 3 HOH 27  327 327 HOH HOH A . 
C 3 HOH 28  328 328 HOH HOH A . 
C 3 HOH 29  329 329 HOH HOH A . 
C 3 HOH 30  330 330 HOH HOH A . 
C 3 HOH 31  331 331 HOH HOH A . 
C 3 HOH 32  332 332 HOH HOH A . 
C 3 HOH 33  333 333 HOH HOH A . 
C 3 HOH 34  334 334 HOH HOH A . 
C 3 HOH 35  335 335 HOH HOH A . 
C 3 HOH 36  336 336 HOH HOH A . 
C 3 HOH 37  337 337 HOH HOH A . 
C 3 HOH 38  338 338 HOH HOH A . 
C 3 HOH 39  339 339 HOH HOH A . 
C 3 HOH 40  340 340 HOH HOH A . 
C 3 HOH 41  341 341 HOH HOH A . 
C 3 HOH 42  342 342 HOH HOH A . 
C 3 HOH 43  343 343 HOH HOH A . 
C 3 HOH 44  344 344 HOH HOH A . 
C 3 HOH 45  345 345 HOH HOH A . 
C 3 HOH 46  346 346 HOH HOH A . 
C 3 HOH 47  347 347 HOH HOH A . 
C 3 HOH 48  348 348 HOH HOH A . 
C 3 HOH 49  349 349 HOH HOH A . 
C 3 HOH 50  350 350 HOH HOH A . 
C 3 HOH 51  351 351 HOH HOH A . 
C 3 HOH 52  352 352 HOH HOH A . 
C 3 HOH 53  353 353 HOH HOH A . 
C 3 HOH 54  354 354 HOH HOH A . 
C 3 HOH 55  355 355 HOH HOH A . 
C 3 HOH 56  356 356 HOH HOH A . 
C 3 HOH 57  357 357 HOH HOH A . 
C 3 HOH 58  358 358 HOH HOH A . 
C 3 HOH 59  359 359 HOH HOH A . 
C 3 HOH 60  360 360 HOH HOH A . 
C 3 HOH 61  361 361 HOH HOH A . 
C 3 HOH 62  362 362 HOH HOH A . 
C 3 HOH 63  363 363 HOH HOH A . 
C 3 HOH 64  364 364 HOH HOH A . 
C 3 HOH 65  365 365 HOH HOH A . 
C 3 HOH 66  366 366 HOH HOH A . 
C 3 HOH 67  367 367 HOH HOH A . 
C 3 HOH 68  368 368 HOH HOH A . 
C 3 HOH 69  369 369 HOH HOH A . 
C 3 HOH 70  370 370 HOH HOH A . 
C 3 HOH 71  371 371 HOH HOH A . 
C 3 HOH 72  372 372 HOH HOH A . 
C 3 HOH 73  373 373 HOH HOH A . 
C 3 HOH 74  374 374 HOH HOH A . 
C 3 HOH 75  375 375 HOH HOH A . 
C 3 HOH 76  376 376 HOH HOH A . 
C 3 HOH 77  377 377 HOH HOH A . 
C 3 HOH 78  378 378 HOH HOH A . 
C 3 HOH 79  379 379 HOH HOH A . 
C 3 HOH 80  380 380 HOH HOH A . 
C 3 HOH 81  381 381 HOH HOH A . 
C 3 HOH 82  382 382 HOH HOH A . 
C 3 HOH 83  383 383 HOH HOH A . 
C 3 HOH 84  384 384 HOH HOH A . 
C 3 HOH 85  385 385 HOH HOH A . 
C 3 HOH 86  386 386 HOH HOH A . 
C 3 HOH 87  387 387 HOH HOH A . 
C 3 HOH 88  388 388 HOH HOH A . 
C 3 HOH 89  389 389 HOH HOH A . 
C 3 HOH 90  390 390 HOH HOH A . 
C 3 HOH 91  391 391 HOH HOH A . 
C 3 HOH 92  392 392 HOH HOH A . 
C 3 HOH 93  393 393 HOH HOH A . 
C 3 HOH 94  394 394 HOH HOH A . 
C 3 HOH 95  395 395 HOH HOH A . 
C 3 HOH 96  396 396 HOH HOH A . 
C 3 HOH 97  397 397 HOH HOH A . 
C 3 HOH 98  398 398 HOH HOH A . 
C 3 HOH 99  399 399 HOH HOH A . 
C 3 HOH 100 400 400 HOH HOH A . 
C 3 HOH 101 401 401 HOH HOH A . 
C 3 HOH 102 402 402 HOH HOH A . 
C 3 HOH 103 403 403 HOH HOH A . 
C 3 HOH 104 404 404 HOH HOH A . 
C 3 HOH 105 405 405 HOH HOH A . 
C 3 HOH 106 406 406 HOH HOH A . 
C 3 HOH 107 407 407 HOH HOH A . 
C 3 HOH 108 408 408 HOH HOH A . 
C 3 HOH 109 409 409 HOH HOH A . 
C 3 HOH 110 410 410 HOH HOH A . 
C 3 HOH 111 411 411 HOH HOH A . 
C 3 HOH 112 412 412 HOH HOH A . 
C 3 HOH 113 413 413 HOH HOH A . 
C 3 HOH 114 414 414 HOH HOH A . 
C 3 HOH 115 415 415 HOH HOH A . 
C 3 HOH 116 416 416 HOH HOH A . 
C 3 HOH 117 417 417 HOH HOH A . 
C 3 HOH 118 418 418 HOH HOH A . 
C 3 HOH 119 419 419 HOH HOH A . 
C 3 HOH 120 420 420 HOH HOH A . 
C 3 HOH 121 421 421 HOH HOH A . 
C 3 HOH 122 422 422 HOH HOH A . 
C 3 HOH 123 423 423 HOH HOH A . 
C 3 HOH 124 424 424 HOH HOH A . 
C 3 HOH 125 425 425 HOH HOH A . 
C 3 HOH 126 426 426 HOH HOH A . 
C 3 HOH 127 427 427 HOH HOH A . 
C 3 HOH 128 428 428 HOH HOH A . 
C 3 HOH 129 429 429 HOH HOH A . 
C 3 HOH 130 430 430 HOH HOH A . 
C 3 HOH 131 431 431 HOH HOH A . 
C 3 HOH 132 432 432 HOH HOH A . 
C 3 HOH 133 433 433 HOH HOH A . 
C 3 HOH 134 434 434 HOH HOH A . 
C 3 HOH 135 435 435 HOH HOH A . 
C 3 HOH 136 436 436 HOH HOH A . 
C 3 HOH 137 437 437 HOH HOH A . 
C 3 HOH 138 438 438 HOH HOH A . 
C 3 HOH 139 439 439 HOH HOH A . 
C 3 HOH 140 440 440 HOH HOH A . 
C 3 HOH 141 441 441 HOH HOH A . 
C 3 HOH 142 442 442 HOH HOH A . 
C 3 HOH 143 443 443 HOH HOH A . 
C 3 HOH 144 444 444 HOH HOH A . 
C 3 HOH 145 445 445 HOH HOH A . 
C 3 HOH 146 446 446 HOH HOH A . 
C 3 HOH 147 447 447 HOH HOH A . 
C 3 HOH 148 448 448 HOH HOH A . 
C 3 HOH 149 449 449 HOH HOH A . 
C 3 HOH 150 450 450 HOH HOH A . 
C 3 HOH 151 451 451 HOH HOH A . 
C 3 HOH 152 452 452 HOH HOH A . 
C 3 HOH 153 453 453 HOH HOH A . 
C 3 HOH 154 454 454 HOH HOH A . 
C 3 HOH 155 455 455 HOH HOH A . 
C 3 HOH 156 456 456 HOH HOH A . 
C 3 HOH 157 457 457 HOH HOH A . 
C 3 HOH 158 458 458 HOH HOH A . 
C 3 HOH 159 459 459 HOH HOH A . 
C 3 HOH 160 460 460 HOH HOH A . 
C 3 HOH 161 461 461 HOH HOH A . 
C 3 HOH 162 462 462 HOH HOH A . 
C 3 HOH 163 463 463 HOH HOH A . 
C 3 HOH 164 464 464 HOH HOH A . 
C 3 HOH 165 465 465 HOH HOH A . 
C 3 HOH 166 466 466 HOH HOH A . 
C 3 HOH 167 467 467 HOH HOH A . 
C 3 HOH 168 468 468 HOH HOH A . 
C 3 HOH 169 469 469 HOH HOH A . 
C 3 HOH 170 470 470 HOH HOH A . 
C 3 HOH 171 471 471 HOH HOH A . 
C 3 HOH 172 472 472 HOH HOH A . 
C 3 HOH 173 473 473 HOH HOH A . 
C 3 HOH 174 474 474 HOH HOH A . 
C 3 HOH 175 475 475 HOH HOH A . 
C 3 HOH 176 476 476 HOH HOH A . 
C 3 HOH 177 477 477 HOH HOH A . 
C 3 HOH 178 478 478 HOH HOH A . 
C 3 HOH 179 479 479 HOH HOH A . 
C 3 HOH 180 480 480 HOH HOH A . 
C 3 HOH 181 481 481 HOH HOH A . 
C 3 HOH 182 482 482 HOH HOH A . 
C 3 HOH 183 483 483 HOH HOH A . 
C 3 HOH 184 484 484 HOH HOH A . 
C 3 HOH 185 485 485 HOH HOH A . 
C 3 HOH 186 486 486 HOH HOH A . 
C 3 HOH 187 487 487 HOH HOH A . 
C 3 HOH 188 488 488 HOH HOH A . 
C 3 HOH 189 489 489 HOH HOH A . 
C 3 HOH 190 490 490 HOH HOH A . 
C 3 HOH 191 491 491 HOH HOH A . 
C 3 HOH 192 492 492 HOH HOH A . 
C 3 HOH 193 493 493 HOH HOH A . 
C 3 HOH 194 494 494 HOH HOH A . 
C 3 HOH 195 495 495 HOH HOH A . 
C 3 HOH 196 496 496 HOH HOH A . 
C 3 HOH 197 497 497 HOH HOH A . 
C 3 HOH 198 498 498 HOH HOH A . 
C 3 HOH 199 499 499 HOH HOH A . 
C 3 HOH 200 500 500 HOH HOH A . 
C 3 HOH 201 501 501 HOH HOH A . 
C 3 HOH 202 502 502 HOH HOH A . 
C 3 HOH 203 503 503 HOH HOH A . 
C 3 HOH 204 504 504 HOH HOH A . 
C 3 HOH 205 505 505 HOH HOH A . 
C 3 HOH 206 506 506 HOH HOH A . 
C 3 HOH 207 507 507 HOH HOH A . 
C 3 HOH 208 508 508 HOH HOH A . 
C 3 HOH 209 509 509 HOH HOH A . 
C 3 HOH 210 510 510 HOH HOH A . 
C 3 HOH 211 511 511 HOH HOH A . 
C 3 HOH 212 512 512 HOH HOH A . 
C 3 HOH 213 513 513 HOH HOH A . 
C 3 HOH 214 514 514 HOH HOH A . 
C 3 HOH 215 515 515 HOH HOH A . 
C 3 HOH 216 516 516 HOH HOH A . 
C 3 HOH 217 517 517 HOH HOH A . 
C 3 HOH 218 518 518 HOH HOH A . 
C 3 HOH 219 519 519 HOH HOH A . 
C 3 HOH 220 520 520 HOH HOH A . 
C 3 HOH 221 521 521 HOH HOH A . 
C 3 HOH 222 522 522 HOH HOH A . 
C 3 HOH 223 523 523 HOH HOH A . 
C 3 HOH 224 524 524 HOH HOH A . 
C 3 HOH 225 525 525 HOH HOH A . 
C 3 HOH 226 526 526 HOH HOH A . 
C 3 HOH 227 527 527 HOH HOH A . 
C 3 HOH 228 528 528 HOH HOH A . 
C 3 HOH 229 529 529 HOH HOH A . 
C 3 HOH 230 530 530 HOH HOH A . 
C 3 HOH 231 531 531 HOH HOH A . 
C 3 HOH 232 532 532 HOH HOH A . 
C 3 HOH 233 533 533 HOH HOH A . 
C 3 HOH 234 534 534 HOH HOH A . 
C 3 HOH 235 535 535 HOH HOH A . 
C 3 HOH 236 536 536 HOH HOH A . 
C 3 HOH 237 537 537 HOH HOH A . 
# 
loop_
_pdbx_unobs_or_zero_occ_atoms.id 
_pdbx_unobs_or_zero_occ_atoms.PDB_model_num 
_pdbx_unobs_or_zero_occ_atoms.polymer_flag 
_pdbx_unobs_or_zero_occ_atoms.occupancy_flag 
_pdbx_unobs_or_zero_occ_atoms.auth_asym_id 
_pdbx_unobs_or_zero_occ_atoms.auth_comp_id 
_pdbx_unobs_or_zero_occ_atoms.auth_seq_id 
_pdbx_unobs_or_zero_occ_atoms.PDB_ins_code 
_pdbx_unobs_or_zero_occ_atoms.auth_atom_id 
_pdbx_unobs_or_zero_occ_atoms.label_alt_id 
_pdbx_unobs_or_zero_occ_atoms.label_asym_id 
_pdbx_unobs_or_zero_occ_atoms.label_comp_id 
_pdbx_unobs_or_zero_occ_atoms.label_seq_id 
_pdbx_unobs_or_zero_occ_atoms.label_atom_id 
1 1 Y 1 A GLU 95 ? CG  ? A GLU 104 CG  
2 1 Y 1 A GLU 95 ? CD  ? A GLU 104 CD  
3 1 Y 1 A GLU 95 ? OE1 ? A GLU 104 OE1 
4 1 Y 1 A GLU 95 ? OE2 ? A GLU 104 OE2 
# 
loop_
_software.citation_id 
_software.classification 
_software.compiler_name 
_software.compiler_version 
_software.contact_author 
_software.contact_author_email 
_software.date 
_software.description 
_software.dependencies 
_software.hardware 
_software.language 
_software.location 
_software.mods 
_software.name 
_software.os 
_software.os_version 
_software.type 
_software.version 
_software.pdbx_ordinal 
? refinement       ? ? ? ? ? ? ? ? ? ? ? PHENIX    ? ? ? 1.9_1692 1 
? 'data reduction' ? ? ? ? ? ? ? ? ? ? ? HKL-2000  ? ? ? .        2 
? 'data scaling'   ? ? ? ? ? ? ? ? ? ? ? SCALEPACK ? ? ? .        3 
? phasing          ? ? ? ? ? ? ? ? ? ? ? PHASER    ? ? ? .        4 
# 
_cell.entry_id           5HWH 
_cell.length_a           69.427 
_cell.length_b           69.427 
_cell.length_c           87.159 
_cell.angle_alpha        90.00 
_cell.angle_beta         90.00 
_cell.angle_gamma        120.00 
_cell.Z_PDB              6 
_cell.pdbx_unique_axis   ? 
# 
_symmetry.entry_id                         5HWH 
_symmetry.space_group_name_H-M             'P 31 2 1' 
_symmetry.pdbx_full_space_group_name_H-M   ? 
_symmetry.cell_setting                     ? 
_symmetry.Int_Tables_number                152 
# 
_exptl.absorpt_coefficient_mu     ? 
_exptl.absorpt_correction_T_max   ? 
_exptl.absorpt_correction_T_min   ? 
_exptl.absorpt_correction_type    ? 
_exptl.absorpt_process_details    ? 
_exptl.entry_id                   5HWH 
_exptl.crystals_number            1 
_exptl.details                    ? 
_exptl.method                     'X-RAY DIFFRACTION' 
_exptl.method_details             ? 
# 
_exptl_crystal.colour                      ? 
_exptl_crystal.density_diffrn              ? 
_exptl_crystal.density_Matthews            2.96 
_exptl_crystal.density_method              ? 
_exptl_crystal.density_percent_sol         58.50 
_exptl_crystal.description                 ? 
_exptl_crystal.F_000                       ? 
_exptl_crystal.id                          1 
_exptl_crystal.preparation                 ? 
_exptl_crystal.size_max                    ? 
_exptl_crystal.size_mid                    ? 
_exptl_crystal.size_min                    ? 
_exptl_crystal.size_rad                    ? 
_exptl_crystal.colour_lustre               ? 
_exptl_crystal.colour_modifier             ? 
_exptl_crystal.colour_primary              ? 
_exptl_crystal.density_meas                ? 
_exptl_crystal.density_meas_esd            ? 
_exptl_crystal.density_meas_gt             ? 
_exptl_crystal.density_meas_lt             ? 
_exptl_crystal.density_meas_temp           ? 
_exptl_crystal.density_meas_temp_esd       ? 
_exptl_crystal.density_meas_temp_gt        ? 
_exptl_crystal.density_meas_temp_lt        ? 
_exptl_crystal.pdbx_crystal_image_url      ? 
_exptl_crystal.pdbx_crystal_image_format   ? 
_exptl_crystal.pdbx_mosaicity              ? 
_exptl_crystal.pdbx_mosaicity_esd          ? 
# 
_exptl_crystal_grow.apparatus       ? 
_exptl_crystal_grow.atmosphere      ? 
_exptl_crystal_grow.crystal_id      1 
_exptl_crystal_grow.details         ? 
_exptl_crystal_grow.method          'VAPOR DIFFUSION, HANGING DROP' 
_exptl_crystal_grow.method_ref      ? 
_exptl_crystal_grow.pH              ? 
_exptl_crystal_grow.pressure        ? 
_exptl_crystal_grow.pressure_esd    ? 
_exptl_crystal_grow.seeding         ? 
_exptl_crystal_grow.seeding_ref     ? 
_exptl_crystal_grow.temp            291 
_exptl_crystal_grow.temp_details    ? 
_exptl_crystal_grow.temp_esd        ? 
_exptl_crystal_grow.time            ? 
_exptl_crystal_grow.pdbx_details    'PEG 3350, sodium malonate' 
_exptl_crystal_grow.pdbx_pH_range   ? 
# 
_diffrn.ambient_environment    ? 
_diffrn.ambient_temp           100 
_diffrn.ambient_temp_details   ? 
_diffrn.ambient_temp_esd       ? 
_diffrn.crystal_id             1 
_diffrn.crystal_support        ? 
_diffrn.crystal_treatment      ? 
_diffrn.details                ? 
_diffrn.id                     1 
_diffrn.ambient_pressure       ? 
_diffrn.ambient_pressure_esd   ? 
_diffrn.ambient_pressure_gt    ? 
_diffrn.ambient_pressure_lt    ? 
_diffrn.ambient_temp_gt        ? 
_diffrn.ambient_temp_lt        ? 
# 
_diffrn_detector.details                      ? 
_diffrn_detector.detector                     CCD 
_diffrn_detector.diffrn_id                    1 
_diffrn_detector.type                         'ADSC QUANTUM 315r' 
_diffrn_detector.area_resol_mean              ? 
_diffrn_detector.dtime                        ? 
_diffrn_detector.pdbx_frames_total            ? 
_diffrn_detector.pdbx_collection_time_total   ? 
_diffrn_detector.pdbx_collection_date         2015-11-08 
# 
_diffrn_radiation.collimation                      ? 
_diffrn_radiation.diffrn_id                        1 
_diffrn_radiation.filter_edge                      ? 
_diffrn_radiation.inhomogeneity                    ? 
_diffrn_radiation.monochromator                    ? 
_diffrn_radiation.polarisn_norm                    ? 
_diffrn_radiation.polarisn_ratio                   ? 
_diffrn_radiation.probe                            ? 
_diffrn_radiation.type                             ? 
_diffrn_radiation.xray_symbol                      ? 
_diffrn_radiation.wavelength_id                    1 
_diffrn_radiation.pdbx_monochromatic_or_laue_m_l   M 
_diffrn_radiation.pdbx_wavelength_list             ? 
_diffrn_radiation.pdbx_wavelength                  ? 
_diffrn_radiation.pdbx_diffrn_protocol             'SINGLE WAVELENGTH' 
_diffrn_radiation.pdbx_analyzer                    ? 
_diffrn_radiation.pdbx_scattering_type             x-ray 
# 
_diffrn_radiation_wavelength.id           1 
_diffrn_radiation_wavelength.wavelength   0.979 
_diffrn_radiation_wavelength.wt           1.0 
# 
_diffrn_source.current                     ? 
_diffrn_source.details                     ? 
_diffrn_source.diffrn_id                   1 
_diffrn_source.power                       ? 
_diffrn_source.size                        ? 
_diffrn_source.source                      SYNCHROTRON 
_diffrn_source.target                      ? 
_diffrn_source.type                        'SSRF BEAMLINE BL17U' 
_diffrn_source.voltage                     ? 
_diffrn_source.take-off_angle              ? 
_diffrn_source.pdbx_wavelength_list        0.979 
_diffrn_source.pdbx_wavelength             ? 
_diffrn_source.pdbx_synchrotron_beamline   BL17U 
_diffrn_source.pdbx_synchrotron_site       SSRF 
# 
_reflns.B_iso_Wilson_estimate            ? 
_reflns.entry_id                         5HWH 
_reflns.data_reduction_details           ? 
_reflns.data_reduction_method            ? 
_reflns.d_resolution_high                1.79 
_reflns.d_resolution_low                 50 
_reflns.details                          ? 
_reflns.limit_h_max                      ? 
_reflns.limit_h_min                      ? 
_reflns.limit_k_max                      ? 
_reflns.limit_k_min                      ? 
_reflns.limit_l_max                      ? 
_reflns.limit_l_min                      ? 
_reflns.number_all                       ? 
_reflns.number_obs                       26655 
_reflns.observed_criterion               ? 
_reflns.observed_criterion_F_max         ? 
_reflns.observed_criterion_F_min         ? 
_reflns.observed_criterion_I_max         ? 
_reflns.observed_criterion_I_min         ? 
_reflns.observed_criterion_sigma_F       ? 
_reflns.observed_criterion_sigma_I       ? 
_reflns.percent_possible_obs             98.2 
_reflns.R_free_details                   ? 
_reflns.Rmerge_F_all                     ? 
_reflns.Rmerge_F_obs                     ? 
_reflns.Friedel_coverage                 ? 
_reflns.number_gt                        ? 
_reflns.threshold_expression             ? 
_reflns.pdbx_redundancy                  11.1 
_reflns.pdbx_Rmerge_I_obs                ? 
_reflns.pdbx_Rmerge_I_all                ? 
_reflns.pdbx_Rsym_value                  ? 
_reflns.pdbx_netI_over_av_sigmaI         ? 
_reflns.pdbx_netI_over_sigmaI            32.7 
_reflns.pdbx_res_netI_over_av_sigmaI_2   ? 
_reflns.pdbx_res_netI_over_sigmaI_2      ? 
_reflns.pdbx_chi_squared                 ? 
_reflns.pdbx_scaling_rejects             ? 
_reflns.pdbx_d_res_high_opt              ? 
_reflns.pdbx_d_res_low_opt               ? 
_reflns.pdbx_d_res_opt_method            ? 
_reflns.phase_calculation_details        ? 
_reflns.pdbx_Rrim_I_all                  ? 
_reflns.pdbx_Rpim_I_all                  ? 
_reflns.pdbx_d_opt                       ? 
_reflns.pdbx_number_measured_all         ? 
_reflns.pdbx_diffrn_id                   1 
_reflns.pdbx_ordinal                     1 
_reflns.pdbx_CC_half                     ? 
_reflns.pdbx_R_split                     ? 
# 
_reflns_shell.d_res_high                  . 
_reflns_shell.d_res_low                   ? 
_reflns_shell.meanI_over_sigI_all         ? 
_reflns_shell.meanI_over_sigI_obs         ? 
_reflns_shell.number_measured_all         ? 
_reflns_shell.number_measured_obs         ? 
_reflns_shell.number_possible             ? 
_reflns_shell.number_unique_all           ? 
_reflns_shell.number_unique_obs           ? 
_reflns_shell.percent_possible_all        ? 
_reflns_shell.percent_possible_obs        ? 
_reflns_shell.Rmerge_F_all                ? 
_reflns_shell.Rmerge_F_obs                ? 
_reflns_shell.Rmerge_I_all                ? 
_reflns_shell.Rmerge_I_obs                ? 
_reflns_shell.meanI_over_sigI_gt          ? 
_reflns_shell.meanI_over_uI_all           ? 
_reflns_shell.meanI_over_uI_gt            ? 
_reflns_shell.number_measured_gt          ? 
_reflns_shell.number_unique_gt            ? 
_reflns_shell.percent_possible_gt         ? 
_reflns_shell.Rmerge_F_gt                 ? 
_reflns_shell.Rmerge_I_gt                 ? 
_reflns_shell.pdbx_redundancy             ? 
_reflns_shell.pdbx_Rsym_value             ? 
_reflns_shell.pdbx_chi_squared            ? 
_reflns_shell.pdbx_netI_over_sigmaI_all   ? 
_reflns_shell.pdbx_netI_over_sigmaI_obs   ? 
_reflns_shell.pdbx_Rrim_I_all             ? 
_reflns_shell.pdbx_Rpim_I_all             ? 
_reflns_shell.pdbx_rejects                ? 
_reflns_shell.pdbx_ordinal                1 
_reflns_shell.pdbx_diffrn_id              1 
_reflns_shell.pdbx_CC_half                ? 
_reflns_shell.pdbx_R_split                ? 
# 
_refine.pdbx_refine_id                           'X-RAY DIFFRACTION' 
_refine.entry_id                                 5HWH 
_refine.pdbx_diffrn_id                           1 
_refine.pdbx_TLS_residual_ADP_flag               ? 
_refine.ls_number_reflns_obs                     26655 
_refine.ls_number_reflns_all                     ? 
_refine.pdbx_ls_sigma_I                          ? 
_refine.pdbx_ls_sigma_F                          1.930 
_refine.pdbx_data_cutoff_high_absF               ? 
_refine.pdbx_data_cutoff_low_absF                ? 
_refine.pdbx_data_cutoff_high_rms_absF           ? 
_refine.ls_d_res_low                             24.75 
_refine.ls_d_res_high                            1.79 
_refine.ls_percent_reflns_obs                    98.2 
_refine.ls_R_factor_obs                          0.186 
_refine.ls_R_factor_all                          ? 
_refine.ls_R_factor_R_work                       0.184 
_refine.ls_R_factor_R_free                       0.220 
_refine.ls_R_factor_R_free_error                 ? 
_refine.ls_R_factor_R_free_error_details         ? 
_refine.ls_percent_reflns_R_free                 5.080 
_refine.ls_number_reflns_R_free                  1355 
_refine.ls_number_parameters                     ? 
_refine.ls_number_restraints                     ? 
_refine.occupancy_min                            ? 
_refine.occupancy_max                            ? 
_refine.correlation_coeff_Fo_to_Fc               ? 
_refine.correlation_coeff_Fo_to_Fc_free          ? 
_refine.B_iso_mean                               ? 
_refine.aniso_B[1][1]                            ? 
_refine.aniso_B[2][2]                            ? 
_refine.aniso_B[3][3]                            ? 
_refine.aniso_B[1][2]                            ? 
_refine.aniso_B[1][3]                            ? 
_refine.aniso_B[2][3]                            ? 
_refine.solvent_model_details                    'FLAT BULK SOLVENT MODEL' 
_refine.solvent_model_param_ksol                 ? 
_refine.solvent_model_param_bsol                 ? 
_refine.pdbx_solvent_vdw_probe_radii             1.11 
_refine.pdbx_solvent_ion_probe_radii             ? 
_refine.pdbx_solvent_shrinkage_radii             0.90 
_refine.pdbx_ls_cross_valid_method               'FREE R-VALUE' 
_refine.details                                  ? 
_refine.pdbx_starting_model                      ? 
_refine.pdbx_method_to_determine_struct          ? 
_refine.pdbx_isotropic_thermal_model             ? 
_refine.pdbx_stereochemistry_target_values       ML 
_refine.pdbx_stereochem_target_val_spec_case     ? 
_refine.pdbx_R_Free_selection_details            ? 
_refine.pdbx_overall_ESU_R                       ? 
_refine.pdbx_overall_ESU_R_Free                  ? 
_refine.overall_SU_ML                            0.170 
_refine.pdbx_overall_phase_error                 20.710 
_refine.overall_SU_B                             ? 
_refine.overall_SU_R_Cruickshank_DPI             ? 
_refine.pdbx_overall_SU_R_free_Cruickshank_DPI   ? 
_refine.pdbx_overall_SU_R_Blow_DPI               ? 
_refine.pdbx_overall_SU_R_free_Blow_DPI          ? 
# 
_refine_hist.pdbx_refine_id                   'X-RAY DIFFRACTION' 
_refine_hist.cycle_id                         LAST 
_refine_hist.pdbx_number_atoms_protein        1338 
_refine_hist.pdbx_number_atoms_nucleic_acid   0 
_refine_hist.pdbx_number_atoms_ligand         8 
_refine_hist.number_atoms_solvent             237 
_refine_hist.number_atoms_total               1583 
_refine_hist.d_res_high                       1.79 
_refine_hist.d_res_low                        24.75 
# 
loop_
_refine_ls_restr.type 
_refine_ls_restr.dev_ideal 
_refine_ls_restr.dev_ideal_target 
_refine_ls_restr.weight 
_refine_ls_restr.number 
_refine_ls_restr.pdbx_refine_id 
_refine_ls_restr.pdbx_restraint_function 
f_bond_d           0.007  ? ? 1377 'X-RAY DIFFRACTION' ? 
f_angle_d          1.060  ? ? 1882 'X-RAY DIFFRACTION' ? 
f_dihedral_angle_d 13.091 ? ? 480  'X-RAY DIFFRACTION' ? 
f_chiral_restr     0.046  ? ? 218  'X-RAY DIFFRACTION' ? 
f_plane_restr      0.005  ? ? 246  'X-RAY DIFFRACTION' ? 
# 
loop_
_refine_ls_shell.pdbx_refine_id 
_refine_ls_shell.pdbx_total_number_of_bins_used 
_refine_ls_shell.d_res_high 
_refine_ls_shell.d_res_low 
_refine_ls_shell.number_reflns_R_work 
_refine_ls_shell.R_factor_R_work 
_refine_ls_shell.percent_reflns_obs 
_refine_ls_shell.R_factor_R_free 
_refine_ls_shell.R_factor_R_free_error 
_refine_ls_shell.percent_reflns_R_free 
_refine_ls_shell.number_reflns_R_free 
_refine_ls_shell.number_reflns_all 
_refine_ls_shell.R_factor_all 
_refine_ls_shell.R_factor_obs 
_refine_ls_shell.number_reflns_obs 
'X-RAY DIFFRACTION' . 1.7906 1.8545  2193 0.1968 52.00 0.2383 . . 110 . . . . 
'X-RAY DIFFRACTION' . 1.8545 1.9288  2168 0.1853 52.00 0.2288 . . 137 . . . . 
'X-RAY DIFFRACTION' . 1.9288 2.0165  2167 0.1814 52.00 0.1922 . . 128 . . . . 
'X-RAY DIFFRACTION' . 2.0165 2.1228  2336 0.1842 55.00 0.1898 . . 116 . . . . 
'X-RAY DIFFRACTION' . 2.1228 2.2557  2574 0.1841 62.00 0.2223 . . 158 . . . . 
'X-RAY DIFFRACTION' . 2.2557 2.4297  2758 0.1887 66.00 0.2221 . . 162 . . . . 
'X-RAY DIFFRACTION' . 2.4297 2.6740  2908 0.1895 69.00 0.2470 . . 147 . . . . 
'X-RAY DIFFRACTION' . 2.6740 3.0603  2934 0.1959 70.00 0.2748 . . 134 . . . . 
'X-RAY DIFFRACTION' . 3.0603 3.8533  2645 0.1691 62.00 0.2030 . . 131 . . . . 
'X-RAY DIFFRACTION' . 3.8533 24.7483 2617 0.1816 62.00 0.2056 . . 132 . . . . 
# 
_struct.entry_id                     5HWH 
_struct.title                        'Structure of a cysteine hydrolase with a positive substrate' 
_struct.pdbx_model_details           ? 
_struct.pdbx_formula_weight          ? 
_struct.pdbx_formula_weight_method   ? 
_struct.pdbx_model_type_details      ? 
_struct.pdbx_CASP_flag               ? 
# 
_struct_keywords.entry_id        5HWH 
_struct_keywords.text            'hydrolase, catalyic triad' 
_struct_keywords.pdbx_keywords   HYDROLASE 
# 
loop_
_struct_asym.id 
_struct_asym.pdbx_blank_PDB_chainid_flag 
_struct_asym.pdbx_modified 
_struct_asym.entity_id 
_struct_asym.details 
A N N 1 ? 
B N N 2 ? 
C N N 3 ? 
# 
_struct_ref.id                         1 
_struct_ref.db_name                    UNP 
_struct_ref.db_code                    A0A0K0XHU0_9MICO 
_struct_ref.pdbx_db_accession          A0A0K0XHU0 
_struct_ref.pdbx_db_isoform            ? 
_struct_ref.entity_id                  1 
_struct_ref.pdbx_seq_one_letter_code   
;MAAPRRTVVLAIDLQAGVTPGCFDEEGVLSRAAALVERARAGGVPVVWVHHDPVGVGTPEWELAAPLHRAEGEPLVRKNY
RDSFADTTLRETLDELGATHLVITGAQSDFCVRTTMQRAAAEGYDVTLVSDAHTTVDTEWEGVRISGEQIVAHTNMYFSG
LRYPGQEFVIATHDHVAL
;
_struct_ref.pdbx_align_begin           1 
# 
_struct_ref_seq.align_id                      1 
_struct_ref_seq.ref_id                        1 
_struct_ref_seq.pdbx_PDB_id_code              5HWH 
_struct_ref_seq.pdbx_strand_id                A 
_struct_ref_seq.seq_align_beg                 10 
_struct_ref_seq.pdbx_seq_align_beg_ins_code   ? 
_struct_ref_seq.seq_align_end                 187 
_struct_ref_seq.pdbx_seq_align_end_ins_code   ? 
_struct_ref_seq.pdbx_db_accession             A0A0K0XHU0 
_struct_ref_seq.db_align_beg                  1 
_struct_ref_seq.pdbx_db_align_beg_ins_code    ? 
_struct_ref_seq.db_align_end                  178 
_struct_ref_seq.pdbx_db_align_end_ins_code    ? 
_struct_ref_seq.pdbx_auth_seq_align_beg       1 
_struct_ref_seq.pdbx_auth_seq_align_end       178 
# 
loop_
_struct_ref_seq_dif.align_id 
_struct_ref_seq_dif.pdbx_pdb_id_code 
_struct_ref_seq_dif.mon_id 
_struct_ref_seq_dif.pdbx_pdb_strand_id 
_struct_ref_seq_dif.seq_num 
_struct_ref_seq_dif.pdbx_pdb_ins_code 
_struct_ref_seq_dif.pdbx_seq_db_name 
_struct_ref_seq_dif.pdbx_seq_db_accession_code 
_struct_ref_seq_dif.db_mon_id 
_struct_ref_seq_dif.pdbx_seq_db_seq_num 
_struct_ref_seq_dif.details 
_struct_ref_seq_dif.pdbx_auth_seq_num 
_struct_ref_seq_dif.pdbx_ordinal 
1 5HWH MET A 1   ? UNP A0A0K0XHU0 ?   ?   'expression tag'      -8  1  
1 5HWH GLY A 2   ? UNP A0A0K0XHU0 ?   ?   'expression tag'      -7  2  
1 5HWH SER A 3   ? UNP A0A0K0XHU0 ?   ?   'expression tag'      -6  3  
1 5HWH HIS A 4   ? UNP A0A0K0XHU0 ?   ?   'expression tag'      -5  4  
1 5HWH HIS A 5   ? UNP A0A0K0XHU0 ?   ?   'expression tag'      -4  5  
1 5HWH HIS A 6   ? UNP A0A0K0XHU0 ?   ?   'expression tag'      -3  6  
1 5HWH HIS A 7   ? UNP A0A0K0XHU0 ?   ?   'expression tag'      -2  7  
1 5HWH HIS A 8   ? UNP A0A0K0XHU0 ?   ?   'expression tag'      -1  8  
1 5HWH HIS A 9   ? UNP A0A0K0XHU0 ?   ?   'expression tag'      0   9  
1 5HWH ALA A 120 ? UNP A0A0K0XHU0 CYS 111 'engineered mutation' 111 10 
# 
_pdbx_struct_assembly.id                   1 
_pdbx_struct_assembly.details              author_and_software_defined_assembly 
_pdbx_struct_assembly.method_details       PISA 
_pdbx_struct_assembly.oligomeric_details   dimeric 
_pdbx_struct_assembly.oligomeric_count     2 
# 
loop_
_pdbx_struct_assembly_prop.biol_id 
_pdbx_struct_assembly_prop.type 
_pdbx_struct_assembly_prop.value 
_pdbx_struct_assembly_prop.details 
1 'ABSA (A^2)' 3270  ? 
1 MORE         -19   ? 
1 'SSA (A^2)'  13710 ? 
# 
_pdbx_struct_assembly_gen.assembly_id       1 
_pdbx_struct_assembly_gen.oper_expression   1,2 
_pdbx_struct_assembly_gen.asym_id_list      A,B,C 
# 
loop_
_pdbx_struct_oper_list.id 
_pdbx_struct_oper_list.type 
_pdbx_struct_oper_list.name 
_pdbx_struct_oper_list.symmetry_operation 
_pdbx_struct_oper_list.matrix[1][1] 
_pdbx_struct_oper_list.matrix[1][2] 
_pdbx_struct_oper_list.matrix[1][3] 
_pdbx_struct_oper_list.vector[1] 
_pdbx_struct_oper_list.matrix[2][1] 
_pdbx_struct_oper_list.matrix[2][2] 
_pdbx_struct_oper_list.matrix[2][3] 
_pdbx_struct_oper_list.vector[2] 
_pdbx_struct_oper_list.matrix[3][1] 
_pdbx_struct_oper_list.matrix[3][2] 
_pdbx_struct_oper_list.matrix[3][3] 
_pdbx_struct_oper_list.vector[3] 
1 'identity operation'         1_555 x,y,z  1.0000000000  0.0000000000 0.0000000000 0.0000000000   0.0000000000 1.0000000000  0.0000000000 0.0000000000  0.0000000000 0.0000000000 1.0000000000 0.0000000000  
2 'crystal symmetry operation' 4_555 y,x,-z -0.9463382122 0.1508334986 0.2858203000 -24.3827365064 0.1508334986 -0.5760345452 0.8033887344 11.7163323551 0.2858203000 0.8033887344 0.5223727573 -1.6051839774 
# 
loop_
_struct_conf.conf_type_id 
_struct_conf.id 
_struct_conf.pdbx_PDB_helix_id 
_struct_conf.beg_label_comp_id 
_struct_conf.beg_label_asym_id 
_struct_conf.beg_label_seq_id 
_struct_conf.pdbx_beg_PDB_ins_code 
_struct_conf.end_label_comp_id 
_struct_conf.end_label_asym_id 
_struct_conf.end_label_seq_id 
_struct_conf.pdbx_end_PDB_ins_code 
_struct_conf.beg_auth_comp_id 
_struct_conf.beg_auth_asym_id 
_struct_conf.beg_auth_seq_id 
_struct_conf.end_auth_comp_id 
_struct_conf.end_auth_asym_id 
_struct_conf.end_auth_seq_id 
_struct_conf.pdbx_PDB_helix_class 
_struct_conf.details 
_struct_conf.pdbx_PDB_helix_length 
HELX_P HELX_P1 AA1 ASP A 33  ? GLY A 51  ? ASP A 24  GLY A 42  1 ? 19 
HELX_P HELX_P2 AA2 PRO A 62  ? GLY A 64  ? PRO A 53  GLY A 55  5 ? 3  
HELX_P HELX_P3 AA3 THR A 67  ? GLU A 71  ? THR A 58  GLU A 62  5 ? 5  
HELX_P HELX_P4 AA4 THR A 97  ? LEU A 105 ? THR A 88  LEU A 96  1 ? 9  
HELX_P HELX_P5 AA5 PHE A 119 ? GLY A 132 ? PHE A 110 GLY A 123 1 ? 14 
HELX_P HELX_P6 AA6 SER A 155 ? GLY A 169 ? SER A 146 GLY A 160 1 ? 15 
# 
_struct_conf_type.id          HELX_P 
_struct_conf_type.criteria    ? 
_struct_conf_type.reference   ? 
# 
loop_
_struct_mon_prot_cis.pdbx_id 
_struct_mon_prot_cis.label_comp_id 
_struct_mon_prot_cis.label_seq_id 
_struct_mon_prot_cis.label_asym_id 
_struct_mon_prot_cis.label_alt_id 
_struct_mon_prot_cis.pdbx_PDB_ins_code 
_struct_mon_prot_cis.auth_comp_id 
_struct_mon_prot_cis.auth_seq_id 
_struct_mon_prot_cis.auth_asym_id 
_struct_mon_prot_cis.pdbx_label_comp_id_2 
_struct_mon_prot_cis.pdbx_label_seq_id_2 
_struct_mon_prot_cis.pdbx_label_asym_id_2 
_struct_mon_prot_cis.pdbx_PDB_ins_code_2 
_struct_mon_prot_cis.pdbx_auth_comp_id_2 
_struct_mon_prot_cis.pdbx_auth_seq_id_2 
_struct_mon_prot_cis.pdbx_auth_asym_id_2 
_struct_mon_prot_cis.pdbx_PDB_model_num 
_struct_mon_prot_cis.pdbx_omega_angle 
1 ALA 74  A . ? ALA 65  A PRO 75  A ? PRO 66  A 1 8.00   
2 ALA 115 A . ? ALA 106 A GLN 116 A ? GLN 107 A 1 -10.50 
# 
loop_
_struct_sheet.id 
_struct_sheet.type 
_struct_sheet.number_strands 
_struct_sheet.details 
AA1 ? 6 ? 
AA2 ? 2 ? 
# 
loop_
_struct_sheet_order.sheet_id 
_struct_sheet_order.range_id_1 
_struct_sheet_order.range_id_2 
_struct_sheet_order.offset 
_struct_sheet_order.sense 
AA1 1 2 ? parallel      
AA1 2 3 ? parallel      
AA1 3 4 ? parallel      
AA1 4 5 ? parallel      
AA1 5 6 ? parallel      
AA2 1 2 ? anti-parallel 
# 
loop_
_struct_sheet_range.sheet_id 
_struct_sheet_range.id 
_struct_sheet_range.beg_label_comp_id 
_struct_sheet_range.beg_label_asym_id 
_struct_sheet_range.beg_label_seq_id 
_struct_sheet_range.pdbx_beg_PDB_ins_code 
_struct_sheet_range.end_label_comp_id 
_struct_sheet_range.end_label_asym_id 
_struct_sheet_range.end_label_seq_id 
_struct_sheet_range.pdbx_end_PDB_ins_code 
_struct_sheet_range.beg_auth_comp_id 
_struct_sheet_range.beg_auth_asym_id 
_struct_sheet_range.beg_auth_seq_id 
_struct_sheet_range.end_auth_comp_id 
_struct_sheet_range.end_auth_asym_id 
_struct_sheet_range.end_auth_seq_id 
AA1 1 LEU A 84  ? LYS A 87  ? LEU A 75  LYS A 78  
AA1 2 VAL A 55  ? HIS A 60  ? VAL A 46  HIS A 51  
AA1 3 THR A 16  ? ILE A 21  ? THR A 7   ILE A 12  
AA1 4 HIS A 109 ? ALA A 115 ? HIS A 100 ALA A 106 
AA1 5 ASP A 134 ? THR A 143 ? ASP A 125 THR A 134 
AA1 6 PHE A 177 ? ALA A 180 ? PHE A 168 ALA A 171 
AA2 1 THR A 147 ? TRP A 149 ? THR A 138 TRP A 140 
AA2 2 VAL A 152 ? ILE A 154 ? VAL A 143 ILE A 145 
# 
loop_
_pdbx_struct_sheet_hbond.sheet_id 
_pdbx_struct_sheet_hbond.range_id_1 
_pdbx_struct_sheet_hbond.range_id_2 
_pdbx_struct_sheet_hbond.range_1_label_atom_id 
_pdbx_struct_sheet_hbond.range_1_label_comp_id 
_pdbx_struct_sheet_hbond.range_1_label_asym_id 
_pdbx_struct_sheet_hbond.range_1_label_seq_id 
_pdbx_struct_sheet_hbond.range_1_PDB_ins_code 
_pdbx_struct_sheet_hbond.range_1_auth_atom_id 
_pdbx_struct_sheet_hbond.range_1_auth_comp_id 
_pdbx_struct_sheet_hbond.range_1_auth_asym_id 
_pdbx_struct_sheet_hbond.range_1_auth_seq_id 
_pdbx_struct_sheet_hbond.range_2_label_atom_id 
_pdbx_struct_sheet_hbond.range_2_label_comp_id 
_pdbx_struct_sheet_hbond.range_2_label_asym_id 
_pdbx_struct_sheet_hbond.range_2_label_seq_id 
_pdbx_struct_sheet_hbond.range_2_PDB_ins_code 
_pdbx_struct_sheet_hbond.range_2_auth_atom_id 
_pdbx_struct_sheet_hbond.range_2_auth_comp_id 
_pdbx_struct_sheet_hbond.range_2_auth_asym_id 
_pdbx_struct_sheet_hbond.range_2_auth_seq_id 
AA1 1 2 O VAL A 85  ? O VAL A 76  N TRP A 57  ? N TRP A 48  
AA1 2 3 O VAL A 56  ? O VAL A 47  N VAL A 18  ? N VAL A 9   
AA1 3 4 N LEU A 19  ? N LEU A 10  O VAL A 111 ? O VAL A 102 
AA1 4 5 N ILE A 112 ? N ILE A 103 O THR A 136 ? O THR A 127 
AA1 5 6 N LEU A 137 ? N LEU A 128 O ALA A 180 ? O ALA A 171 
AA2 1 2 N THR A 147 ? N THR A 138 O ILE A 154 ? O ILE A 145 
# 
_struct_site.id                   AC1 
_struct_site.pdbx_evidence_code   Software 
_struct_site.pdbx_auth_asym_id    A 
_struct_site.pdbx_auth_comp_id    66Z 
_struct_site.pdbx_auth_seq_id     201 
_struct_site.pdbx_auth_ins_code   ? 
_struct_site.pdbx_num_residues    7 
_struct_site.details              'binding site for residue 66Z A 201' 
# 
loop_
_struct_site_gen.id 
_struct_site_gen.site_id 
_struct_site_gen.pdbx_num_res 
_struct_site_gen.label_comp_id 
_struct_site_gen.label_asym_id 
_struct_site_gen.label_seq_id 
_struct_site_gen.pdbx_auth_ins_code 
_struct_site_gen.auth_comp_id 
_struct_site_gen.auth_asym_id 
_struct_site_gen.auth_seq_id 
_struct_site_gen.label_atom_id 
_struct_site_gen.label_alt_id 
_struct_site_gen.symmetry 
_struct_site_gen.details 
1 AC1 7 ASP A 22  ? ASP A 13  . ? 1_555 ? 
2 AC1 7 HIS A 60  ? HIS A 51  . ? 1_555 ? 
3 AC1 7 ALA A 115 ? ALA A 106 . ? 1_555 ? 
4 AC1 7 GLN A 116 ? GLN A 107 . ? 1_555 ? 
5 AC1 7 PHE A 119 ? PHE A 110 . ? 1_555 ? 
6 AC1 7 ALA A 120 ? ALA A 111 . ? 1_555 ? 
7 AC1 7 HOH C .   ? HOH A 407 . ? 1_555 ? 
# 
loop_
_pdbx_validate_close_contact.id 
_pdbx_validate_close_contact.PDB_model_num 
_pdbx_validate_close_contact.auth_atom_id_1 
_pdbx_validate_close_contact.auth_asym_id_1 
_pdbx_validate_close_contact.auth_comp_id_1 
_pdbx_validate_close_contact.auth_seq_id_1 
_pdbx_validate_close_contact.PDB_ins_code_1 
_pdbx_validate_close_contact.label_alt_id_1 
_pdbx_validate_close_contact.auth_atom_id_2 
_pdbx_validate_close_contact.auth_asym_id_2 
_pdbx_validate_close_contact.auth_comp_id_2 
_pdbx_validate_close_contact.auth_seq_id_2 
_pdbx_validate_close_contact.PDB_ins_code_2 
_pdbx_validate_close_contact.label_alt_id_2 
_pdbx_validate_close_contact.dist 
1 1 OE2 A GLU 25  ? ? O A HOH 301 ? ? 2.04 
2 1 O   A HOH 302 ? ? O A HOH 421 ? ? 2.08 
3 1 NH2 A ARG 69  ? ? O A HOH 302 ? ? 2.13 
4 1 O   A HOH 476 ? ? O A HOH 521 ? ? 2.15 
5 1 O   A HOH 476 ? ? O A HOH 535 ? ? 2.15 
6 1 O   A HOH 384 ? ? O A HOH 525 ? ? 2.15 
7 1 O   A HOH 479 ? ? O A HOH 518 ? ? 2.17 
8 1 O   A HOH 384 ? ? O A HOH 501 ? ? 2.19 
# 
_pdbx_validate_torsion.id              1 
_pdbx_validate_torsion.PDB_model_num   1 
_pdbx_validate_torsion.auth_comp_id    PHE 
_pdbx_validate_torsion.auth_asym_id    A 
_pdbx_validate_torsion.auth_seq_id     110 
_pdbx_validate_torsion.PDB_ins_code    ? 
_pdbx_validate_torsion.label_alt_id    ? 
_pdbx_validate_torsion.phi             -122.26 
_pdbx_validate_torsion.psi             -88.65 
# 
loop_
_pdbx_struct_special_symmetry.id 
_pdbx_struct_special_symmetry.PDB_model_num 
_pdbx_struct_special_symmetry.auth_asym_id 
_pdbx_struct_special_symmetry.auth_comp_id 
_pdbx_struct_special_symmetry.auth_seq_id 
_pdbx_struct_special_symmetry.PDB_ins_code 
_pdbx_struct_special_symmetry.label_asym_id 
_pdbx_struct_special_symmetry.label_comp_id 
_pdbx_struct_special_symmetry.label_seq_id 
1 1 A HOH 456 ? C HOH . 
2 1 A HOH 473 ? C HOH . 
# 
loop_
_pdbx_unobs_or_zero_occ_residues.id 
_pdbx_unobs_or_zero_occ_residues.PDB_model_num 
_pdbx_unobs_or_zero_occ_residues.polymer_flag 
_pdbx_unobs_or_zero_occ_residues.occupancy_flag 
_pdbx_unobs_or_zero_occ_residues.auth_asym_id 
_pdbx_unobs_or_zero_occ_residues.auth_comp_id 
_pdbx_unobs_or_zero_occ_residues.auth_seq_id 
_pdbx_unobs_or_zero_occ_residues.PDB_ins_code 
_pdbx_unobs_or_zero_occ_residues.label_asym_id 
_pdbx_unobs_or_zero_occ_residues.label_comp_id 
_pdbx_unobs_or_zero_occ_residues.label_seq_id 
1  1 Y 1 A MET -8 ? A MET 1  
2  1 Y 1 A GLY -7 ? A GLY 2  
3  1 Y 1 A SER -6 ? A SER 3  
4  1 Y 1 A HIS -5 ? A HIS 4  
5  1 Y 1 A HIS -4 ? A HIS 5  
6  1 Y 1 A HIS -3 ? A HIS 6  
7  1 Y 1 A HIS -2 ? A HIS 7  
8  1 Y 1 A HIS -1 ? A HIS 8  
9  1 Y 1 A HIS 0  ? A HIS 9  
10 1 Y 1 A MET 1  ? A MET 10 
11 1 Y 1 A ALA 2  ? A ALA 11 
12 1 Y 1 A ALA 3  ? A ALA 12 
# 
loop_
_chem_comp_atom.comp_id 
_chem_comp_atom.atom_id 
_chem_comp_atom.type_symbol 
_chem_comp_atom.pdbx_aromatic_flag 
_chem_comp_atom.pdbx_stereo_config 
_chem_comp_atom.pdbx_ordinal 
66Z C1   C N N 1   
66Z N1   N N N 2   
66Z O1   O N N 3   
66Z C2   C N S 4   
66Z C3   C N N 5   
66Z C4   C N N 6   
66Z C5   C N R 7   
66Z C6   C N N 8   
66Z H3   H N N 9   
66Z H4   H N N 10  
66Z H7   H N N 11  
66Z H1   H N N 12  
66Z H5   H N N 13  
66Z H6   H N N 14  
66Z H2   H N N 15  
ALA N    N N N 16  
ALA CA   C N S 17  
ALA C    C N N 18  
ALA O    O N N 19  
ALA CB   C N N 20  
ALA OXT  O N N 21  
ALA H    H N N 22  
ALA H2   H N N 23  
ALA HA   H N N 24  
ALA HB1  H N N 25  
ALA HB2  H N N 26  
ALA HB3  H N N 27  
ALA HXT  H N N 28  
ARG N    N N N 29  
ARG CA   C N S 30  
ARG C    C N N 31  
ARG O    O N N 32  
ARG CB   C N N 33  
ARG CG   C N N 34  
ARG CD   C N N 35  
ARG NE   N N N 36  
ARG CZ   C N N 37  
ARG NH1  N N N 38  
ARG NH2  N N N 39  
ARG OXT  O N N 40  
ARG H    H N N 41  
ARG H2   H N N 42  
ARG HA   H N N 43  
ARG HB2  H N N 44  
ARG HB3  H N N 45  
ARG HG2  H N N 46  
ARG HG3  H N N 47  
ARG HD2  H N N 48  
ARG HD3  H N N 49  
ARG HE   H N N 50  
ARG HH11 H N N 51  
ARG HH12 H N N 52  
ARG HH21 H N N 53  
ARG HH22 H N N 54  
ARG HXT  H N N 55  
ASN N    N N N 56  
ASN CA   C N S 57  
ASN C    C N N 58  
ASN O    O N N 59  
ASN CB   C N N 60  
ASN CG   C N N 61  
ASN OD1  O N N 62  
ASN ND2  N N N 63  
ASN OXT  O N N 64  
ASN H    H N N 65  
ASN H2   H N N 66  
ASN HA   H N N 67  
ASN HB2  H N N 68  
ASN HB3  H N N 69  
ASN HD21 H N N 70  
ASN HD22 H N N 71  
ASN HXT  H N N 72  
ASP N    N N N 73  
ASP CA   C N S 74  
ASP C    C N N 75  
ASP O    O N N 76  
ASP CB   C N N 77  
ASP CG   C N N 78  
ASP OD1  O N N 79  
ASP OD2  O N N 80  
ASP OXT  O N N 81  
ASP H    H N N 82  
ASP H2   H N N 83  
ASP HA   H N N 84  
ASP HB2  H N N 85  
ASP HB3  H N N 86  
ASP HD2  H N N 87  
ASP HXT  H N N 88  
CYS N    N N N 89  
CYS CA   C N R 90  
CYS C    C N N 91  
CYS O    O N N 92  
CYS CB   C N N 93  
CYS SG   S N N 94  
CYS OXT  O N N 95  
CYS H    H N N 96  
CYS H2   H N N 97  
CYS HA   H N N 98  
CYS HB2  H N N 99  
CYS HB3  H N N 100 
CYS HG   H N N 101 
CYS HXT  H N N 102 
GLN N    N N N 103 
GLN CA   C N S 104 
GLN C    C N N 105 
GLN O    O N N 106 
GLN CB   C N N 107 
GLN CG   C N N 108 
GLN CD   C N N 109 
GLN OE1  O N N 110 
GLN NE2  N N N 111 
GLN OXT  O N N 112 
GLN H    H N N 113 
GLN H2   H N N 114 
GLN HA   H N N 115 
GLN HB2  H N N 116 
GLN HB3  H N N 117 
GLN HG2  H N N 118 
GLN HG3  H N N 119 
GLN HE21 H N N 120 
GLN HE22 H N N 121 
GLN HXT  H N N 122 
GLU N    N N N 123 
GLU CA   C N S 124 
GLU C    C N N 125 
GLU O    O N N 126 
GLU CB   C N N 127 
GLU CG   C N N 128 
GLU CD   C N N 129 
GLU OE1  O N N 130 
GLU OE2  O N N 131 
GLU OXT  O N N 132 
GLU H    H N N 133 
GLU H2   H N N 134 
GLU HA   H N N 135 
GLU HB2  H N N 136 
GLU HB3  H N N 137 
GLU HG2  H N N 138 
GLU HG3  H N N 139 
GLU HE2  H N N 140 
GLU HXT  H N N 141 
GLY N    N N N 142 
GLY CA   C N N 143 
GLY C    C N N 144 
GLY O    O N N 145 
GLY OXT  O N N 146 
GLY H    H N N 147 
GLY H2   H N N 148 
GLY HA2  H N N 149 
GLY HA3  H N N 150 
GLY HXT  H N N 151 
HIS N    N N N 152 
HIS CA   C N S 153 
HIS C    C N N 154 
HIS O    O N N 155 
HIS CB   C N N 156 
HIS CG   C Y N 157 
HIS ND1  N Y N 158 
HIS CD2  C Y N 159 
HIS CE1  C Y N 160 
HIS NE2  N Y N 161 
HIS OXT  O N N 162 
HIS H    H N N 163 
HIS H2   H N N 164 
HIS HA   H N N 165 
HIS HB2  H N N 166 
HIS HB3  H N N 167 
HIS HD1  H N N 168 
HIS HD2  H N N 169 
HIS HE1  H N N 170 
HIS HE2  H N N 171 
HIS HXT  H N N 172 
HOH O    O N N 173 
HOH H1   H N N 174 
HOH H2   H N N 175 
ILE N    N N N 176 
ILE CA   C N S 177 
ILE C    C N N 178 
ILE O    O N N 179 
ILE CB   C N S 180 
ILE CG1  C N N 181 
ILE CG2  C N N 182 
ILE CD1  C N N 183 
ILE OXT  O N N 184 
ILE H    H N N 185 
ILE H2   H N N 186 
ILE HA   H N N 187 
ILE HB   H N N 188 
ILE HG12 H N N 189 
ILE HG13 H N N 190 
ILE HG21 H N N 191 
ILE HG22 H N N 192 
ILE HG23 H N N 193 
ILE HD11 H N N 194 
ILE HD12 H N N 195 
ILE HD13 H N N 196 
ILE HXT  H N N 197 
LEU N    N N N 198 
LEU CA   C N S 199 
LEU C    C N N 200 
LEU O    O N N 201 
LEU CB   C N N 202 
LEU CG   C N N 203 
LEU CD1  C N N 204 
LEU CD2  C N N 205 
LEU OXT  O N N 206 
LEU H    H N N 207 
LEU H2   H N N 208 
LEU HA   H N N 209 
LEU HB2  H N N 210 
LEU HB3  H N N 211 
LEU HG   H N N 212 
LEU HD11 H N N 213 
LEU HD12 H N N 214 
LEU HD13 H N N 215 
LEU HD21 H N N 216 
LEU HD22 H N N 217 
LEU HD23 H N N 218 
LEU HXT  H N N 219 
LYS N    N N N 220 
LYS CA   C N S 221 
LYS C    C N N 222 
LYS O    O N N 223 
LYS CB   C N N 224 
LYS CG   C N N 225 
LYS CD   C N N 226 
LYS CE   C N N 227 
LYS NZ   N N N 228 
LYS OXT  O N N 229 
LYS H    H N N 230 
LYS H2   H N N 231 
LYS HA   H N N 232 
LYS HB2  H N N 233 
LYS HB3  H N N 234 
LYS HG2  H N N 235 
LYS HG3  H N N 236 
LYS HD2  H N N 237 
LYS HD3  H N N 238 
LYS HE2  H N N 239 
LYS HE3  H N N 240 
LYS HZ1  H N N 241 
LYS HZ2  H N N 242 
LYS HZ3  H N N 243 
LYS HXT  H N N 244 
MET N    N N N 245 
MET CA   C N S 246 
MET C    C N N 247 
MET O    O N N 248 
MET CB   C N N 249 
MET CG   C N N 250 
MET SD   S N N 251 
MET CE   C N N 252 
MET OXT  O N N 253 
MET H    H N N 254 
MET H2   H N N 255 
MET HA   H N N 256 
MET HB2  H N N 257 
MET HB3  H N N 258 
MET HG2  H N N 259 
MET HG3  H N N 260 
MET HE1  H N N 261 
MET HE2  H N N 262 
MET HE3  H N N 263 
MET HXT  H N N 264 
PHE N    N N N 265 
PHE CA   C N S 266 
PHE C    C N N 267 
PHE O    O N N 268 
PHE CB   C N N 269 
PHE CG   C Y N 270 
PHE CD1  C Y N 271 
PHE CD2  C Y N 272 
PHE CE1  C Y N 273 
PHE CE2  C Y N 274 
PHE CZ   C Y N 275 
PHE OXT  O N N 276 
PHE H    H N N 277 
PHE H2   H N N 278 
PHE HA   H N N 279 
PHE HB2  H N N 280 
PHE HB3  H N N 281 
PHE HD1  H N N 282 
PHE HD2  H N N 283 
PHE HE1  H N N 284 
PHE HE2  H N N 285 
PHE HZ   H N N 286 
PHE HXT  H N N 287 
PRO N    N N N 288 
PRO CA   C N S 289 
PRO C    C N N 290 
PRO O    O N N 291 
PRO CB   C N N 292 
PRO CG   C N N 293 
PRO CD   C N N 294 
PRO OXT  O N N 295 
PRO H    H N N 296 
PRO HA   H N N 297 
PRO HB2  H N N 298 
PRO HB3  H N N 299 
PRO HG2  H N N 300 
PRO HG3  H N N 301 
PRO HD2  H N N 302 
PRO HD3  H N N 303 
PRO HXT  H N N 304 
SER N    N N N 305 
SER CA   C N S 306 
SER C    C N N 307 
SER O    O N N 308 
SER CB   C N N 309 
SER OG   O N N 310 
SER OXT  O N N 311 
SER H    H N N 312 
SER H2   H N N 313 
SER HA   H N N 314 
SER HB2  H N N 315 
SER HB3  H N N 316 
SER HG   H N N 317 
SER HXT  H N N 318 
THR N    N N N 319 
THR CA   C N S 320 
THR C    C N N 321 
THR O    O N N 322 
THR CB   C N R 323 
THR OG1  O N N 324 
THR CG2  C N N 325 
THR OXT  O N N 326 
THR H    H N N 327 
THR H2   H N N 328 
THR HA   H N N 329 
THR HB   H N N 330 
THR HG1  H N N 331 
THR HG21 H N N 332 
THR HG22 H N N 333 
THR HG23 H N N 334 
THR HXT  H N N 335 
TRP N    N N N 336 
TRP CA   C N S 337 
TRP C    C N N 338 
TRP O    O N N 339 
TRP CB   C N N 340 
TRP CG   C Y N 341 
TRP CD1  C Y N 342 
TRP CD2  C Y N 343 
TRP NE1  N Y N 344 
TRP CE2  C Y N 345 
TRP CE3  C Y N 346 
TRP CZ2  C Y N 347 
TRP CZ3  C Y N 348 
TRP CH2  C Y N 349 
TRP OXT  O N N 350 
TRP H    H N N 351 
TRP H2   H N N 352 
TRP HA   H N N 353 
TRP HB2  H N N 354 
TRP HB3  H N N 355 
TRP HD1  H N N 356 
TRP HE1  H N N 357 
TRP HE3  H N N 358 
TRP HZ2  H N N 359 
TRP HZ3  H N N 360 
TRP HH2  H N N 361 
TRP HXT  H N N 362 
TYR N    N N N 363 
TYR CA   C N S 364 
TYR C    C N N 365 
TYR O    O N N 366 
TYR CB   C N N 367 
TYR CG   C Y N 368 
TYR CD1  C Y N 369 
TYR CD2  C Y N 370 
TYR CE1  C Y N 371 
TYR CE2  C Y N 372 
TYR CZ   C Y N 373 
TYR OH   O N N 374 
TYR OXT  O N N 375 
TYR H    H N N 376 
TYR H2   H N N 377 
TYR HA   H N N 378 
TYR HB2  H N N 379 
TYR HB3  H N N 380 
TYR HD1  H N N 381 
TYR HD2  H N N 382 
TYR HE1  H N N 383 
TYR HE2  H N N 384 
TYR HH   H N N 385 
TYR HXT  H N N 386 
VAL N    N N N 387 
VAL CA   C N S 388 
VAL C    C N N 389 
VAL O    O N N 390 
VAL CB   C N N 391 
VAL CG1  C N N 392 
VAL CG2  C N N 393 
VAL OXT  O N N 394 
VAL H    H N N 395 
VAL H2   H N N 396 
VAL HA   H N N 397 
VAL HB   H N N 398 
VAL HG11 H N N 399 
VAL HG12 H N N 400 
VAL HG13 H N N 401 
VAL HG21 H N N 402 
VAL HG22 H N N 403 
VAL HG23 H N N 404 
VAL HXT  H N N 405 
# 
loop_
_chem_comp_bond.comp_id 
_chem_comp_bond.atom_id_1 
_chem_comp_bond.atom_id_2 
_chem_comp_bond.value_order 
_chem_comp_bond.pdbx_aromatic_flag 
_chem_comp_bond.pdbx_stereo_config 
_chem_comp_bond.pdbx_ordinal 
66Z C3  C2   sing N N 1   
66Z C3  C4   doub N N 2   
66Z C2  C6   sing N N 3   
66Z C2  C1   sing N N 4   
66Z C4  C5   sing N N 5   
66Z O1  C6   doub N N 6   
66Z C6  N1   sing N N 7   
66Z C1  C5   sing N N 8   
66Z C5  N1   sing N N 9   
66Z C1  H3   sing N N 10  
66Z C1  H4   sing N N 11  
66Z N1  H7   sing N N 12  
66Z C2  H1   sing N N 13  
66Z C3  H5   sing N N 14  
66Z C4  H6   sing N N 15  
66Z C5  H2   sing N N 16  
ALA N   CA   sing N N 17  
ALA N   H    sing N N 18  
ALA N   H2   sing N N 19  
ALA CA  C    sing N N 20  
ALA CA  CB   sing N N 21  
ALA CA  HA   sing N N 22  
ALA C   O    doub N N 23  
ALA C   OXT  sing N N 24  
ALA CB  HB1  sing N N 25  
ALA CB  HB2  sing N N 26  
ALA CB  HB3  sing N N 27  
ALA OXT HXT  sing N N 28  
ARG N   CA   sing N N 29  
ARG N   H    sing N N 30  
ARG N   H2   sing N N 31  
ARG CA  C    sing N N 32  
ARG CA  CB   sing N N 33  
ARG CA  HA   sing N N 34  
ARG C   O    doub N N 35  
ARG C   OXT  sing N N 36  
ARG CB  CG   sing N N 37  
ARG CB  HB2  sing N N 38  
ARG CB  HB3  sing N N 39  
ARG CG  CD   sing N N 40  
ARG CG  HG2  sing N N 41  
ARG CG  HG3  sing N N 42  
ARG CD  NE   sing N N 43  
ARG CD  HD2  sing N N 44  
ARG CD  HD3  sing N N 45  
ARG NE  CZ   sing N N 46  
ARG NE  HE   sing N N 47  
ARG CZ  NH1  sing N N 48  
ARG CZ  NH2  doub N N 49  
ARG NH1 HH11 sing N N 50  
ARG NH1 HH12 sing N N 51  
ARG NH2 HH21 sing N N 52  
ARG NH2 HH22 sing N N 53  
ARG OXT HXT  sing N N 54  
ASN N   CA   sing N N 55  
ASN N   H    sing N N 56  
ASN N   H2   sing N N 57  
ASN CA  C    sing N N 58  
ASN CA  CB   sing N N 59  
ASN CA  HA   sing N N 60  
ASN C   O    doub N N 61  
ASN C   OXT  sing N N 62  
ASN CB  CG   sing N N 63  
ASN CB  HB2  sing N N 64  
ASN CB  HB3  sing N N 65  
ASN CG  OD1  doub N N 66  
ASN CG  ND2  sing N N 67  
ASN ND2 HD21 sing N N 68  
ASN ND2 HD22 sing N N 69  
ASN OXT HXT  sing N N 70  
ASP N   CA   sing N N 71  
ASP N   H    sing N N 72  
ASP N   H2   sing N N 73  
ASP CA  C    sing N N 74  
ASP CA  CB   sing N N 75  
ASP CA  HA   sing N N 76  
ASP C   O    doub N N 77  
ASP C   OXT  sing N N 78  
ASP CB  CG   sing N N 79  
ASP CB  HB2  sing N N 80  
ASP CB  HB3  sing N N 81  
ASP CG  OD1  doub N N 82  
ASP CG  OD2  sing N N 83  
ASP OD2 HD2  sing N N 84  
ASP OXT HXT  sing N N 85  
CYS N   CA   sing N N 86  
CYS N   H    sing N N 87  
CYS N   H2   sing N N 88  
CYS CA  C    sing N N 89  
CYS CA  CB   sing N N 90  
CYS CA  HA   sing N N 91  
CYS C   O    doub N N 92  
CYS C   OXT  sing N N 93  
CYS CB  SG   sing N N 94  
CYS CB  HB2  sing N N 95  
CYS CB  HB3  sing N N 96  
CYS SG  HG   sing N N 97  
CYS OXT HXT  sing N N 98  
GLN N   CA   sing N N 99  
GLN N   H    sing N N 100 
GLN N   H2   sing N N 101 
GLN CA  C    sing N N 102 
GLN CA  CB   sing N N 103 
GLN CA  HA   sing N N 104 
GLN C   O    doub N N 105 
GLN C   OXT  sing N N 106 
GLN CB  CG   sing N N 107 
GLN CB  HB2  sing N N 108 
GLN CB  HB3  sing N N 109 
GLN CG  CD   sing N N 110 
GLN CG  HG2  sing N N 111 
GLN CG  HG3  sing N N 112 
GLN CD  OE1  doub N N 113 
GLN CD  NE2  sing N N 114 
GLN NE2 HE21 sing N N 115 
GLN NE2 HE22 sing N N 116 
GLN OXT HXT  sing N N 117 
GLU N   CA   sing N N 118 
GLU N   H    sing N N 119 
GLU N   H2   sing N N 120 
GLU CA  C    sing N N 121 
GLU CA  CB   sing N N 122 
GLU CA  HA   sing N N 123 
GLU C   O    doub N N 124 
GLU C   OXT  sing N N 125 
GLU CB  CG   sing N N 126 
GLU CB  HB2  sing N N 127 
GLU CB  HB3  sing N N 128 
GLU CG  CD   sing N N 129 
GLU CG  HG2  sing N N 130 
GLU CG  HG3  sing N N 131 
GLU CD  OE1  doub N N 132 
GLU CD  OE2  sing N N 133 
GLU OE2 HE2  sing N N 134 
GLU OXT HXT  sing N N 135 
GLY N   CA   sing N N 136 
GLY N   H    sing N N 137 
GLY N   H2   sing N N 138 
GLY CA  C    sing N N 139 
GLY CA  HA2  sing N N 140 
GLY CA  HA3  sing N N 141 
GLY C   O    doub N N 142 
GLY C   OXT  sing N N 143 
GLY OXT HXT  sing N N 144 
HIS N   CA   sing N N 145 
HIS N   H    sing N N 146 
HIS N   H2   sing N N 147 
HIS CA  C    sing N N 148 
HIS CA  CB   sing N N 149 
HIS CA  HA   sing N N 150 
HIS C   O    doub N N 151 
HIS C   OXT  sing N N 152 
HIS CB  CG   sing N N 153 
HIS CB  HB2  sing N N 154 
HIS CB  HB3  sing N N 155 
HIS CG  ND1  sing Y N 156 
HIS CG  CD2  doub Y N 157 
HIS ND1 CE1  doub Y N 158 
HIS ND1 HD1  sing N N 159 
HIS CD2 NE2  sing Y N 160 
HIS CD2 HD2  sing N N 161 
HIS CE1 NE2  sing Y N 162 
HIS CE1 HE1  sing N N 163 
HIS NE2 HE2  sing N N 164 
HIS OXT HXT  sing N N 165 
HOH O   H1   sing N N 166 
HOH O   H2   sing N N 167 
ILE N   CA   sing N N 168 
ILE N   H    sing N N 169 
ILE N   H2   sing N N 170 
ILE CA  C    sing N N 171 
ILE CA  CB   sing N N 172 
ILE CA  HA   sing N N 173 
ILE C   O    doub N N 174 
ILE C   OXT  sing N N 175 
ILE CB  CG1  sing N N 176 
ILE CB  CG2  sing N N 177 
ILE CB  HB   sing N N 178 
ILE CG1 CD1  sing N N 179 
ILE CG1 HG12 sing N N 180 
ILE CG1 HG13 sing N N 181 
ILE CG2 HG21 sing N N 182 
ILE CG2 HG22 sing N N 183 
ILE CG2 HG23 sing N N 184 
ILE CD1 HD11 sing N N 185 
ILE CD1 HD12 sing N N 186 
ILE CD1 HD13 sing N N 187 
ILE OXT HXT  sing N N 188 
LEU N   CA   sing N N 189 
LEU N   H    sing N N 190 
LEU N   H2   sing N N 191 
LEU CA  C    sing N N 192 
LEU CA  CB   sing N N 193 
LEU CA  HA   sing N N 194 
LEU C   O    doub N N 195 
LEU C   OXT  sing N N 196 
LEU CB  CG   sing N N 197 
LEU CB  HB2  sing N N 198 
LEU CB  HB3  sing N N 199 
LEU CG  CD1  sing N N 200 
LEU CG  CD2  sing N N 201 
LEU CG  HG   sing N N 202 
LEU CD1 HD11 sing N N 203 
LEU CD1 HD12 sing N N 204 
LEU CD1 HD13 sing N N 205 
LEU CD2 HD21 sing N N 206 
LEU CD2 HD22 sing N N 207 
LEU CD2 HD23 sing N N 208 
LEU OXT HXT  sing N N 209 
LYS N   CA   sing N N 210 
LYS N   H    sing N N 211 
LYS N   H2   sing N N 212 
LYS CA  C    sing N N 213 
LYS CA  CB   sing N N 214 
LYS CA  HA   sing N N 215 
LYS C   O    doub N N 216 
LYS C   OXT  sing N N 217 
LYS CB  CG   sing N N 218 
LYS CB  HB2  sing N N 219 
LYS CB  HB3  sing N N 220 
LYS CG  CD   sing N N 221 
LYS CG  HG2  sing N N 222 
LYS CG  HG3  sing N N 223 
LYS CD  CE   sing N N 224 
LYS CD  HD2  sing N N 225 
LYS CD  HD3  sing N N 226 
LYS CE  NZ   sing N N 227 
LYS CE  HE2  sing N N 228 
LYS CE  HE3  sing N N 229 
LYS NZ  HZ1  sing N N 230 
LYS NZ  HZ2  sing N N 231 
LYS NZ  HZ3  sing N N 232 
LYS OXT HXT  sing N N 233 
MET N   CA   sing N N 234 
MET N   H    sing N N 235 
MET N   H2   sing N N 236 
MET CA  C    sing N N 237 
MET CA  CB   sing N N 238 
MET CA  HA   sing N N 239 
MET C   O    doub N N 240 
MET C   OXT  sing N N 241 
MET CB  CG   sing N N 242 
MET CB  HB2  sing N N 243 
MET CB  HB3  sing N N 244 
MET CG  SD   sing N N 245 
MET CG  HG2  sing N N 246 
MET CG  HG3  sing N N 247 
MET SD  CE   sing N N 248 
MET CE  HE1  sing N N 249 
MET CE  HE2  sing N N 250 
MET CE  HE3  sing N N 251 
MET OXT HXT  sing N N 252 
PHE N   CA   sing N N 253 
PHE N   H    sing N N 254 
PHE N   H2   sing N N 255 
PHE CA  C    sing N N 256 
PHE CA  CB   sing N N 257 
PHE CA  HA   sing N N 258 
PHE C   O    doub N N 259 
PHE C   OXT  sing N N 260 
PHE CB  CG   sing N N 261 
PHE CB  HB2  sing N N 262 
PHE CB  HB3  sing N N 263 
PHE CG  CD1  doub Y N 264 
PHE CG  CD2  sing Y N 265 
PHE CD1 CE1  sing Y N 266 
PHE CD1 HD1  sing N N 267 
PHE CD2 CE2  doub Y N 268 
PHE CD2 HD2  sing N N 269 
PHE CE1 CZ   doub Y N 270 
PHE CE1 HE1  sing N N 271 
PHE CE2 CZ   sing Y N 272 
PHE CE2 HE2  sing N N 273 
PHE CZ  HZ   sing N N 274 
PHE OXT HXT  sing N N 275 
PRO N   CA   sing N N 276 
PRO N   CD   sing N N 277 
PRO N   H    sing N N 278 
PRO CA  C    sing N N 279 
PRO CA  CB   sing N N 280 
PRO CA  HA   sing N N 281 
PRO C   O    doub N N 282 
PRO C   OXT  sing N N 283 
PRO CB  CG   sing N N 284 
PRO CB  HB2  sing N N 285 
PRO CB  HB3  sing N N 286 
PRO CG  CD   sing N N 287 
PRO CG  HG2  sing N N 288 
PRO CG  HG3  sing N N 289 
PRO CD  HD2  sing N N 290 
PRO CD  HD3  sing N N 291 
PRO OXT HXT  sing N N 292 
SER N   CA   sing N N 293 
SER N   H    sing N N 294 
SER N   H2   sing N N 295 
SER CA  C    sing N N 296 
SER CA  CB   sing N N 297 
SER CA  HA   sing N N 298 
SER C   O    doub N N 299 
SER C   OXT  sing N N 300 
SER CB  OG   sing N N 301 
SER CB  HB2  sing N N 302 
SER CB  HB3  sing N N 303 
SER OG  HG   sing N N 304 
SER OXT HXT  sing N N 305 
THR N   CA   sing N N 306 
THR N   H    sing N N 307 
THR N   H2   sing N N 308 
THR CA  C    sing N N 309 
THR CA  CB   sing N N 310 
THR CA  HA   sing N N 311 
THR C   O    doub N N 312 
THR C   OXT  sing N N 313 
THR CB  OG1  sing N N 314 
THR CB  CG2  sing N N 315 
THR CB  HB   sing N N 316 
THR OG1 HG1  sing N N 317 
THR CG2 HG21 sing N N 318 
THR CG2 HG22 sing N N 319 
THR CG2 HG23 sing N N 320 
THR OXT HXT  sing N N 321 
TRP N   CA   sing N N 322 
TRP N   H    sing N N 323 
TRP N   H2   sing N N 324 
TRP CA  C    sing N N 325 
TRP CA  CB   sing N N 326 
TRP CA  HA   sing N N 327 
TRP C   O    doub N N 328 
TRP C   OXT  sing N N 329 
TRP CB  CG   sing N N 330 
TRP CB  HB2  sing N N 331 
TRP CB  HB3  sing N N 332 
TRP CG  CD1  doub Y N 333 
TRP CG  CD2  sing Y N 334 
TRP CD1 NE1  sing Y N 335 
TRP CD1 HD1  sing N N 336 
TRP CD2 CE2  doub Y N 337 
TRP CD2 CE3  sing Y N 338 
TRP NE1 CE2  sing Y N 339 
TRP NE1 HE1  sing N N 340 
TRP CE2 CZ2  sing Y N 341 
TRP CE3 CZ3  doub Y N 342 
TRP CE3 HE3  sing N N 343 
TRP CZ2 CH2  doub Y N 344 
TRP CZ2 HZ2  sing N N 345 
TRP CZ3 CH2  sing Y N 346 
TRP CZ3 HZ3  sing N N 347 
TRP CH2 HH2  sing N N 348 
TRP OXT HXT  sing N N 349 
TYR N   CA   sing N N 350 
TYR N   H    sing N N 351 
TYR N   H2   sing N N 352 
TYR CA  C    sing N N 353 
TYR CA  CB   sing N N 354 
TYR CA  HA   sing N N 355 
TYR C   O    doub N N 356 
TYR C   OXT  sing N N 357 
TYR CB  CG   sing N N 358 
TYR CB  HB2  sing N N 359 
TYR CB  HB3  sing N N 360 
TYR CG  CD1  doub Y N 361 
TYR CG  CD2  sing Y N 362 
TYR CD1 CE1  sing Y N 363 
TYR CD1 HD1  sing N N 364 
TYR CD2 CE2  doub Y N 365 
TYR CD2 HD2  sing N N 366 
TYR CE1 CZ   doub Y N 367 
TYR CE1 HE1  sing N N 368 
TYR CE2 CZ   sing Y N 369 
TYR CE2 HE2  sing N N 370 
TYR CZ  OH   sing N N 371 
TYR OH  HH   sing N N 372 
TYR OXT HXT  sing N N 373 
VAL N   CA   sing N N 374 
VAL N   H    sing N N 375 
VAL N   H2   sing N N 376 
VAL CA  C    sing N N 377 
VAL CA  CB   sing N N 378 
VAL CA  HA   sing N N 379 
VAL C   O    doub N N 380 
VAL C   OXT  sing N N 381 
VAL CB  CG1  sing N N 382 
VAL CB  CG2  sing N N 383 
VAL CB  HB   sing N N 384 
VAL CG1 HG11 sing N N 385 
VAL CG1 HG12 sing N N 386 
VAL CG1 HG13 sing N N 387 
VAL CG2 HG21 sing N N 388 
VAL CG2 HG22 sing N N 389 
VAL CG2 HG23 sing N N 390 
VAL OXT HXT  sing N N 391 
# 
_atom_sites.entry_id                    5HWH 
_atom_sites.fract_transf_matrix[1][1]   0.00718883 
_atom_sites.fract_transf_matrix[1][2]   0.01220298 
_atom_sites.fract_transf_matrix[1][3]   0.00872003 
_atom_sites.fract_transf_matrix[2][1]   -0.00246998 
_atom_sites.fract_transf_matrix[2][2]   0.00106065 
_atom_sites.fract_transf_matrix[2][3]   0.01641334 
_atom_sites.fract_transf_matrix[3][1]   0.00914913 
_atom_sites.fract_transf_matrix[3][2]   -0.00668221 
_atom_sites.fract_transf_matrix[3][3]   0.00180863 
_atom_sites.fract_transf_vector[1]      0.401878 
_atom_sites.fract_transf_vector[2]      0.355569 
_atom_sites.fract_transf_vector[3]      0.152138 
# 
loop_
_atom_type.symbol 
C 
H 
N 
O 
S 
# 
loop_
_atom_site.group_PDB 
_atom_site.id 
_atom_site.type_symbol 
_atom_site.label_atom_id 
_atom_site.label_alt_id 
_atom_site.label_comp_id 
_atom_site.label_asym_id 
_atom_site.label_entity_id 
_atom_site.label_seq_id 
_atom_site.pdbx_PDB_ins_code 
_atom_site.Cartn_x 
_atom_site.Cartn_y 
_atom_site.Cartn_z 
_atom_site.occupancy 
_atom_site.B_iso_or_equiv 
_atom_site.pdbx_formal_charge 
_atom_site.auth_seq_id 
_atom_site.auth_comp_id 
_atom_site.auth_asym_id 
_atom_site.auth_atom_id 
_atom_site.pdbx_PDB_model_num 
ATOM   1    N N   . PRO A 1 13  ? -8.575  -20.566 -7.677  1.00 61.59 ? 4   PRO A N   1 
ATOM   2    C CA  . PRO A 1 13  ? -7.440  -20.647 -6.752  1.00 58.59 ? 4   PRO A CA  1 
ATOM   3    C C   . PRO A 1 13  ? -6.909  -19.269 -6.372  1.00 53.23 ? 4   PRO A C   1 
ATOM   4    O O   . PRO A 1 13  ? -6.430  -18.537 -7.245  1.00 54.05 ? 4   PRO A O   1 
ATOM   5    C CB  . PRO A 1 13  ? -6.396  -21.424 -7.557  1.00 58.81 ? 4   PRO A CB  1 
ATOM   6    C CG  . PRO A 1 13  ? -6.666  -21.017 -8.974  1.00 59.00 ? 4   PRO A CG  1 
ATOM   7    C CD  . PRO A 1 13  ? -8.169  -20.825 -9.071  1.00 62.48 ? 4   PRO A CD  1 
ATOM   8    N N   . ARG A 1 14  ? -6.998  -18.923 -5.092  1.00 47.80 ? 5   ARG A N   1 
ATOM   9    C CA  . ARG A 1 14  ? -6.494  -17.643 -4.609  1.00 42.48 ? 5   ARG A CA  1 
ATOM   10   C C   . ARG A 1 14  ? -4.991  -17.505 -4.813  1.00 41.51 ? 5   ARG A C   1 
ATOM   11   O O   . ARG A 1 14  ? -4.221  -18.353 -4.358  1.00 43.56 ? 5   ARG A O   1 
ATOM   12   C CB  . ARG A 1 14  ? -6.818  -17.459 -3.121  1.00 39.70 ? 5   ARG A CB  1 
ATOM   13   C CG  . ARG A 1 14  ? -5.837  -16.530 -2.405  1.00 38.45 ? 5   ARG A CG  1 
ATOM   14   C CD  . ARG A 1 14  ? -6.262  -16.182 -0.981  1.00 36.16 ? 5   ARG A CD  1 
ATOM   15   N NE  . ARG A 1 14  ? -7.522  -15.442 -0.943  1.00 37.44 ? 5   ARG A NE  1 
ATOM   16   C CZ  . ARG A 1 14  ? -7.957  -14.768 0.115   1.00 33.39 ? 5   ARG A CZ  1 
ATOM   17   N NH1 . ARG A 1 14  ? -9.120  -14.129 0.070   1.00 36.40 ? 5   ARG A NH1 1 
ATOM   18   N NH2 . ARG A 1 14  ? -7.223  -14.731 1.222   1.00 34.99 ? 5   ARG A NH2 1 
ATOM   19   N N   . ARG A 1 15  ? -4.572  -16.443 -5.499  1.00 31.97 ? 6   ARG A N   1 
ATOM   20   C CA  . ARG A 1 15  ? -3.170  -16.057 -5.451  1.00 30.73 ? 6   ARG A CA  1 
ATOM   21   C C   . ARG A 1 15  ? -3.021  -14.682 -4.818  1.00 29.80 ? 6   ARG A C   1 
ATOM   22   O O   . ARG A 1 15  ? -3.592  -13.700 -5.295  1.00 26.59 ? 6   ARG A O   1 
ATOM   23   C CB  . ARG A 1 15  ? -2.506  -16.048 -6.827  1.00 33.81 ? 6   ARG A CB  1 
ATOM   24   C CG  . ARG A 1 15  ? -0.997  -15.784 -6.683  1.00 38.07 ? 6   ARG A CG  1 
ATOM   25   C CD  . ARG A 1 15  ? -0.211  -15.813 -7.990  1.00 42.04 ? 6   ARG A CD  1 
ATOM   26   N NE  . ARG A 1 15  ? 1.231   -15.918 -7.748  1.00 42.36 ? 6   ARG A NE  1 
ATOM   27   C CZ  . ARG A 1 15  ? 2.155   -16.014 -8.703  1.00 49.02 ? 6   ARG A CZ  1 
ATOM   28   N NH1 . ARG A 1 15  ? 1.797   -16.007 -9.981  1.00 47.16 ? 6   ARG A NH1 1 
ATOM   29   N NH2 . ARG A 1 15  ? 3.441   -16.119 -8.381  1.00 46.22 ? 6   ARG A NH2 1 
ATOM   30   N N   . THR A 1 16  ? -2.242  -14.642 -3.746  1.00 26.05 ? 7   THR A N   1 
ATOM   31   C CA  . THR A 1 16  ? -1.954  -13.414 -3.017  1.00 25.23 ? 7   THR A CA  1 
ATOM   32   C C   . THR A 1 16  ? -0.740  -12.680 -3.572  1.00 25.86 ? 7   THR A C   1 
ATOM   33   O O   . THR A 1 16  ? 0.287   -13.293 -3.878  1.00 25.07 ? 7   THR A O   1 
ATOM   34   C CB  . THR A 1 16  ? -1.715  -13.720 -1.539  1.00 23.77 ? 7   THR A CB  1 
ATOM   35   O OG1 . THR A 1 16  ? -2.893  -14.323 -0.993  1.00 24.66 ? 7   THR A OG1 1 
ATOM   36   C CG2 . THR A 1 16  ? -1.376  -12.445 -0.763  1.00 25.94 ? 7   THR A CG2 1 
ATOM   37   N N   . VAL A 1 17  ? -0.875  -11.362 -3.699  1.00 21.45 ? 8   VAL A N   1 
ATOM   38   C CA  . VAL A 1 17  ? 0.226   -10.479 -4.064  1.00 20.59 ? 8   VAL A CA  1 
ATOM   39   C C   . VAL A 1 17  ? 0.304   -9.356  -3.034  1.00 21.15 ? 8   VAL A C   1 
ATOM   40   O O   . VAL A 1 17  ? -0.721  -8.812  -2.630  1.00 21.00 ? 8   VAL A O   1 
ATOM   41   C CB  . VAL A 1 17  ? 0.038   -9.882  -5.484  1.00 22.26 ? 8   VAL A CB  1 
ATOM   42   C CG1 . VAL A 1 17  ? 1.118   -8.850  -5.790  1.00 23.35 ? 8   VAL A CG1 1 
ATOM   43   C CG2 . VAL A 1 17  ? 0.033   -10.995 -6.526  1.00 23.83 ? 8   VAL A CG2 1 
ATOM   44   N N   . VAL A 1 18  ? 1.510   -9.032  -2.590  1.00 17.79 ? 9   VAL A N   1 
ATOM   45   C CA  . VAL A 1 18  ? 1.707   -7.889  -1.721  1.00 18.47 ? 9   VAL A CA  1 
ATOM   46   C C   . VAL A 1 18  ? 1.908   -6.664  -2.596  1.00 20.81 ? 9   VAL A C   1 
ATOM   47   O O   . VAL A 1 18  ? 2.733   -6.667  -3.514  1.00 20.16 ? 9   VAL A O   1 
ATOM   48   C CB  . VAL A 1 18  ? 2.901   -8.077  -0.784  1.00 18.18 ? 9   VAL A CB  1 
ATOM   49   C CG1 . VAL A 1 18  ? 3.253   -6.771  -0.089  1.00 20.22 ? 9   VAL A CG1 1 
ATOM   50   C CG2 . VAL A 1 18  ? 2.600   -9.171  0.226   1.00 21.33 ? 9   VAL A CG2 1 
ATOM   51   N N   . LEU A 1 19  ? 1.138   -5.619  -2.324  1.00 16.62 ? 10  LEU A N   1 
ATOM   52   C CA  . LEU A 1 19  ? 1.194   -4.406  -3.125  1.00 17.27 ? 10  LEU A CA  1 
ATOM   53   C C   . LEU A 1 19  ? 1.709   -3.284  -2.239  1.00 17.98 ? 10  LEU A C   1 
ATOM   54   O O   . LEU A 1 19  ? 1.047   -2.889  -1.280  1.00 16.21 ? 10  LEU A O   1 
ATOM   55   C CB  . LEU A 1 19  ? -0.183  -4.080  -3.699  1.00 17.63 ? 10  LEU A CB  1 
ATOM   56   C CG  . LEU A 1 19  ? -0.305  -2.885  -4.644  1.00 16.81 ? 10  LEU A CG  1 
ATOM   57   C CD1 . LEU A 1 19  ? 0.499   -3.126  -5.931  1.00 19.70 ? 10  LEU A CD1 1 
ATOM   58   C CD2 . LEU A 1 19  ? -1.772  -2.584  -4.956  1.00 18.67 ? 10  LEU A CD2 1 
ATOM   59   N N   . ALA A 1 20  ? 2.905   -2.800  -2.543  1.00 15.76 ? 11  ALA A N   1 
ATOM   60   C CA  . ALA A 1 20  ? 3.580   -1.833  -1.691  1.00 16.17 ? 11  ALA A CA  1 
ATOM   61   C C   . ALA A 1 20  ? 3.551   -0.480  -2.375  1.00 16.82 ? 11  ALA A C   1 
ATOM   62   O O   . ALA A 1 20  ? 4.191   -0.301  -3.396  1.00 16.66 ? 11  ALA A O   1 
ATOM   63   C CB  . ALA A 1 20  ? 5.021   -2.277  -1.400  1.00 14.65 ? 11  ALA A CB  1 
ATOM   64   N N   . ILE A 1 21  ? 2.798   0.464   -1.812  1.00 15.42 ? 12  ILE A N   1 
ATOM   65   C CA  . ILE A 1 21  ? 2.461   1.711   -2.507  1.00 14.15 ? 12  ILE A CA  1 
ATOM   66   C C   . ILE A 1 21  ? 3.204   2.934   -1.982  1.00 15.09 ? 12  ILE A C   1 
ATOM   67   O O   . ILE A 1 21  ? 3.135   3.251   -0.794  1.00 14.73 ? 12  ILE A O   1 
ATOM   68   C CB  . ILE A 1 21  ? 0.946   2.001   -2.400  1.00 15.38 ? 12  ILE A CB  1 
ATOM   69   C CG1 . ILE A 1 21  ? 0.138   0.804   -2.911  1.00 15.08 ? 12  ILE A CG1 1 
ATOM   70   C CG2 . ILE A 1 21  ? 0.586   3.298   -3.138  1.00 14.82 ? 12  ILE A CG2 1 
ATOM   71   C CD1 . ILE A 1 21  ? -1.398  0.907   -2.646  1.00 15.50 ? 12  ILE A CD1 1 
ATOM   72   N N   . ASP A 1 22  ? 3.920   3.607   -2.885  1.00 15.59 ? 13  ASP A N   1 
ATOM   73   C CA  . ASP A 1 22  ? 4.527   4.915   -2.638  1.00 15.88 ? 13  ASP A CA  1 
ATOM   74   C C   . ASP A 1 22  ? 5.345   5.007   -1.351  1.00 15.08 ? 13  ASP A C   1 
ATOM   75   O O   . ASP A 1 22  ? 5.319   6.031   -0.672  1.00 14.75 ? 13  ASP A O   1 
ATOM   76   C CB  . ASP A 1 22  ? 3.446   6.018   -2.629  1.00 15.57 ? 13  ASP A CB  1 
ATOM   77   C CG  . ASP A 1 22  ? 2.761   6.195   -3.984  1.00 16.97 ? 13  ASP A CG  1 
ATOM   78   O OD1 . ASP A 1 22  ? 3.142   5.501   -4.950  1.00 15.59 ? 13  ASP A OD1 1 
ATOM   79   O OD2 . ASP A 1 22  ? 1.834   7.039   -4.087  1.00 15.49 ? 13  ASP A OD2 1 
ATOM   80   N N   . LEU A 1 23  ? 6.104   3.956   -1.033  1.00 15.71 ? 14  LEU A N   1 
ATOM   81   C CA  . LEU A 1 23  ? 6.961   3.995   0.152   1.00 15.61 ? 14  LEU A CA  1 
ATOM   82   C C   . LEU A 1 23  ? 8.291   4.639   -0.227  1.00 16.74 ? 14  LEU A C   1 
ATOM   83   O O   . LEU A 1 23  ? 9.360   4.018   -0.158  1.00 17.60 ? 14  LEU A O   1 
ATOM   84   C CB  . LEU A 1 23  ? 7.157   2.588   0.737   1.00 15.75 ? 14  LEU A CB  1 
ATOM   85   C CG  . LEU A 1 23  ? 5.868   2.034   1.351   1.00 16.89 ? 14  LEU A CG  1 
ATOM   86   C CD1 . LEU A 1 23  ? 5.992   0.535   1.685   1.00 17.94 ? 14  LEU A CD1 1 
ATOM   87   C CD2 . LEU A 1 23  ? 5.504   2.847   2.582   1.00 14.08 ? 14  LEU A CD2 1 
ATOM   88   N N   . GLN A 1 24  ? 8.199   5.905   -0.624  1.00 14.76 ? 15  GLN A N   1 
ATOM   89   C CA  . GLN A 1 24  ? 9.310   6.607   -1.258  1.00 16.19 ? 15  GLN A CA  1 
ATOM   90   C C   . GLN A 1 24  ? 9.949   7.587   -0.303  1.00 15.70 ? 15  GLN A C   1 
ATOM   91   O O   . GLN A 1 24  ? 9.311   8.092   0.624   1.00 17.47 ? 15  GLN A O   1 
ATOM   92   C CB  . GLN A 1 24  ? 8.819   7.323   -2.522  1.00 15.49 ? 15  GLN A CB  1 
ATOM   93   C CG  . GLN A 1 24  ? 8.325   6.362   -3.586  1.00 15.02 ? 15  GLN A CG  1 
ATOM   94   C CD  . GLN A 1 24  ? 7.472   7.038   -4.633  1.00 18.98 ? 15  GLN A CD  1 
ATOM   95   O OE1 . GLN A 1 24  ? 6.234   7.069   -4.526  1.00 17.45 ? 15  GLN A OE1 1 
ATOM   96   N NE2 . GLN A 1 24  ? 8.121   7.581   -5.664  1.00 16.09 ? 15  GLN A NE2 1 
ATOM   97   N N   . ALA A 1 25  ? 11.227  7.858   -0.543  1.00 16.46 ? 16  ALA A N   1 
ATOM   98   C CA  . ALA A 1 25  ? 12.028  8.668   0.349   1.00 17.83 ? 16  ALA A CA  1 
ATOM   99   C C   . ALA A 1 25  ? 11.482  10.080  0.482   1.00 18.95 ? 16  ALA A C   1 
ATOM   100  O O   . ALA A 1 25  ? 11.653  10.722  1.515   1.00 22.08 ? 16  ALA A O   1 
ATOM   101  C CB  . ALA A 1 25  ? 13.470  8.696   -0.146  1.00 19.35 ? 16  ALA A CB  1 
ATOM   102  N N   . GLY A 1 26  ? 10.815  10.560  -0.561  1.00 18.41 ? 17  GLY A N   1 
ATOM   103  C CA  . GLY A 1 26  ? 10.222  11.885  -0.530  1.00 18.83 ? 17  GLY A CA  1 
ATOM   104  C C   . GLY A 1 26  ? 8.798   11.920  0.003   1.00 21.60 ? 17  GLY A C   1 
ATOM   105  O O   . GLY A 1 26  ? 8.208   12.996  0.135   1.00 22.69 ? 17  GLY A O   1 
ATOM   106  N N   . VAL A 1 27  ? 8.239   10.754  0.309   1.00 17.04 ? 18  VAL A N   1 
ATOM   107  C CA  . VAL A 1 27  ? 6.843   10.680  0.746   1.00 15.93 ? 18  VAL A CA  1 
ATOM   108  C C   . VAL A 1 27  ? 6.712   10.434  2.251   1.00 19.90 ? 18  VAL A C   1 
ATOM   109  O O   . VAL A 1 27  ? 5.882   11.058  2.924   1.00 19.95 ? 18  VAL A O   1 
ATOM   110  C CB  . VAL A 1 27  ? 6.089   9.576   -0.029  1.00 17.00 ? 18  VAL A CB  1 
ATOM   111  C CG1 . VAL A 1 27  ? 4.658   9.390   0.516   1.00 16.34 ? 18  VAL A CG1 1 
ATOM   112  C CG2 . VAL A 1 27  ? 6.043   9.912   -1.512  1.00 17.37 ? 18  VAL A CG2 1 
ATOM   113  N N   . THR A 1 28  ? 7.531   9.539   2.792   1.00 17.56 ? 19  THR A N   1 
ATOM   114  C CA  . THR A 1 28  ? 7.310   9.076   4.161   1.00 16.87 ? 19  THR A CA  1 
ATOM   115  C C   . THR A 1 28  ? 7.833   10.015  5.261   1.00 19.23 ? 19  THR A C   1 
ATOM   116  O O   . THR A 1 28  ? 7.339   9.960   6.387   1.00 18.88 ? 19  THR A O   1 
ATOM   117  C CB  . THR A 1 28  ? 7.912   7.659   4.377   1.00 20.99 ? 19  THR A CB  1 
ATOM   118  O OG1 . THR A 1 28  ? 9.282   7.634   3.973   1.00 18.96 ? 19  THR A OG1 1 
ATOM   119  C CG2 . THR A 1 28  ? 7.148   6.626   3.562   1.00 20.73 ? 19  THR A CG2 1 
ATOM   120  N N   . PRO A 1 29  ? 8.811   10.891  4.958   1.00 19.89 ? 20  PRO A N   1 
ATOM   121  C CA  . PRO A 1 29  ? 9.279   11.739  6.065   1.00 21.59 ? 20  PRO A CA  1 
ATOM   122  C C   . PRO A 1 29  ? 8.184   12.610  6.663   1.00 22.56 ? 20  PRO A C   1 
ATOM   123  O O   . PRO A 1 29  ? 7.389   13.208  5.939   1.00 21.78 ? 20  PRO A O   1 
ATOM   124  C CB  . PRO A 1 29  ? 10.362  12.603  5.411   1.00 25.15 ? 20  PRO A CB  1 
ATOM   125  C CG  . PRO A 1 29  ? 10.895  11.734  4.315   1.00 23.70 ? 20  PRO A CG  1 
ATOM   126  C CD  . PRO A 1 29  ? 9.669   11.037  3.764   1.00 21.18 ? 20  PRO A CD  1 
ATOM   127  N N   . GLY A 1 30  ? 8.138   12.656  7.990   1.00 19.17 ? 21  GLY A N   1 
ATOM   128  C CA  . GLY A 1 30  ? 7.133   13.436  8.679   1.00 22.06 ? 21  GLY A CA  1 
ATOM   129  C C   . GLY A 1 30  ? 5.837   12.679  8.919   1.00 20.68 ? 21  GLY A C   1 
ATOM   130  O O   . GLY A 1 30  ? 4.981   13.149  9.669   1.00 21.30 ? 21  GLY A O   1 
ATOM   131  N N   . CYS A 1 31  ? 5.681   11.521  8.282   1.00 17.77 ? 22  CYS A N   1 
ATOM   132  C CA  . CYS A 1 31  ? 4.496   10.691  8.508   1.00 17.00 ? 22  CYS A CA  1 
ATOM   133  C C   . CYS A 1 31  ? 4.456   10.147  9.928   1.00 20.46 ? 22  CYS A C   1 
ATOM   134  O O   . CYS A 1 31  ? 5.498   9.892   10.535  1.00 17.92 ? 22  CYS A O   1 
ATOM   135  C CB  . CYS A 1 31  ? 4.447   9.524   7.525   1.00 16.29 ? 22  CYS A CB  1 
ATOM   136  S SG  . CYS A 1 31  ? 3.899   10.008  5.880   1.00 17.39 ? 22  CYS A SG  1 
ATOM   137  N N   . PHE A 1 32  ? 3.244   9.978   10.453  1.00 17.60 ? 23  PHE A N   1 
ATOM   138  C CA  . PHE A 1 32  ? 3.055   9.357   11.761  1.00 18.03 ? 23  PHE A CA  1 
ATOM   139  C C   . PHE A 1 32  ? 3.766   8.010   11.903  1.00 19.48 ? 23  PHE A C   1 
ATOM   140  O O   . PHE A 1 32  ? 3.598   7.125   11.061  1.00 17.15 ? 23  PHE A O   1 
ATOM   141  C CB  . PHE A 1 32  ? 1.564   9.158   12.039  1.00 17.26 ? 23  PHE A CB  1 
ATOM   142  C CG  . PHE A 1 32  ? 1.290   8.388   13.306  1.00 18.12 ? 23  PHE A CG  1 
ATOM   143  C CD1 . PHE A 1 32  ? 1.610   8.939   14.534  1.00 21.85 ? 23  PHE A CD1 1 
ATOM   144  C CD2 . PHE A 1 32  ? 0.731   7.123   13.260  1.00 18.67 ? 23  PHE A CD2 1 
ATOM   145  C CE1 . PHE A 1 32  ? 1.367   8.230   15.711  1.00 22.88 ? 23  PHE A CE1 1 
ATOM   146  C CE2 . PHE A 1 32  ? 0.490   6.415   14.424  1.00 23.04 ? 23  PHE A CE2 1 
ATOM   147  C CZ  . PHE A 1 32  ? 0.806   6.973   15.645  1.00 20.62 ? 23  PHE A CZ  1 
ATOM   148  N N   . ASP A 1 33  ? 4.544   7.846   12.977  1.00 18.11 ? 24  ASP A N   1 
ATOM   149  C CA  . ASP A 1 33  ? 5.140   6.542   13.284  1.00 19.04 ? 24  ASP A CA  1 
ATOM   150  C C   . ASP A 1 33  ? 5.989   6.038   12.107  1.00 17.93 ? 24  ASP A C   1 
ATOM   151  O O   . ASP A 1 33  ? 6.037   4.854   11.826  1.00 18.96 ? 24  ASP A O   1 
ATOM   152  C CB  . ASP A 1 33  ? 4.035   5.530   13.631  1.00 22.75 ? 24  ASP A CB  1 
ATOM   153  C CG  . ASP A 1 33  ? 4.564   4.263   14.299  1.00 27.09 ? 24  ASP A CG  1 
ATOM   154  O OD1 . ASP A 1 33  ? 5.667   4.298   14.892  1.00 25.01 ? 24  ASP A OD1 1 
ATOM   155  O OD2 . ASP A 1 33  ? 3.856   3.232   14.236  1.00 28.16 ? 24  ASP A OD2 1 
ATOM   156  N N   . GLU A 1 34  ? 6.646   6.961   11.423  1.00 19.58 ? 25  GLU A N   1 
ATOM   157  C CA  . GLU A 1 34  ? 7.356   6.651   10.183  1.00 19.73 ? 25  GLU A CA  1 
ATOM   158  C C   . GLU A 1 34  ? 8.327   5.470   10.280  1.00 18.65 ? 25  GLU A C   1 
ATOM   159  O O   . GLU A 1 34  ? 8.247   4.521   9.490   1.00 17.93 ? 25  GLU A O   1 
ATOM   160  C CB  . GLU A 1 34  ? 8.126   7.883   9.698   1.00 20.30 ? 25  GLU A CB  1 
ATOM   161  C CG  . GLU A 1 34  ? 8.907   7.603   8.428   1.00 24.04 ? 25  GLU A CG  1 
ATOM   162  C CD  . GLU A 1 34  ? 9.924   8.677   8.100   1.00 29.45 ? 25  GLU A CD  1 
ATOM   163  O OE1 . GLU A 1 34  ? 10.185  9.548   8.956   1.00 31.38 ? 25  GLU A OE1 1 
ATOM   164  O OE2 . GLU A 1 34  ? 10.441  8.655   6.968   1.00 32.68 ? 25  GLU A OE2 1 
ATOM   165  N N   . GLU A 1 35  ? 9.251   5.534   11.238  1.00 21.55 ? 26  GLU A N   1 
ATOM   166  C CA  . GLU A 1 35  ? 10.262  4.488   11.361  1.00 24.57 ? 26  GLU A CA  1 
ATOM   167  C C   . GLU A 1 35  ? 9.623   3.124   11.604  1.00 20.85 ? 26  GLU A C   1 
ATOM   168  O O   . GLU A 1 35  ? 10.006  2.142   10.979  1.00 23.62 ? 26  GLU A O   1 
ATOM   169  C CB  . GLU A 1 35  ? 11.252  4.807   12.487  1.00 28.37 ? 26  GLU A CB  1 
ATOM   170  C CG  . GLU A 1 35  ? 12.197  3.646   12.781  1.00 31.57 ? 26  GLU A CG  1 
ATOM   171  C CD  . GLU A 1 35  ? 13.361  4.030   13.686  1.00 46.05 ? 26  GLU A CD  1 
ATOM   172  O OE1 . GLU A 1 35  ? 13.409  5.189   14.159  1.00 44.41 ? 26  GLU A OE1 1 
ATOM   173  O OE2 . GLU A 1 35  ? 14.237  3.163   13.915  1.00 50.74 ? 26  GLU A OE2 1 
ATOM   174  N N   . GLY A 1 36  ? 8.642   3.070   12.499  1.00 22.47 ? 27  GLY A N   1 
ATOM   175  C CA  . GLY A 1 36  ? 7.962   1.822   12.803  1.00 19.32 ? 27  GLY A CA  1 
ATOM   176  C C   . GLY A 1 36  ? 7.219   1.231   11.621  1.00 20.89 ? 27  GLY A C   1 
ATOM   177  O O   . GLY A 1 36  ? 7.326   0.045   11.334  1.00 18.62 ? 27  GLY A O   1 
ATOM   178  N N   . VAL A 1 37  ? 6.463   2.069   10.923  1.00 18.21 ? 28  VAL A N   1 
ATOM   179  C CA  . VAL A 1 37  ? 5.737   1.641   9.738   1.00 16.93 ? 28  VAL A CA  1 
ATOM   180  C C   . VAL A 1 37  ? 6.672   1.111   8.650   1.00 15.58 ? 28  VAL A C   1 
ATOM   181  O O   . VAL A 1 37  ? 6.405   0.082   8.050   1.00 17.84 ? 28  VAL A O   1 
ATOM   182  C CB  . VAL A 1 37  ? 4.878   2.804   9.175   1.00 16.24 ? 28  VAL A CB  1 
ATOM   183  C CG1 . VAL A 1 37  ? 4.346   2.468   7.787   1.00 14.58 ? 28  VAL A CG1 1 
ATOM   184  C CG2 . VAL A 1 37  ? 3.730   3.121   10.141  1.00 18.57 ? 28  VAL A CG2 1 
ATOM   185  N N   . LEU A 1 38  ? 7.768   1.819   8.392   1.00 18.37 ? 29  LEU A N   1 
ATOM   186  C CA  . LEU A 1 38  ? 8.735   1.370   7.391   1.00 19.43 ? 29  LEU A CA  1 
ATOM   187  C C   . LEU A 1 38  ? 9.352   0.029   7.809   1.00 20.38 ? 29  LEU A C   1 
ATOM   188  O O   . LEU A 1 38  ? 9.544   -0.866  6.987   1.00 19.88 ? 29  LEU A O   1 
ATOM   189  C CB  . LEU A 1 38  ? 9.820   2.428   7.186   1.00 19.22 ? 29  LEU A CB  1 
ATOM   190  C CG  . LEU A 1 38  ? 9.378   3.598   6.303   1.00 20.68 ? 29  LEU A CG  1 
ATOM   191  C CD1 . LEU A 1 38  ? 10.408  4.720   6.276   1.00 23.19 ? 29  LEU A CD1 1 
ATOM   192  C CD2 . LEU A 1 38  ? 9.113   3.084   4.906   1.00 23.55 ? 29  LEU A CD2 1 
ATOM   193  N N   . SER A 1 39  ? 9.632   -0.099  9.099   1.00 19.60 ? 30  SER A N   1 
ATOM   194  C CA  . SER A 1 39  ? 10.177  -1.341  9.651   1.00 21.44 ? 30  SER A CA  1 
ATOM   195  C C   . SER A 1 39  ? 9.223   -2.531  9.471   1.00 20.81 ? 30  SER A C   1 
ATOM   196  O O   . SER A 1 39  ? 9.634   -3.639  9.118   1.00 21.78 ? 30  SER A O   1 
ATOM   197  C CB  . SER A 1 39  ? 10.504  -1.142  11.136  1.00 22.95 ? 30  SER A CB  1 
ATOM   198  O OG  . SER A 1 39  ? 10.953  -2.351  11.716  1.00 32.71 ? 30  SER A OG  1 
ATOM   199  N N   . ARG A 1 40  ? 7.938   -2.306  9.713   1.00 20.89 ? 31  ARG A N   1 
ATOM   200  C CA  . ARG A 1 40  ? 6.975   -3.393  9.615   1.00 19.21 ? 31  ARG A CA  1 
ATOM   201  C C   . ARG A 1 40  ? 6.656   -3.714  8.155   1.00 18.32 ? 31  ARG A C   1 
ATOM   202  O O   . ARG A 1 40  ? 6.402   -4.865  7.811   1.00 19.27 ? 31  ARG A O   1 
ATOM   203  C CB  . ARG A 1 40  ? 5.714   -3.044  10.418  1.00 18.55 ? 31  ARG A CB  1 
ATOM   204  C CG  . ARG A 1 40  ? 6.013   -3.001  11.929  1.00 20.45 ? 31  ARG A CG  1 
ATOM   205  C CD  . ARG A 1 40  ? 4.776   -2.743  12.785  1.00 20.33 ? 31  ARG A CD  1 
ATOM   206  N NE  . ARG A 1 40  ? 4.235   -1.401  12.593  1.00 19.33 ? 31  ARG A NE  1 
ATOM   207  C CZ  . ARG A 1 40  ? 4.559   -0.337  13.323  1.00 20.30 ? 31  ARG A CZ  1 
ATOM   208  N NH1 . ARG A 1 40  ? 5.443   -0.429  14.308  1.00 21.60 ? 31  ARG A NH1 1 
ATOM   209  N NH2 . ARG A 1 40  ? 3.996   0.836   13.069  1.00 21.88 ? 31  ARG A NH2 1 
ATOM   210  N N   . ALA A 1 41  ? 6.688   -2.700  7.290   1.00 19.24 ? 32  ALA A N   1 
ATOM   211  C CA  . ALA A 1 41  ? 6.544   -2.948  5.862   1.00 18.91 ? 32  ALA A CA  1 
ATOM   212  C C   . ALA A 1 41  ? 7.692   -3.835  5.374   1.00 17.35 ? 32  ALA A C   1 
ATOM   213  O O   . ALA A 1 41  ? 7.487   -4.766  4.598   1.00 18.74 ? 32  ALA A O   1 
ATOM   214  C CB  . ALA A 1 41  ? 6.516   -1.625  5.073   1.00 18.08 ? 32  ALA A CB  1 
ATOM   215  N N   . ALA A 1 42  ? 8.900   -3.520  5.826   1.00 18.99 ? 33  ALA A N   1 
ATOM   216  C CA  . ALA A 1 42  ? 10.078  -4.285  5.438   1.00 21.88 ? 33  ALA A CA  1 
ATOM   217  C C   . ALA A 1 42  ? 9.941   -5.731  5.894   1.00 21.28 ? 33  ALA A C   1 
ATOM   218  O O   . ALA A 1 42  ? 10.248  -6.657  5.146   1.00 22.88 ? 33  ALA A O   1 
ATOM   219  C CB  . ALA A 1 42  ? 11.339  -3.663  6.021   1.00 22.98 ? 33  ALA A CB  1 
ATOM   220  N N   . ALA A 1 43  ? 9.474   -5.913  7.126   1.00 22.69 ? 34  ALA A N   1 
ATOM   221  C CA  . ALA A 1 43  ? 9.277   -7.253  7.679   1.00 22.64 ? 34  ALA A CA  1 
ATOM   222  C C   . ALA A 1 43  ? 8.244   -8.033  6.873   1.00 26.90 ? 34  ALA A C   1 
ATOM   223  O O   . ALA A 1 43  ? 8.414   -9.233  6.610   1.00 24.60 ? 34  ALA A O   1 
ATOM   224  C CB  . ALA A 1 43  ? 8.860   -7.171  9.138   1.00 23.11 ? 34  ALA A CB  1 
ATOM   225  N N   . LEU A 1 44  ? 7.169   -7.348  6.486   1.00 22.72 ? 35  LEU A N   1 
ATOM   226  C CA  . LEU A 1 44  ? 6.131   -7.948  5.661   1.00 20.21 ? 35  LEU A CA  1 
ATOM   227  C C   . LEU A 1 44  ? 6.694   -8.442  4.333   1.00 22.60 ? 35  LEU A C   1 
ATOM   228  O O   . LEU A 1 44  ? 6.404   -9.556  3.894   1.00 21.88 ? 35  LEU A O   1 
ATOM   229  C CB  . LEU A 1 44  ? 5.000   -6.931  5.409   1.00 19.14 ? 35  LEU A CB  1 
ATOM   230  C CG  . LEU A 1 44  ? 3.820   -7.322  4.519   1.00 21.11 ? 35  LEU A CG  1 
ATOM   231  C CD1 . LEU A 1 44  ? 2.890   -8.324  5.203   1.00 22.91 ? 35  LEU A CD1 1 
ATOM   232  C CD2 . LEU A 1 44  ? 3.042   -6.069  4.098   1.00 19.55 ? 35  LEU A CD2 1 
ATOM   233  N N   . VAL A 1 45  ? 7.469   -7.589  3.673   1.00 21.60 ? 36  VAL A N   1 
ATOM   234  C CA  . VAL A 1 45  ? 8.041   -7.948  2.387   1.00 21.78 ? 36  VAL A CA  1 
ATOM   235  C C   . VAL A 1 45  ? 8.993   -9.146  2.542   1.00 22.04 ? 36  VAL A C   1 
ATOM   236  O O   . VAL A 1 45  ? 8.994   -10.040 1.701   1.00 24.39 ? 36  VAL A O   1 
ATOM   237  C CB  . VAL A 1 45  ? 8.781   -6.758  1.746   1.00 24.34 ? 36  VAL A CB  1 
ATOM   238  C CG1 . VAL A 1 45  ? 9.529   -7.204  0.491   1.00 23.84 ? 36  VAL A CG1 1 
ATOM   239  C CG2 . VAL A 1 45  ? 7.782   -5.636  1.404   1.00 21.00 ? 36  VAL A CG2 1 
ATOM   240  N N   . GLU A 1 46  ? 9.775   -9.169  3.620   1.00 22.64 ? 37  GLU A N   1 
ATOM   241  C CA  . GLU A 1 46  ? 10.650  -10.319 3.893   1.00 27.47 ? 37  GLU A CA  1 
ATOM   242  C C   . GLU A 1 46  ? 9.843   -11.602 4.039   1.00 28.96 ? 37  GLU A C   1 
ATOM   243  O O   . GLU A 1 46  ? 10.186  -12.628 3.446   1.00 29.04 ? 37  GLU A O   1 
ATOM   244  C CB  . GLU A 1 46  ? 11.490  -10.102 5.152   1.00 29.03 ? 37  GLU A CB  1 
ATOM   245  C CG  . GLU A 1 46  ? 12.658  -9.163  4.962   1.00 33.66 ? 37  GLU A CG  1 
ATOM   246  C CD  . GLU A 1 46  ? 13.466  -9.492  3.714   1.00 41.00 ? 37  GLU A CD  1 
ATOM   247  O OE1 . GLU A 1 46  ? 13.802  -10.683 3.503   1.00 43.17 ? 37  GLU A OE1 1 
ATOM   248  O OE2 . GLU A 1 46  ? 13.758  -8.558  2.938   1.00 39.57 ? 37  GLU A OE2 1 
ATOM   249  N N   . ARG A 1 47  ? 8.762   -11.537 4.813   1.00 27.58 ? 38  ARG A N   1 
ATOM   250  C CA  . ARG A 1 47  ? 7.887   -12.693 5.000   1.00 27.14 ? 38  ARG A CA  1 
ATOM   251  C C   . ARG A 1 47  ? 7.244   -13.154 3.702   1.00 28.45 ? 38  ARG A C   1 
ATOM   252  O O   . ARG A 1 47  ? 7.051   -14.355 3.488   1.00 27.25 ? 38  ARG A O   1 
ATOM   253  C CB  . ARG A 1 47  ? 6.796   -12.386 6.027   1.00 29.88 ? 38  ARG A CB  1 
ATOM   254  C CG  . ARG A 1 47  ? 6.967   -13.130 7.342   1.00 38.44 ? 38  ARG A CG  1 
ATOM   255  C CD  . ARG A 1 47  ? 5.660   -13.747 7.812   1.00 38.85 ? 38  ARG A CD  1 
ATOM   256  N NE  . ARG A 1 47  ? 4.611   -12.742 7.937   1.00 30.79 ? 38  ARG A NE  1 
ATOM   257  C CZ  . ARG A 1 47  ? 3.312   -12.993 7.815   1.00 31.36 ? 38  ARG A CZ  1 
ATOM   258  N NH1 . ARG A 1 47  ? 2.887   -14.222 7.561   1.00 29.58 ? 38  ARG A NH1 1 
ATOM   259  N NH2 . ARG A 1 47  ? 2.432   -12.004 7.937   1.00 25.71 ? 38  ARG A NH2 1 
ATOM   260  N N   . ALA A 1 48  ? 6.890   -12.205 2.838   1.00 24.20 ? 39  ALA A N   1 
ATOM   261  C CA  . ALA A 1 48  ? 6.310   -12.547 1.546   1.00 25.65 ? 39  ALA A CA  1 
ATOM   262  C C   . ALA A 1 48  ? 7.334   -13.286 0.689   1.00 27.44 ? 39  ALA A C   1 
ATOM   263  O O   . ALA A 1 48  ? 7.017   -14.274 0.021   1.00 29.48 ? 39  ALA A O   1 
ATOM   264  C CB  . ALA A 1 48  ? 5.806   -11.282 0.817   1.00 21.97 ? 39  ALA A CB  1 
ATOM   265  N N   . ARG A 1 49  ? 8.564   -12.791 0.710   1.00 27.30 ? 40  ARG A N   1 
ATOM   266  C CA  . ARG A 1 49  ? 9.640   -13.397 -0.059  1.00 28.07 ? 40  ARG A CA  1 
ATOM   267  C C   . ARG A 1 49  ? 9.896   -14.824 0.409   1.00 31.41 ? 40  ARG A C   1 
ATOM   268  O O   . ARG A 1 49  ? 10.035  -15.733 -0.408  1.00 32.59 ? 40  ARG A O   1 
ATOM   269  C CB  . ARG A 1 49  ? 10.902  -12.548 0.051   1.00 29.68 ? 40  ARG A CB  1 
ATOM   270  C CG  . ARG A 1 49  ? 10.844  -11.294 -0.816  1.00 27.68 ? 40  ARG A CG  1 
ATOM   271  C CD  . ARG A 1 49  ? 11.837  -10.239 -0.366  1.00 27.93 ? 40  ARG A CD  1 
ATOM   272  N NE  . ARG A 1 49  ? 11.764  -9.051  -1.212  1.00 23.50 ? 40  ARG A NE  1 
ATOM   273  C CZ  . ARG A 1 49  ? 12.467  -7.942  -1.006  1.00 24.39 ? 40  ARG A CZ  1 
ATOM   274  N NH1 . ARG A 1 49  ? 13.296  -7.862  0.025   1.00 25.23 ? 40  ARG A NH1 1 
ATOM   275  N NH2 . ARG A 1 49  ? 12.332  -6.908  -1.826  1.00 26.78 ? 40  ARG A NH2 1 
ATOM   276  N N   . ALA A 1 50  ? 9.926   -15.015 1.724   1.00 31.40 ? 41  ALA A N   1 
ATOM   277  C CA  . ALA A 1 50  ? 10.112  -16.342 2.308   1.00 29.17 ? 41  ALA A CA  1 
ATOM   278  C C   . ALA A 1 50  ? 8.975   -17.300 1.942   1.00 34.19 ? 41  ALA A C   1 
ATOM   279  O O   . ALA A 1 50  ? 9.183   -18.512 1.842   1.00 34.04 ? 41  ALA A O   1 
ATOM   280  C CB  . ALA A 1 50  ? 10.245  -16.231 3.818   1.00 28.74 ? 41  ALA A CB  1 
ATOM   281  N N   . GLY A 1 51  ? 7.777   -16.761 1.731   1.00 29.18 ? 42  GLY A N   1 
ATOM   282  C CA  . GLY A 1 51  ? 6.621   -17.580 1.414   1.00 31.36 ? 42  GLY A CA  1 
ATOM   283  C C   . GLY A 1 51  ? 6.347   -17.739 -0.070  1.00 29.34 ? 42  GLY A C   1 
ATOM   284  O O   . GLY A 1 51  ? 5.355   -18.347 -0.460  1.00 32.01 ? 42  GLY A O   1 
ATOM   285  N N   . GLY A 1 52  ? 7.217   -17.189 -0.908  1.00 29.96 ? 43  GLY A N   1 
ATOM   286  C CA  . GLY A 1 52  ? 7.005   -17.255 -2.343  1.00 30.64 ? 43  GLY A CA  1 
ATOM   287  C C   . GLY A 1 52  ? 5.817   -16.431 -2.812  1.00 31.54 ? 43  GLY A C   1 
ATOM   288  O O   . GLY A 1 52  ? 5.269   -16.673 -3.883  1.00 33.37 ? 43  GLY A O   1 
ATOM   289  N N   . VAL A 1 53  ? 5.415   -15.459 -1.995  1.00 33.15 ? 44  VAL A N   1 
ATOM   290  C CA  . VAL A 1 53  ? 4.362   -14.510 -2.364  1.00 28.81 ? 44  VAL A CA  1 
ATOM   291  C C   . VAL A 1 53  ? 4.971   -13.331 -3.130  1.00 24.33 ? 44  VAL A C   1 
ATOM   292  O O   . VAL A 1 53  ? 5.883   -12.679 -2.628  1.00 24.71 ? 44  VAL A O   1 
ATOM   293  C CB  . VAL A 1 53  ? 3.615   -13.976 -1.113  1.00 29.06 ? 44  VAL A CB  1 
ATOM   294  C CG1 . VAL A 1 53  ? 2.574   -12.931 -1.507  1.00 22.18 ? 44  VAL A CG1 1 
ATOM   295  C CG2 . VAL A 1 53  ? 2.977   -15.129 -0.327  1.00 30.95 ? 44  VAL A CG2 1 
ATOM   296  N N   . PRO A 1 54  ? 4.475   -13.064 -4.348  1.00 23.95 ? 45  PRO A N   1 
ATOM   297  C CA  . PRO A 1 54  ? 4.999   -11.968 -5.168  1.00 24.02 ? 45  PRO A CA  1 
ATOM   298  C C   . PRO A 1 54  ? 4.798   -10.604 -4.514  1.00 25.77 ? 45  PRO A C   1 
ATOM   299  O O   . PRO A 1 54  ? 3.787   -10.399 -3.830  1.00 21.52 ? 45  PRO A O   1 
ATOM   300  C CB  . PRO A 1 54  ? 4.178   -12.063 -6.458  1.00 26.63 ? 45  PRO A CB  1 
ATOM   301  C CG  . PRO A 1 54  ? 3.616   -13.448 -6.462  1.00 32.30 ? 45  PRO A CG  1 
ATOM   302  C CD  . PRO A 1 54  ? 3.380   -13.777 -5.026  1.00 26.79 ? 45  PRO A CD  1 
ATOM   303  N N   . VAL A 1 55  ? 5.751   -9.704  -4.726  1.00 21.22 ? 46  VAL A N   1 
ATOM   304  C CA  . VAL A 1 55  ? 5.670   -8.337  -4.228  1.00 22.28 ? 46  VAL A CA  1 
ATOM   305  C C   . VAL A 1 55  ? 5.672   -7.385  -5.420  1.00 23.13 ? 46  VAL A C   1 
ATOM   306  O O   . VAL A 1 55  ? 6.547   -7.469  -6.285  1.00 23.67 ? 46  VAL A O   1 
ATOM   307  C CB  . VAL A 1 55  ? 6.847   -8.004  -3.282  1.00 21.30 ? 46  VAL A CB  1 
ATOM   308  C CG1 . VAL A 1 55  ? 6.854   -6.531  -2.926  1.00 18.81 ? 46  VAL A CG1 1 
ATOM   309  C CG2 . VAL A 1 55  ? 6.793   -8.871  -2.015  1.00 24.00 ? 46  VAL A CG2 1 
ATOM   310  N N   . VAL A 1 56  ? 4.688   -6.491  -5.483  1.00 19.78 ? 47  VAL A N   1 
ATOM   311  C CA  . VAL A 1 56  ? 4.633   -5.494  -6.547  1.00 18.60 ? 47  VAL A CA  1 
ATOM   312  C C   . VAL A 1 56  ? 4.779   -4.099  -5.953  1.00 20.72 ? 47  VAL A C   1 
ATOM   313  O O   . VAL A 1 56  ? 4.043   -3.739  -5.037  1.00 18.86 ? 47  VAL A O   1 
ATOM   314  C CB  . VAL A 1 56  ? 3.320   -5.592  -7.348  1.00 19.58 ? 47  VAL A CB  1 
ATOM   315  C CG1 . VAL A 1 56  ? 3.202   -4.453  -8.345  1.00 20.08 ? 47  VAL A CG1 1 
ATOM   316  C CG2 . VAL A 1 56  ? 3.227   -6.950  -8.054  1.00 23.42 ? 47  VAL A CG2 1 
ATOM   317  N N   . TRP A 1 57  ? 5.747   -3.333  -6.452  1.00 18.79 ? 48  TRP A N   1 
ATOM   318  C CA  . TRP A 1 57  ? 6.007   -1.984  -5.953  1.00 18.23 ? 48  TRP A CA  1 
ATOM   319  C C   . TRP A 1 57  ? 5.327   -0.956  -6.838  1.00 17.53 ? 48  TRP A C   1 
ATOM   320  O O   . TRP A 1 57  ? 5.301   -1.097  -8.056  1.00 20.53 ? 48  TRP A O   1 
ATOM   321  C CB  . TRP A 1 57  ? 7.514   -1.696  -5.901  1.00 17.69 ? 48  TRP A CB  1 
ATOM   322  C CG  . TRP A 1 57  ? 8.292   -2.676  -5.062  1.00 20.04 ? 48  TRP A CG  1 
ATOM   323  C CD1 . TRP A 1 57  ? 8.837   -3.864  -5.477  1.00 18.72 ? 48  TRP A CD1 1 
ATOM   324  C CD2 . TRP A 1 57  ? 8.610   -2.553  -3.669  1.00 18.67 ? 48  TRP A CD2 1 
ATOM   325  N NE1 . TRP A 1 57  ? 9.475   -4.483  -4.426  1.00 19.01 ? 48  TRP A NE1 1 
ATOM   326  C CE2 . TRP A 1 57  ? 9.349   -3.704  -3.304  1.00 20.51 ? 48  TRP A CE2 1 
ATOM   327  C CE3 . TRP A 1 57  ? 8.337   -1.584  -2.689  1.00 16.39 ? 48  TRP A CE3 1 
ATOM   328  C CZ2 . TRP A 1 57  ? 9.828   -3.908  -2.004  1.00 20.34 ? 48  TRP A CZ2 1 
ATOM   329  C CZ3 . TRP A 1 57  ? 8.808   -1.790  -1.396  1.00 17.36 ? 48  TRP A CZ3 1 
ATOM   330  C CH2 . TRP A 1 57  ? 9.549   -2.944  -1.067  1.00 22.22 ? 48  TRP A CH2 1 
ATOM   331  N N   . VAL A 1 58  ? 4.752   0.065   -6.214  1.00 16.36 ? 49  VAL A N   1 
ATOM   332  C CA  . VAL A 1 58  ? 4.158   1.174   -6.941  1.00 16.23 ? 49  VAL A CA  1 
ATOM   333  C C   . VAL A 1 58  ? 4.905   2.433   -6.532  1.00 16.32 ? 49  VAL A C   1 
ATOM   334  O O   . VAL A 1 58  ? 5.102   2.671   -5.338  1.00 16.10 ? 49  VAL A O   1 
ATOM   335  C CB  . VAL A 1 58  ? 2.625   1.337   -6.641  1.00 14.94 ? 49  VAL A CB  1 
ATOM   336  C CG1 . VAL A 1 58  ? 2.072   2.552   -7.379  1.00 16.69 ? 49  VAL A CG1 1 
ATOM   337  C CG2 . VAL A 1 58  ? 1.866   0.102   -7.059  1.00 17.38 ? 49  VAL A CG2 1 
ATOM   338  N N   . HIS A 1 59  ? 5.350   3.221   -7.513  1.00 16.23 ? 50  HIS A N   1 
ATOM   339  C CA  . HIS A 1 59  ? 6.024   4.489   -7.237  1.00 14.82 ? 50  HIS A CA  1 
ATOM   340  C C   . HIS A 1 59  ? 5.263   5.633   -7.898  1.00 15.13 ? 50  HIS A C   1 
ATOM   341  O O   . HIS A 1 59  ? 4.785   5.494   -9.025  1.00 16.42 ? 50  HIS A O   1 
ATOM   342  C CB  . HIS A 1 59  ? 7.472   4.495   -7.754  1.00 17.05 ? 50  HIS A CB  1 
ATOM   343  C CG  . HIS A 1 59  ? 8.417   3.639   -6.971  1.00 16.26 ? 50  HIS A CG  1 
ATOM   344  N ND1 . HIS A 1 59  ? 9.599   4.126   -6.455  1.00 17.89 ? 50  HIS A ND1 1 
ATOM   345  C CD2 . HIS A 1 59  ? 8.386   2.321   -6.661  1.00 17.71 ? 50  HIS A CD2 1 
ATOM   346  C CE1 . HIS A 1 59  ? 10.243  3.149   -5.838  1.00 16.83 ? 50  HIS A CE1 1 
ATOM   347  N NE2 . HIS A 1 59  ? 9.529   2.043   -5.952  1.00 17.72 ? 50  HIS A NE2 1 
ATOM   348  N N   . HIS A 1 60  ? 5.162   6.754   -7.188  1.00 15.32 ? 51  HIS A N   1 
ATOM   349  C CA  . HIS A 1 60  ? 4.488   7.959   -7.676  1.00 15.34 ? 51  HIS A CA  1 
ATOM   350  C C   . HIS A 1 60  ? 5.500   8.840   -8.416  1.00 15.79 ? 51  HIS A C   1 
ATOM   351  O O   . HIS A 1 60  ? 6.378   9.430   -7.792  1.00 15.34 ? 51  HIS A O   1 
ATOM   352  C CB  . HIS A 1 60  ? 3.863   8.729   -6.503  1.00 15.77 ? 51  HIS A CB  1 
ATOM   353  C CG  . HIS A 1 60  ? 2.880   9.789   -6.914  1.00 16.99 ? 51  HIS A CG  1 
ATOM   354  N ND1 . HIS A 1 60  ? 1.714   9.497   -7.585  1.00 15.91 ? 51  HIS A ND1 1 
ATOM   355  C CD2 . HIS A 1 60  ? 2.888   11.131  -6.738  1.00 16.22 ? 51  HIS A CD2 1 
ATOM   356  C CE1 . HIS A 1 60  ? 1.044   10.614  -7.811  1.00 14.49 ? 51  HIS A CE1 1 
ATOM   357  N NE2 . HIS A 1 60  ? 1.735   11.622  -7.309  1.00 15.45 ? 51  HIS A NE2 1 
ATOM   358  N N   . ASP A 1 61  ? 5.377   8.910   -9.741  1.00 18.72 ? 52  ASP A N   1 
ATOM   359  C CA  . ASP A 1 61  ? 6.335   9.669   -10.551 1.00 19.84 ? 52  ASP A CA  1 
ATOM   360  C C   . ASP A 1 61  ? 6.389   11.156  -10.204 1.00 18.80 ? 52  ASP A C   1 
ATOM   361  O O   . ASP A 1 61  ? 7.474   11.747  -10.221 1.00 18.77 ? 52  ASP A O   1 
ATOM   362  C CB  . ASP A 1 61  ? 6.030   9.498   -12.044 1.00 18.46 ? 52  ASP A CB  1 
ATOM   363  C CG  . ASP A 1 61  ? 6.693   8.272   -12.638 1.00 23.34 ? 52  ASP A CG  1 
ATOM   364  O OD1 . ASP A 1 61  ? 7.327   7.506   -11.877 1.00 20.90 ? 52  ASP A OD1 1 
ATOM   365  O OD2 . ASP A 1 61  ? 6.560   8.064   -13.867 1.00 22.61 ? 52  ASP A OD2 1 
ATOM   366  N N   . PRO A 1 62  ? 5.238   11.780  -9.878  1.00 18.44 ? 53  PRO A N   1 
ATOM   367  C CA  . PRO A 1 62  ? 5.320   13.210  -9.532  1.00 17.94 ? 53  PRO A CA  1 
ATOM   368  C C   . PRO A 1 62  ? 6.175   13.548  -8.316  1.00 19.69 ? 53  PRO A C   1 
ATOM   369  O O   . PRO A 1 62  ? 6.473   14.720  -8.104  1.00 17.92 ? 53  PRO A O   1 
ATOM   370  C CB  . PRO A 1 62  ? 3.853   13.587  -9.275  1.00 19.48 ? 53  PRO A CB  1 
ATOM   371  C CG  . PRO A 1 62  ? 3.096   12.676  -10.175 1.00 17.61 ? 53  PRO A CG  1 
ATOM   372  C CD  . PRO A 1 62  ? 3.840   11.357  -10.088 1.00 16.19 ? 53  PRO A CD  1 
ATOM   373  N N   . VAL A 1 63  ? 6.576   12.556  -7.528  1.00 15.57 ? 54  VAL A N   1 
ATOM   374  C CA  . VAL A 1 63  ? 7.543   12.818  -6.462  1.00 16.09 ? 54  VAL A CA  1 
ATOM   375  C C   . VAL A 1 63  ? 8.846   13.395  -7.050  1.00 21.14 ? 54  VAL A C   1 
ATOM   376  O O   . VAL A 1 63  ? 9.548   14.181  -6.395  1.00 21.23 ? 54  VAL A O   1 
ATOM   377  C CB  . VAL A 1 63  ? 7.825   11.541  -5.663  1.00 16.88 ? 54  VAL A CB  1 
ATOM   378  C CG1 . VAL A 1 63  ? 8.977   11.737  -4.684  1.00 19.43 ? 54  VAL A CG1 1 
ATOM   379  C CG2 . VAL A 1 63  ? 6.570   11.116  -4.934  1.00 16.66 ? 54  VAL A CG2 1 
ATOM   380  N N   . GLY A 1 64  ? 9.151   13.015  -8.290  1.00 21.02 ? 55  GLY A N   1 
ATOM   381  C CA  . GLY A 1 64  ? 10.300  13.564  -9.007  1.00 18.45 ? 55  GLY A CA  1 
ATOM   382  C C   . GLY A 1 64  ? 11.173  12.484  -9.631  1.00 18.78 ? 55  GLY A C   1 
ATOM   383  O O   . GLY A 1 64  ? 12.146  12.044  -9.025  1.00 19.65 ? 55  GLY A O   1 
ATOM   384  N N   . VAL A 1 65  ? 10.822  12.071  -10.842 1.00 20.23 ? 56  VAL A N   1 
ATOM   385  C CA  . VAL A 1 65  ? 11.526  10.991  -11.523 1.00 20.80 ? 56  VAL A CA  1 
ATOM   386  C C   . VAL A 1 65  ? 13.009  11.329  -11.628 1.00 21.21 ? 56  VAL A C   1 
ATOM   387  O O   . VAL A 1 65  ? 13.367  12.462  -11.937 1.00 20.65 ? 56  VAL A O   1 
ATOM   388  C CB  . VAL A 1 65  ? 10.935  10.730  -12.924 1.00 26.35 ? 56  VAL A CB  1 
ATOM   389  C CG1 . VAL A 1 65  ? 11.751  9.684   -13.657 1.00 29.38 ? 56  VAL A CG1 1 
ATOM   390  C CG2 . VAL A 1 65  ? 9.496   10.261  -12.807 1.00 25.37 ? 56  VAL A CG2 1 
ATOM   391  N N   . GLY A 1 66  ? 13.863  10.357  -11.310 1.00 20.30 ? 57  GLY A N   1 
ATOM   392  C CA  . GLY A 1 66  ? 15.305  10.544  -11.371 1.00 19.92 ? 57  GLY A CA  1 
ATOM   393  C C   . GLY A 1 66  ? 15.945  11.187  -10.152 1.00 20.59 ? 57  GLY A C   1 
ATOM   394  O O   . GLY A 1 66  ? 17.171  11.291  -10.068 1.00 17.87 ? 57  GLY A O   1 
ATOM   395  N N   . THR A 1 67  ? 15.132  11.636  -9.198  1.00 18.61 ? 58  THR A N   1 
ATOM   396  C CA  . THR A 1 67  ? 15.673  12.224  -7.983  1.00 18.06 ? 58  THR A CA  1 
ATOM   397  C C   . THR A 1 67  ? 15.697  11.191  -6.862  1.00 16.19 ? 58  THR A C   1 
ATOM   398  O O   . THR A 1 67  ? 14.971  10.196  -6.914  1.00 19.00 ? 58  THR A O   1 
ATOM   399  C CB  . THR A 1 67  ? 14.860  13.456  -7.516  1.00 20.63 ? 58  THR A CB  1 
ATOM   400  O OG1 . THR A 1 67  ? 13.566  13.030  -7.062  1.00 23.17 ? 58  THR A OG1 1 
ATOM   401  C CG2 . THR A 1 67  ? 14.693  14.463  -8.663  1.00 19.60 ? 58  THR A CG2 1 
ATOM   402  N N   . PRO A 1 68  ? 16.547  11.411  -5.860  1.00 17.45 ? 59  PRO A N   1 
ATOM   403  C CA  . PRO A 1 68  ? 16.601  10.477  -4.725  1.00 17.76 ? 59  PRO A CA  1 
ATOM   404  C C   . PRO A 1 68  ? 15.255  10.363  -4.012  1.00 20.50 ? 59  PRO A C   1 
ATOM   405  O O   . PRO A 1 68  ? 14.971  9.321   -3.421  1.00 20.13 ? 59  PRO A O   1 
ATOM   406  C CB  . PRO A 1 68  ? 17.659  11.095  -3.811  1.00 21.06 ? 59  PRO A CB  1 
ATOM   407  C CG  . PRO A 1 68  ? 18.555  11.869  -4.758  1.00 21.06 ? 59  PRO A CG  1 
ATOM   408  C CD  . PRO A 1 68  ? 17.620  12.419  -5.806  1.00 21.10 ? 59  PRO A CD  1 
ATOM   409  N N   . GLU A 1 69  ? 14.439  11.410  -4.076  1.00 20.38 ? 60  GLU A N   1 
ATOM   410  C CA  . GLU A 1 69  ? 13.159  11.407  -3.357  1.00 19.70 ? 60  GLU A CA  1 
ATOM   411  C C   . GLU A 1 69  ? 12.207  10.361  -3.926  1.00 20.39 ? 60  GLU A C   1 
ATOM   412  O O   . GLU A 1 69  ? 11.324  9.847   -3.223  1.00 19.14 ? 60  GLU A O   1 
ATOM   413  C CB  . GLU A 1 69  ? 12.511  12.796  -3.405  1.00 22.53 ? 60  GLU A CB  1 
ATOM   414  C CG  . GLU A 1 69  ? 13.179  13.839  -2.522  1.00 24.99 ? 60  GLU A CG  1 
ATOM   415  C CD  . GLU A 1 69  ? 14.599  14.174  -2.956  1.00 34.40 ? 60  GLU A CD  1 
ATOM   416  O OE1 . GLU A 1 69  ? 14.859  14.270  -4.181  1.00 25.90 ? 60  GLU A OE1 1 
ATOM   417  O OE2 . GLU A 1 69  ? 15.461  14.331  -2.063  1.00 38.84 ? 60  GLU A OE2 1 
ATOM   418  N N   . TRP A 1 70  ? 12.387  10.033  -5.200  1.00 16.12 ? 61  TRP A N   1 
ATOM   419  C CA  . TRP A 1 70  ? 11.510  9.078   -5.871  1.00 17.17 ? 61  TRP A CA  1 
ATOM   420  C C   . TRP A 1 70  ? 11.816  7.636   -5.461  1.00 17.11 ? 61  TRP A C   1 
ATOM   421  O O   . TRP A 1 70  ? 10.948  6.768   -5.553  1.00 16.58 ? 61  TRP A O   1 
ATOM   422  C CB  . TRP A 1 70  ? 11.641  9.241   -7.393  1.00 16.21 ? 61  TRP A CB  1 
ATOM   423  C CG  . TRP A 1 70  ? 10.802  8.325   -8.238  1.00 16.39 ? 61  TRP A CG  1 
ATOM   424  C CD1 . TRP A 1 70  ? 9.629   8.643   -8.864  1.00 15.09 ? 61  TRP A CD1 1 
ATOM   425  C CD2 . TRP A 1 70  ? 11.094  6.970   -8.597  1.00 16.12 ? 61  TRP A CD2 1 
ATOM   426  N NE1 . TRP A 1 70  ? 9.164   7.561   -9.573  1.00 17.93 ? 61  TRP A NE1 1 
ATOM   427  C CE2 . TRP A 1 70  ? 10.045  6.521   -9.427  1.00 16.75 ? 61  TRP A CE2 1 
ATOM   428  C CE3 . TRP A 1 70  ? 12.137  6.088   -8.288  1.00 15.96 ? 61  TRP A CE3 1 
ATOM   429  C CZ2 . TRP A 1 70  ? 10.006  5.230   -9.955  1.00 18.96 ? 61  TRP A CZ2 1 
ATOM   430  C CZ3 . TRP A 1 70  ? 12.099  4.807   -8.810  1.00 18.17 ? 61  TRP A CZ3 1 
ATOM   431  C CH2 . TRP A 1 70  ? 11.042  4.387   -9.636  1.00 17.91 ? 61  TRP A CH2 1 
ATOM   432  N N   . GLU A 1 71  ? 13.048  7.385   -5.015  1.00 16.00 ? 62  GLU A N   1 
ATOM   433  C CA  . GLU A 1 71  ? 13.479  6.015   -4.675  1.00 17.08 ? 62  GLU A CA  1 
ATOM   434  C C   . GLU A 1 71  ? 12.849  5.520   -3.369  1.00 16.40 ? 62  GLU A C   1 
ATOM   435  O O   . GLU A 1 71  ? 12.394  6.318   -2.558  1.00 17.46 ? 62  GLU A O   1 
ATOM   436  C CB  . GLU A 1 71  ? 15.000  5.944   -4.547  1.00 17.39 ? 62  GLU A CB  1 
ATOM   437  C CG  . GLU A 1 71  ? 15.742  6.407   -5.796  1.00 16.73 ? 62  GLU A CG  1 
ATOM   438  C CD  . GLU A 1 71  ? 15.645  5.423   -6.940  1.00 17.84 ? 62  GLU A CD  1 
ATOM   439  O OE1 . GLU A 1 71  ? 15.739  4.186   -6.700  1.00 18.65 ? 62  GLU A OE1 1 
ATOM   440  O OE2 . GLU A 1 71  ? 15.482  5.886   -8.091  1.00 17.26 ? 62  GLU A OE2 1 
ATOM   441  N N   . LEU A 1 72  ? 12.865  4.207   -3.159  1.00 18.43 ? 63  LEU A N   1 
ATOM   442  C CA  . LEU A 1 72  ? 12.311  3.638   -1.918  1.00 18.61 ? 63  LEU A CA  1 
ATOM   443  C C   . LEU A 1 72  ? 12.945  4.235   -0.672  1.00 19.16 ? 63  LEU A C   1 
ATOM   444  O O   . LEU A 1 72  ? 14.165  4.418   -0.612  1.00 20.40 ? 63  LEU A O   1 
ATOM   445  C CB  . LEU A 1 72  ? 12.496  2.116   -1.887  1.00 17.69 ? 63  LEU A CB  1 
ATOM   446  C CG  . LEU A 1 72  ? 11.650  1.251   -2.810  1.00 17.39 ? 63  LEU A CG  1 
ATOM   447  C CD1 . LEU A 1 72  ? 12.034  -0.220  -2.627  1.00 21.01 ? 63  LEU A CD1 1 
ATOM   448  C CD2 . LEU A 1 72  ? 10.140  1.479   -2.551  1.00 15.99 ? 63  LEU A CD2 1 
ATOM   449  N N   . ALA A 1 73  ? 12.118  4.511   0.338   1.00 16.72 ? 64  ALA A N   1 
ATOM   450  C CA  . ALA A 1 73  ? 12.609  4.950   1.632   1.00 18.68 ? 64  ALA A CA  1 
ATOM   451  C C   . ALA A 1 73  ? 13.375  3.815   2.309   1.00 20.51 ? 64  ALA A C   1 
ATOM   452  O O   . ALA A 1 73  ? 12.999  2.646   2.189   1.00 22.17 ? 64  ALA A O   1 
ATOM   453  C CB  . ALA A 1 73  ? 11.448  5.418   2.515   1.00 19.60 ? 64  ALA A CB  1 
ATOM   454  N N   . ALA A 1 74  ? 14.453  4.158   3.008   1.00 23.29 ? 65  ALA A N   1 
ATOM   455  C CA  . ALA A 1 74  ? 15.205  3.162   3.771   1.00 26.05 ? 65  ALA A CA  1 
ATOM   456  C C   . ALA A 1 74  ? 14.348  2.643   4.920   1.00 26.82 ? 65  ALA A C   1 
ATOM   457  O O   . ALA A 1 74  ? 13.626  3.418   5.547   1.00 25.49 ? 65  ALA A O   1 
ATOM   458  C CB  . ALA A 1 74  ? 16.508  3.762   4.297   1.00 27.32 ? 65  ALA A CB  1 
ATOM   459  N N   . PRO A 1 75  ? 14.451  1.342   5.240   1.00 26.79 ? 66  PRO A N   1 
ATOM   460  C CA  . PRO A 1 75  ? 15.401  0.341   4.742   1.00 24.79 ? 66  PRO A CA  1 
ATOM   461  C C   . PRO A 1 75  ? 14.865  -0.569  3.651   1.00 26.57 ? 66  PRO A C   1 
ATOM   462  O O   . PRO A 1 75  ? 15.340  -1.700  3.544   1.00 30.27 ? 66  PRO A O   1 
ATOM   463  C CB  . PRO A 1 75  ? 15.683  -0.486  5.990   1.00 26.21 ? 66  PRO A CB  1 
ATOM   464  C CG  . PRO A 1 75  ? 14.327  -0.544  6.660   1.00 27.07 ? 66  PRO A CG  1 
ATOM   465  C CD  . PRO A 1 75  ? 13.652  0.803   6.355   1.00 25.23 ? 66  PRO A CD  1 
ATOM   466  N N   . LEU A 1 76  ? 13.897  -0.113  2.865   1.00 23.35 ? 67  LEU A N   1 
ATOM   467  C CA  . LEU A 1 76  ? 13.261  -0.980  1.874   1.00 18.84 ? 67  LEU A CA  1 
ATOM   468  C C   . LEU A 1 76  ? 14.132  -1.158  0.632   1.00 25.75 ? 67  LEU A C   1 
ATOM   469  O O   . LEU A 1 76  ? 14.767  -0.213  0.175   1.00 26.31 ? 67  LEU A O   1 
ATOM   470  C CB  . LEU A 1 76  ? 11.893  -0.418  1.476   1.00 22.27 ? 67  LEU A CB  1 
ATOM   471  C CG  . LEU A 1 76  ? 10.864  -0.323  2.607   1.00 21.02 ? 67  LEU A CG  1 
ATOM   472  C CD1 . LEU A 1 76  ? 9.682   0.582   2.222   1.00 20.47 ? 67  LEU A CD1 1 
ATOM   473  C CD2 . LEU A 1 76  ? 10.371  -1.723  2.931   1.00 21.73 ? 67  LEU A CD2 1 
ATOM   474  N N   . HIS A 1 77  ? 14.155  -2.372  0.095   1.00 25.47 ? 68  HIS A N   1 
ATOM   475  C CA  . HIS A 1 77  ? 14.903  -2.659  -1.127  1.00 28.08 ? 68  HIS A CA  1 
ATOM   476  C C   . HIS A 1 77  ? 14.111  -3.602  -2.013  1.00 25.67 ? 68  HIS A C   1 
ATOM   477  O O   . HIS A 1 77  ? 13.511  -4.561  -1.542  1.00 29.63 ? 68  HIS A O   1 
ATOM   478  C CB  . HIS A 1 77  ? 16.274  -3.272  -0.813  1.00 29.78 ? 68  HIS A CB  1 
ATOM   479  C CG  . HIS A 1 77  ? 17.143  -2.402  0.043   1.00 35.40 ? 68  HIS A CG  1 
ATOM   480  N ND1 . HIS A 1 77  ? 17.930  -1.394  -0.473  1.00 37.18 ? 68  HIS A ND1 1 
ATOM   481  C CD2 . HIS A 1 77  ? 17.344  -2.387  1.383   1.00 37.93 ? 68  HIS A CD2 1 
ATOM   482  C CE1 . HIS A 1 77  ? 18.578  -0.796  0.511   1.00 37.66 ? 68  HIS A CE1 1 
ATOM   483  N NE2 . HIS A 1 77  ? 18.243  -1.381  1.647   1.00 38.52 ? 68  HIS A NE2 1 
ATOM   484  N N   . ARG A 1 78  ? 14.108  -3.313  -3.306  1.00 24.37 ? 69  ARG A N   1 
ATOM   485  C CA  . ARG A 1 78  ? 13.422  -4.145  -4.271  1.00 21.05 ? 69  ARG A CA  1 
ATOM   486  C C   . ARG A 1 78  ? 14.315  -5.302  -4.694  1.00 26.51 ? 69  ARG A C   1 
ATOM   487  O O   . ARG A 1 78  ? 15.512  -5.110  -4.923  1.00 27.76 ? 69  ARG A O   1 
ATOM   488  C CB  . ARG A 1 78  ? 13.025  -3.304  -5.471  1.00 22.69 ? 69  ARG A CB  1 
ATOM   489  C CG  . ARG A 1 78  ? 12.401  -4.046  -6.600  1.00 23.72 ? 69  ARG A CG  1 
ATOM   490  C CD  . ARG A 1 78  ? 12.290  -3.082  -7.745  1.00 26.67 ? 69  ARG A CD  1 
ATOM   491  N NE  . ARG A 1 78  ? 11.755  -3.700  -8.933  1.00 28.81 ? 69  ARG A NE  1 
ATOM   492  C CZ  . ARG A 1 78  ? 12.056  -3.302  -10.160 1.00 29.11 ? 69  ARG A CZ  1 
ATOM   493  N NH1 . ARG A 1 78  ? 12.887  -2.287  -10.335 1.00 28.39 ? 69  ARG A NH1 1 
ATOM   494  N NH2 . ARG A 1 78  ? 11.524  -3.916  -11.204 1.00 26.89 ? 69  ARG A NH2 1 
ATOM   495  N N   . ALA A 1 79  ? 13.742  -6.496  -4.786  1.00 25.93 ? 70  ALA A N   1 
ATOM   496  C CA  . ALA A 1 79  ? 14.499  -7.672  -5.222  1.00 27.57 ? 70  ALA A CA  1 
ATOM   497  C C   . ALA A 1 79  ? 14.343  -7.880  -6.722  1.00 29.43 ? 70  ALA A C   1 
ATOM   498  O O   . ALA A 1 79  ? 13.387  -7.403  -7.329  1.00 26.81 ? 70  ALA A O   1 
ATOM   499  C CB  . ALA A 1 79  ? 14.050  -8.923  -4.459  1.00 27.60 ? 70  ALA A CB  1 
ATOM   500  N N   . GLU A 1 80  ? 15.292  -8.587  -7.327  1.00 33.56 ? 71  GLU A N   1 
ATOM   501  C CA  . GLU A 1 80  ? 15.192  -8.903  -8.744  1.00 33.76 ? 71  GLU A CA  1 
ATOM   502  C C   . GLU A 1 80  ? 13.902  -9.688  -8.982  1.00 31.50 ? 71  GLU A C   1 
ATOM   503  O O   . GLU A 1 80  ? 13.516  -10.526 -8.170  1.00 35.96 ? 71  GLU A O   1 
ATOM   504  C CB  . GLU A 1 80  ? 16.419  -9.699  -9.212  1.00 39.21 ? 71  GLU A CB  1 
ATOM   505  C CG  . GLU A 1 80  ? 17.030  -9.191  -10.523 1.00 45.09 ? 71  GLU A CG  1 
ATOM   506  C CD  . GLU A 1 80  ? 18.462  -8.664  -10.365 1.00 52.52 ? 71  GLU A CD  1 
ATOM   507  O OE1 . GLU A 1 80  ? 18.665  -7.670  -9.627  1.00 51.53 ? 71  GLU A OE1 1 
ATOM   508  O OE2 . GLU A 1 80  ? 19.386  -9.242  -10.987 1.00 53.92 ? 71  GLU A OE2 1 
ATOM   509  N N   . GLY A 1 81  ? 13.214  -9.392  -10.075 1.00 35.05 ? 72  GLY A N   1 
ATOM   510  C CA  . GLY A 1 81  ? 11.990  -10.108 -10.385 1.00 35.97 ? 72  GLY A CA  1 
ATOM   511  C C   . GLY A 1 81  ? 10.714  -9.428  -9.917  1.00 34.91 ? 72  GLY A C   1 
ATOM   512  O O   . GLY A 1 81  ? 9.646   -9.665  -10.479 1.00 38.13 ? 72  GLY A O   1 
ATOM   513  N N   . GLU A 1 82  ? 10.818  -8.584  -8.897  1.00 29.76 ? 73  GLU A N   1 
ATOM   514  C CA  . GLU A 1 82  ? 9.646   -7.872  -8.370  1.00 28.17 ? 73  GLU A CA  1 
ATOM   515  C C   . GLU A 1 82  ? 9.268   -6.695  -9.269  1.00 25.70 ? 73  GLU A C   1 
ATOM   516  O O   . GLU A 1 82  ? 10.067  -5.774  -9.457  1.00 26.81 ? 73  GLU A O   1 
ATOM   517  C CB  . GLU A 1 82  ? 9.912   -7.402  -6.930  1.00 25.43 ? 73  GLU A CB  1 
ATOM   518  C CG  . GLU A 1 82  ? 10.047  -8.557  -5.944  1.00 24.24 ? 73  GLU A CG  1 
ATOM   519  C CD  . GLU A 1 82  ? 10.499  -8.157  -4.552  1.00 23.40 ? 73  GLU A CD  1 
ATOM   520  O OE1 . GLU A 1 82  ? 10.918  -6.999  -4.336  1.00 24.25 ? 73  GLU A OE1 1 
ATOM   521  O OE2 . GLU A 1 82  ? 10.430  -9.020  -3.649  1.00 27.06 ? 73  GLU A OE2 1 
ATOM   522  N N   . PRO A 1 83  ? 8.044   -6.726  -9.833  1.00 25.51 ? 74  PRO A N   1 
ATOM   523  C CA  . PRO A 1 83  ? 7.566   -5.659  -10.714 1.00 21.59 ? 74  PRO A CA  1 
ATOM   524  C C   . PRO A 1 83  ? 7.542   -4.303  -10.007 1.00 24.81 ? 74  PRO A C   1 
ATOM   525  O O   . PRO A 1 83  ? 7.414   -4.225  -8.780  1.00 19.37 ? 74  PRO A O   1 
ATOM   526  C CB  . PRO A 1 83  ? 6.147   -6.107  -11.081 1.00 24.46 ? 74  PRO A CB  1 
ATOM   527  C CG  . PRO A 1 83  ? 6.142   -7.579  -10.860 1.00 23.06 ? 74  PRO A CG  1 
ATOM   528  C CD  . PRO A 1 83  ? 7.047   -7.799  -9.689  1.00 24.95 ? 74  PRO A CD  1 
ATOM   529  N N   . LEU A 1 84  ? 7.700   -3.242  -10.786 1.00 22.13 ? 75  LEU A N   1 
ATOM   530  C CA  . LEU A 1 84  ? 7.554   -1.893  -10.257 1.00 22.00 ? 75  LEU A CA  1 
ATOM   531  C C   . LEU A 1 84  ? 6.661   -1.120  -11.220 1.00 21.90 ? 75  LEU A C   1 
ATOM   532  O O   . LEU A 1 84  ? 6.960   -1.017  -12.410 1.00 23.77 ? 75  LEU A O   1 
ATOM   533  C CB  . LEU A 1 84  ? 8.919   -1.217  -10.072 1.00 21.39 ? 75  LEU A CB  1 
ATOM   534  C CG  . LEU A 1 84  ? 8.961   0.196   -9.470  1.00 21.18 ? 75  LEU A CG  1 
ATOM   535  C CD1 . LEU A 1 84  ? 10.334  0.520   -8.896  1.00 17.34 ? 75  LEU A CD1 1 
ATOM   536  C CD2 . LEU A 1 84  ? 8.561   1.258   -10.490 1.00 22.96 ? 75  LEU A CD2 1 
ATOM   537  N N   . VAL A 1 85  ? 5.551   -0.599  -10.702 1.00 19.84 ? 76  VAL A N   1 
ATOM   538  C CA  . VAL A 1 85  ? 4.563   0.118   -11.504 1.00 18.93 ? 76  VAL A CA  1 
ATOM   539  C C   . VAL A 1 85  ? 4.658   1.610   -11.208 1.00 20.98 ? 76  VAL A C   1 
ATOM   540  O O   . VAL A 1 85  ? 4.665   2.017   -10.047 1.00 20.08 ? 76  VAL A O   1 
ATOM   541  C CB  . VAL A 1 85  ? 3.119   -0.373  -11.215 1.00 20.02 ? 76  VAL A CB  1 
ATOM   542  C CG1 . VAL A 1 85  ? 2.092   0.477   -11.959 1.00 20.35 ? 76  VAL A CG1 1 
ATOM   543  C CG2 . VAL A 1 85  ? 2.970   -1.838  -11.585 1.00 22.09 ? 76  VAL A CG2 1 
ATOM   544  N N   . ARG A 1 86  ? 4.742   2.426   -12.252 1.00 19.19 ? 77  ARG A N   1 
ATOM   545  C CA  . ARG A 1 86  ? 4.872   3.861   -12.063 1.00 19.02 ? 77  ARG A CA  1 
ATOM   546  C C   . ARG A 1 86  ? 3.540   4.544   -12.360 1.00 17.52 ? 77  ARG A C   1 
ATOM   547  O O   . ARG A 1 86  ? 2.849   4.188   -13.315 1.00 20.14 ? 77  ARG A O   1 
ATOM   548  C CB  . ARG A 1 86  ? 6.001   4.416   -12.946 1.00 22.02 ? 77  ARG A CB  1 
ATOM   549  C CG  . ARG A 1 86  ? 7.364   3.902   -12.504 1.00 18.98 ? 77  ARG A CG  1 
ATOM   550  C CD  . ARG A 1 86  ? 8.464   4.211   -13.508 1.00 26.62 ? 77  ARG A CD  1 
ATOM   551  N NE  . ARG A 1 86  ? 8.464   5.615   -13.884 1.00 31.77 ? 77  ARG A NE  1 
ATOM   552  C CZ  . ARG A 1 86  ? 9.397   6.185   -14.638 1.00 36.70 ? 77  ARG A CZ  1 
ATOM   553  N NH1 . ARG A 1 86  ? 10.418  5.463   -15.090 1.00 36.70 ? 77  ARG A NH1 1 
ATOM   554  N NH2 . ARG A 1 86  ? 9.306   7.476   -14.936 1.00 35.98 ? 77  ARG A NH2 1 
ATOM   555  N N   . LYS A 1 87  ? 3.170   5.518   -11.532 1.00 17.53 ? 78  LYS A N   1 
ATOM   556  C CA  . LYS A 1 87  ? 1.859   6.145   -11.667 1.00 16.67 ? 78  LYS A CA  1 
ATOM   557  C C   . LYS A 1 87  ? 1.939   7.648   -11.533 1.00 16.80 ? 78  LYS A C   1 
ATOM   558  O O   . LYS A 1 87  ? 2.916   8.172   -11.027 1.00 19.14 ? 78  LYS A O   1 
ATOM   559  C CB  . LYS A 1 87  ? 0.894   5.601   -10.614 1.00 16.12 ? 78  LYS A CB  1 
ATOM   560  C CG  . LYS A 1 87  ? 1.222   6.032   -9.183  1.00 18.40 ? 78  LYS A CG  1 
ATOM   561  C CD  . LYS A 1 87  ? 0.191   5.422   -8.227  1.00 15.61 ? 78  LYS A CD  1 
ATOM   562  C CE  . LYS A 1 87  ? 0.543   5.666   -6.767  1.00 14.34 ? 78  LYS A CE  1 
ATOM   563  N NZ  . LYS A 1 87  ? 0.393   7.094   -6.370  1.00 16.87 ? 78  LYS A NZ  1 
ATOM   564  N N   . ASN A 1 88  ? 0.884   8.336   -11.961 1.00 16.16 ? 79  ASN A N   1 
ATOM   565  C CA  . ASN A 1 88  ? 0.855   9.791   -11.860 1.00 16.80 ? 79  ASN A CA  1 
ATOM   566  C C   . ASN A 1 88  ? -0.302  10.326  -11.023 1.00 18.10 ? 79  ASN A C   1 
ATOM   567  O O   . ASN A 1 88  ? -0.386  11.532  -10.766 1.00 16.87 ? 79  ASN A O   1 
ATOM   568  C CB  . ASN A 1 88  ? 0.809   10.405  -13.255 1.00 20.55 ? 79  ASN A CB  1 
ATOM   569  C CG  . ASN A 1 88  ? 2.144   10.298  -13.964 1.00 23.03 ? 79  ASN A CG  1 
ATOM   570  O OD1 . ASN A 1 88  ? 3.132   10.858  -13.509 1.00 26.78 ? 79  ASN A OD1 1 
ATOM   571  N ND2 . ASN A 1 88  ? 2.182   9.564   -15.061 1.00 30.77 ? 79  ASN A ND2 1 
ATOM   572  N N   . TYR A 1 89  ? -1.187  9.428   -10.601 1.00 15.38 ? 80  TYR A N   1 
ATOM   573  C CA  . TYR A 1 89  ? -2.359  9.828   -9.812  1.00 17.23 ? 80  TYR A CA  1 
ATOM   574  C C   . TYR A 1 89  ? -2.468  9.015   -8.520  1.00 15.86 ? 80  TYR A C   1 
ATOM   575  O O   . TYR A 1 89  ? -1.666  8.112   -8.289  1.00 15.47 ? 80  TYR A O   1 
ATOM   576  C CB  . TYR A 1 89  ? -3.633  9.674   -10.647 1.00 16.82 ? 80  TYR A CB  1 
ATOM   577  C CG  . TYR A 1 89  ? -3.530  10.456  -11.940 1.00 17.07 ? 80  TYR A CG  1 
ATOM   578  C CD1 . TYR A 1 89  ? -3.007  9.865   -13.093 1.00 22.14 ? 80  TYR A CD1 1 
ATOM   579  C CD2 . TYR A 1 89  ? -3.892  11.793  -11.982 1.00 19.46 ? 80  TYR A CD2 1 
ATOM   580  C CE1 . TYR A 1 89  ? -2.885  10.596  -14.269 1.00 23.78 ? 80  TYR A CE1 1 
ATOM   581  C CE2 . TYR A 1 89  ? -3.771  12.528  -13.151 1.00 23.96 ? 80  TYR A CE2 1 
ATOM   582  C CZ  . TYR A 1 89  ? -3.272  11.923  -14.280 1.00 23.32 ? 80  TYR A CZ  1 
ATOM   583  O OH  . TYR A 1 89  ? -3.158  12.668  -15.430 1.00 28.27 ? 80  TYR A OH  1 
ATOM   584  N N   . ARG A 1 90  ? -3.456  9.331   -7.687  1.00 15.02 ? 81  ARG A N   1 
ATOM   585  C CA  . ARG A 1 90  ? -3.639  8.593   -6.427  1.00 14.88 ? 81  ARG A CA  1 
ATOM   586  C C   . ARG A 1 90  ? -4.008  7.134   -6.662  1.00 16.55 ? 81  ARG A C   1 
ATOM   587  O O   . ARG A 1 90  ? -3.550  6.245   -5.946  1.00 14.77 ? 81  ARG A O   1 
ATOM   588  C CB  . ARG A 1 90  ? -4.721  9.254   -5.568  1.00 13.44 ? 81  ARG A CB  1 
ATOM   589  C CG  . ARG A 1 90  ? -4.267  10.555  -4.929  1.00 13.43 ? 81  ARG A CG  1 
ATOM   590  C CD  . ARG A 1 90  ? -5.436  11.300  -4.312  1.00 14.12 ? 81  ARG A CD  1 
ATOM   591  N NE  . ARG A 1 90  ? -5.036  12.623  -3.829  1.00 14.78 ? 81  ARG A NE  1 
ATOM   592  C CZ  . ARG A 1 90  ? -5.881  13.500  -3.287  1.00 15.97 ? 81  ARG A CZ  1 
ATOM   593  N NH1 . ARG A 1 90  ? -7.164  13.176  -3.128  1.00 12.95 ? 81  ARG A NH1 1 
ATOM   594  N NH2 . ARG A 1 90  ? -5.440  14.689  -2.881  1.00 15.47 ? 81  ARG A NH2 1 
ATOM   595  N N   . ASP A 1 91  ? -4.859  6.899   -7.658  1.00 12.65 ? 82  ASP A N   1 
ATOM   596  C CA  . ASP A 1 91  ? -5.326  5.560   -7.989  1.00 14.64 ? 82  ASP A CA  1 
ATOM   597  C C   . ASP A 1 91  ? -4.230  4.829   -8.760  1.00 17.26 ? 82  ASP A C   1 
ATOM   598  O O   . ASP A 1 91  ? -3.925  5.203   -9.890  1.00 17.29 ? 82  ASP A O   1 
ATOM   599  C CB  . ASP A 1 91  ? -6.617  5.655   -8.826  1.00 13.53 ? 82  ASP A CB  1 
ATOM   600  C CG  . ASP A 1 91  ? -7.250  4.307   -9.113  1.00 17.33 ? 82  ASP A CG  1 
ATOM   601  O OD1 . ASP A 1 91  ? -6.552  3.277   -9.049  1.00 18.27 ? 82  ASP A OD1 1 
ATOM   602  O OD2 . ASP A 1 91  ? -8.462  4.283   -9.428  1.00 18.16 ? 82  ASP A OD2 1 
ATOM   603  N N   . SER A 1 92  ? -3.642  3.793   -8.164  1.00 15.62 ? 83  SER A N   1 
ATOM   604  C CA  . SER A 1 92  ? -2.528  3.074   -8.813  1.00 16.21 ? 83  SER A CA  1 
ATOM   605  C C   . SER A 1 92  ? -2.947  2.314   -10.076 1.00 17.52 ? 83  SER A C   1 
ATOM   606  O O   . SER A 1 92  ? -2.088  1.808   -10.803 1.00 19.45 ? 83  SER A O   1 
ATOM   607  C CB  . SER A 1 92  ? -1.866  2.088   -7.840  1.00 14.69 ? 83  SER A CB  1 
ATOM   608  O OG  . SER A 1 92  ? -1.326  2.748   -6.714  1.00 15.83 ? 83  SER A OG  1 
ATOM   609  N N   . PHE A 1 93  ? -4.249  2.220   -10.334 1.00 17.53 ? 84  PHE A N   1 
ATOM   610  C CA  . PHE A 1 93  ? -4.746  1.595   -11.561 1.00 19.08 ? 84  PHE A CA  1 
ATOM   611  C C   . PHE A 1 93  ? -4.963  2.605   -12.704 1.00 20.94 ? 84  PHE A C   1 
ATOM   612  O O   . PHE A 1 93  ? -5.168  2.214   -13.852 1.00 23.09 ? 84  PHE A O   1 
ATOM   613  C CB  . PHE A 1 93  ? -6.068  0.857   -11.299 1.00 20.37 ? 84  PHE A CB  1 
ATOM   614  C CG  . PHE A 1 93  ? -5.944  -0.333  -10.382 1.00 19.59 ? 84  PHE A CG  1 
ATOM   615  C CD1 . PHE A 1 93  ? -6.011  -0.177  -9.003  1.00 19.20 ? 84  PHE A CD1 1 
ATOM   616  C CD2 . PHE A 1 93  ? -5.791  -1.609  -10.896 1.00 18.19 ? 84  PHE A CD2 1 
ATOM   617  C CE1 . PHE A 1 93  ? -5.914  -1.256  -8.164  1.00 17.75 ? 84  PHE A CE1 1 
ATOM   618  C CE2 . PHE A 1 93  ? -5.689  -2.698  -10.056 1.00 20.22 ? 84  PHE A CE2 1 
ATOM   619  C CZ  . PHE A 1 93  ? -5.747  -2.529  -8.693  1.00 18.53 ? 84  PHE A CZ  1 
ATOM   620  N N   . ALA A 1 94  ? -4.947  3.897   -12.392 1.00 16.58 ? 85  ALA A N   1 
ATOM   621  C CA  . ALA A 1 94  ? -5.333  4.905   -13.370 1.00 17.50 ? 85  ALA A CA  1 
ATOM   622  C C   . ALA A 1 94  ? -4.197  5.200   -14.349 1.00 20.13 ? 85  ALA A C   1 
ATOM   623  O O   . ALA A 1 94  ? -3.188  5.807   -13.981 1.00 19.80 ? 85  ALA A O   1 
ATOM   624  C CB  . ALA A 1 94  ? -5.774  6.175   -12.672 1.00 19.57 ? 85  ALA A CB  1 
ATOM   625  N N   . ASP A 1 95  ? -4.372  4.759   -15.595 1.00 22.30 ? 86  ASP A N   1 
ATOM   626  C CA  . ASP A 1 95  ? -3.365  4.967   -16.638 1.00 23.91 ? 86  ASP A CA  1 
ATOM   627  C C   . ASP A 1 95  ? -2.024  4.337   -16.270 1.00 23.87 ? 86  ASP A C   1 
ATOM   628  O O   . ASP A 1 95  ? -0.963  4.921   -16.495 1.00 23.49 ? 86  ASP A O   1 
ATOM   629  C CB  . ASP A 1 95  ? -3.194  6.463   -16.908 1.00 24.05 ? 86  ASP A CB  1 
ATOM   630  C CG  . ASP A 1 95  ? -2.526  6.747   -18.243 1.00 36.94 ? 86  ASP A CG  1 
ATOM   631  O OD1 . ASP A 1 95  ? -2.675  5.925   -19.174 1.00 37.99 ? 86  ASP A OD1 1 
ATOM   632  O OD2 . ASP A 1 95  ? -1.850  7.793   -18.360 1.00 41.08 ? 86  ASP A OD2 1 
ATOM   633  N N   . THR A 1 96  ? -2.069  3.139   -15.702 1.00 21.91 ? 87  THR A N   1 
ATOM   634  C CA  . THR A 1 96  ? -0.854  2.409   -15.359 1.00 19.96 ? 87  THR A CA  1 
ATOM   635  C C   . THR A 1 96  ? -0.880  0.982   -15.876 1.00 21.58 ? 87  THR A C   1 
ATOM   636  O O   . THR A 1 96  ? -1.892  0.508   -16.382 1.00 25.41 ? 87  THR A O   1 
ATOM   637  C CB  . THR A 1 96  ? -0.641  2.304   -13.843 1.00 20.73 ? 87  THR A CB  1 
ATOM   638  O OG1 . THR A 1 96  ? -1.587  1.363   -13.325 1.00 20.15 ? 87  THR A OG1 1 
ATOM   639  C CG2 . THR A 1 96  ? -0.814  3.648   -13.163 1.00 18.30 ? 87  THR A CG2 1 
ATOM   640  N N   . THR A 1 97  ? 0.235   0.292   -15.676 1.00 22.44 ? 88  THR A N   1 
ATOM   641  C CA  . THR A 1 97  ? 0.375   -1.113  -16.025 1.00 25.23 ? 88  THR A CA  1 
ATOM   642  C C   . THR A 1 97  ? 0.011   -2.027  -14.851 1.00 26.72 ? 88  THR A C   1 
ATOM   643  O O   . THR A 1 97  ? 0.307   -3.222  -14.875 1.00 25.74 ? 88  THR A O   1 
ATOM   644  C CB  . THR A 1 97  ? 1.822   -1.419  -16.463 1.00 25.85 ? 88  THR A CB  1 
ATOM   645  O OG1 . THR A 1 97  ? 2.702   -1.233  -15.345 1.00 27.53 ? 88  THR A OG1 1 
ATOM   646  C CG2 . THR A 1 97  ? 2.249   -0.485  -17.582 1.00 28.19 ? 88  THR A CG2 1 
ATOM   647  N N   . LEU A 1 98  ? -0.614  -1.479  -13.812 1.00 23.21 ? 89  LEU A N   1 
ATOM   648  C CA  . LEU A 1 98  ? -0.853  -2.282  -12.619 1.00 22.31 ? 89  LEU A CA  1 
ATOM   649  C C   . LEU A 1 98  ? -1.768  -3.462  -12.922 1.00 20.46 ? 89  LEU A C   1 
ATOM   650  O O   . LEU A 1 98  ? -1.459  -4.592  -12.552 1.00 22.74 ? 89  LEU A O   1 
ATOM   651  C CB  . LEU A 1 98  ? -1.452  -1.433  -11.485 1.00 20.21 ? 89  LEU A CB  1 
ATOM   652  C CG  . LEU A 1 98  ? -1.769  -2.217  -10.203 1.00 21.56 ? 89  LEU A CG  1 
ATOM   653  C CD1 . LEU A 1 98  ? -0.539  -2.915  -9.668  1.00 21.46 ? 89  LEU A CD1 1 
ATOM   654  C CD2 . LEU A 1 98  ? -2.339  -1.273  -9.140  1.00 17.92 ? 89  LEU A CD2 1 
ATOM   655  N N   . ARG A 1 99  ? -2.890  -3.211  -13.592 1.00 21.35 ? 90  ARG A N   1 
ATOM   656  C CA  . ARG A 1 99  ? -3.842  -4.291  -13.851 1.00 23.49 ? 90  ARG A CA  1 
ATOM   657  C C   . ARG A 1 99  ? -3.199  -5.390  -14.704 1.00 26.18 ? 90  ARG A C   1 
ATOM   658  O O   . ARG A 1 99  ? -3.329  -6.572  -14.409 1.00 25.25 ? 90  ARG A O   1 
ATOM   659  C CB  . ARG A 1 99  ? -5.104  -3.761  -14.529 1.00 25.66 ? 90  ARG A CB  1 
ATOM   660  C CG  . ARG A 1 99  ? -6.155  -4.831  -14.762 1.00 27.86 ? 90  ARG A CG  1 
ATOM   661  C CD  . ARG A 1 99  ? -6.500  -5.546  -13.462 1.00 27.73 ? 90  ARG A CD  1 
ATOM   662  N NE  . ARG A 1 99  ? -7.509  -6.588  -13.652 1.00 30.35 ? 90  ARG A NE  1 
ATOM   663  C CZ  . ARG A 1 99  ? -8.808  -6.412  -13.449 1.00 34.86 ? 90  ARG A CZ  1 
ATOM   664  N NH1 . ARG A 1 99  ? -9.655  -7.416  -13.645 1.00 40.41 ? 90  ARG A NH1 1 
ATOM   665  N NH2 . ARG A 1 99  ? -9.263  -5.230  -13.046 1.00 34.73 ? 90  ARG A NH2 1 
ATOM   666  N N   . GLU A 1 100 ? -2.488  -4.993  -15.751 1.00 26.60 ? 91  GLU A N   1 
ATOM   667  C CA  . GLU A 1 100 ? -1.746  -5.956  -16.564 1.00 30.04 ? 91  GLU A CA  1 
ATOM   668  C C   . GLU A 1 100 ? -0.713  -6.742  -15.743 1.00 26.96 ? 91  GLU A C   1 
ATOM   669  O O   . GLU A 1 100 ? -0.560  -7.954  -15.903 1.00 29.72 ? 91  GLU A O   1 
ATOM   670  C CB  . GLU A 1 100 ? -1.065  -5.227  -17.715 1.00 31.11 ? 91  GLU A CB  1 
ATOM   671  C CG  . GLU A 1 100 ? -0.042  -6.046  -18.451 1.00 36.69 ? 91  GLU A CG  1 
ATOM   672  C CD  . GLU A 1 100 ? 0.769   -5.198  -19.411 1.00 50.20 ? 91  GLU A CD  1 
ATOM   673  O OE1 . GLU A 1 100 ? 0.290   -4.100  -19.779 1.00 46.79 ? 91  GLU A OE1 1 
ATOM   674  O OE2 . GLU A 1 100 ? 1.886   -5.621  -19.786 1.00 56.40 ? 91  GLU A OE2 1 
ATOM   675  N N   . THR A 1 101 ? -0.001  -6.052  -14.859 1.00 26.04 ? 92  THR A N   1 
ATOM   676  C CA  . THR A 1 101 ? 0.987   -6.705  -14.011 1.00 27.67 ? 92  THR A CA  1 
ATOM   677  C C   . THR A 1 101 ? 0.332   -7.723  -13.087 1.00 29.39 ? 92  THR A C   1 
ATOM   678  O O   . THR A 1 101 ? 0.829   -8.834  -12.923 1.00 28.75 ? 92  THR A O   1 
ATOM   679  C CB  . THR A 1 101 ? 1.763   -5.677  -13.173 1.00 27.59 ? 92  THR A CB  1 
ATOM   680  O OG1 . THR A 1 101 ? 2.514   -4.828  -14.047 1.00 25.72 ? 92  THR A OG1 1 
ATOM   681  C CG2 . THR A 1 101 ? 2.701   -6.364  -12.205 1.00 26.40 ? 92  THR A CG2 1 
ATOM   682  N N   . LEU A 1 102 ? -0.790  -7.338  -12.485 1.00 25.24 ? 93  LEU A N   1 
ATOM   683  C CA  . LEU A 1 102 ? -1.516  -8.229  -11.586 1.00 25.97 ? 93  LEU A CA  1 
ATOM   684  C C   . LEU A 1 102 ? -2.130  -9.415  -12.331 1.00 26.16 ? 93  LEU A C   1 
ATOM   685  O O   . LEU A 1 102 ? -2.095  -10.541 -11.844 1.00 27.90 ? 93  LEU A O   1 
ATOM   686  C CB  . LEU A 1 102 ? -2.604  -7.448  -10.836 1.00 23.30 ? 93  LEU A CB  1 
ATOM   687  C CG  . LEU A 1 102 ? -2.056  -6.402  -9.853  1.00 22.42 ? 93  LEU A CG  1 
ATOM   688  C CD1 . LEU A 1 102 ? -3.183  -5.632  -9.149  1.00 21.27 ? 93  LEU A CD1 1 
ATOM   689  C CD2 . LEU A 1 102 ? -1.155  -7.066  -8.840  1.00 21.95 ? 93  LEU A CD2 1 
ATOM   690  N N   . ASP A 1 103 ? -2.693  -9.156  -13.505 1.00 28.83 ? 94  ASP A N   1 
ATOM   691  C CA  . ASP A 1 103 ? -3.325  -10.212 -14.291 1.00 29.66 ? 94  ASP A CA  1 
ATOM   692  C C   . ASP A 1 103 ? -2.297  -11.245 -14.728 1.00 31.05 ? 94  ASP A C   1 
ATOM   693  O O   . ASP A 1 103 ? -2.582  -12.438 -14.759 1.00 31.90 ? 94  ASP A O   1 
ATOM   694  C CB  . ASP A 1 103 ? -4.041  -9.632  -15.508 1.00 28.88 ? 94  ASP A CB  1 
ATOM   695  C CG  . ASP A 1 103 ? -5.383  -9.025  -15.158 1.00 31.50 ? 94  ASP A CG  1 
ATOM   696  O OD1 . ASP A 1 103 ? -5.872  -9.268  -14.035 1.00 33.96 ? 94  ASP A OD1 1 
ATOM   697  O OD2 . ASP A 1 103 ? -5.953  -8.315  -16.006 1.00 33.39 ? 94  ASP A OD2 1 
ATOM   698  N N   . GLU A 1 104 ? -1.097  -10.778 -15.046 1.00 32.10 ? 95  GLU A N   1 
ATOM   699  C CA  . GLU A 1 104 ? -0.012  -11.664 -15.450 1.00 35.49 ? 95  GLU A CA  1 
ATOM   700  C C   . GLU A 1 104 ? 0.377   -12.596 -14.304 1.00 36.83 ? 95  GLU A C   1 
ATOM   701  O O   . GLU A 1 104 ? 0.784   -13.736 -14.534 1.00 33.93 ? 95  GLU A O   1 
ATOM   702  C CB  . GLU A 1 104 ? 1.196   -10.850 -15.921 1.00 35.87 ? 95  GLU A CB  1 
ATOM   703  N N   . LEU A 1 105 ? 0.232   -12.108 -13.072 1.00 33.00 ? 96  LEU A N   1 
ATOM   704  C CA  . LEU A 1 105 ? 0.536   -12.895 -11.878 1.00 30.75 ? 96  LEU A CA  1 
ATOM   705  C C   . LEU A 1 105 ? -0.642  -13.751 -11.421 1.00 27.65 ? 96  LEU A C   1 
ATOM   706  O O   . LEU A 1 105 ? -0.513  -14.524 -10.481 1.00 30.86 ? 96  LEU A O   1 
ATOM   707  C CB  . LEU A 1 105 ? 0.959   -11.983 -10.724 1.00 29.56 ? 96  LEU A CB  1 
ATOM   708  C CG  . LEU A 1 105 ? 2.363   -11.392 -10.742 1.00 32.76 ? 96  LEU A CG  1 
ATOM   709  C CD1 . LEU A 1 105 ? 2.476   -10.285 -9.708  1.00 28.16 ? 96  LEU A CD1 1 
ATOM   710  C CD2 . LEU A 1 105 ? 3.398   -12.481 -10.486 1.00 34.13 ? 96  LEU A CD2 1 
ATOM   711  N N   . GLY A 1 106 ? -1.789  -13.594 -12.068 1.00 28.13 ? 97  GLY A N   1 
ATOM   712  C CA  . GLY A 1 106 ? -2.998  -14.283 -11.651 1.00 30.00 ? 97  GLY A CA  1 
ATOM   713  C C   . GLY A 1 106 ? -3.502  -13.848 -10.281 1.00 29.72 ? 97  GLY A C   1 
ATOM   714  O O   . GLY A 1 106 ? -4.161  -14.615 -9.580  1.00 30.04 ? 97  GLY A O   1 
ATOM   715  N N   . ALA A 1 107 ? -3.182  -12.615 -9.897  1.00 28.97 ? 98  ALA A N   1 
ATOM   716  C CA  . ALA A 1 107 ? -3.580  -12.077 -8.590  1.00 26.97 ? 98  ALA A CA  1 
ATOM   717  C C   . ALA A 1 107 ? -5.096  -12.081 -8.379  1.00 24.97 ? 98  ALA A C   1 
ATOM   718  O O   . ALA A 1 107 ? -5.860  -11.673 -9.260  1.00 26.00 ? 98  ALA A O   1 
ATOM   719  C CB  . ALA A 1 107 ? -3.039  -10.665 -8.430  1.00 24.52 ? 98  ALA A CB  1 
ATOM   720  N N   . THR A 1 108 ? -5.524  -12.539 -7.203  1.00 23.83 ? 99  THR A N   1 
ATOM   721  C CA  . THR A 1 108 ? -6.933  -12.487 -6.798  1.00 23.97 ? 99  THR A CA  1 
ATOM   722  C C   . THR A 1 108 ? -7.105  -11.748 -5.467  1.00 23.46 ? 99  THR A C   1 
ATOM   723  O O   . THR A 1 108 ? -8.205  -11.331 -5.112  1.00 22.97 ? 99  THR A O   1 
ATOM   724  C CB  . THR A 1 108 ? -7.531  -13.886 -6.620  1.00 25.77 ? 99  THR A CB  1 
ATOM   725  O OG1 . THR A 1 108 ? -6.889  -14.522 -5.511  1.00 26.66 ? 99  THR A OG1 1 
ATOM   726  C CG2 . THR A 1 108 ? -7.324  -14.731 -7.879  1.00 31.65 ? 99  THR A CG2 1 
ATOM   727  N N   . HIS A 1 109 ? -6.010  -11.627 -4.732  1.00 21.73 ? 100 HIS A N   1 
ATOM   728  C CA  . HIS A 1 109 ? -6.029  -11.111 -3.367  1.00 22.55 ? 100 HIS A CA  1 
ATOM   729  C C   . HIS A 1 109 ? -4.825  -10.199 -3.175  1.00 23.39 ? 100 HIS A C   1 
ATOM   730  O O   . HIS A 1 109 ? -3.684  -10.637 -3.315  1.00 21.38 ? 100 HIS A O   1 
ATOM   731  C CB  . HIS A 1 109 ? -6.015  -12.271 -2.357  1.00 22.71 ? 100 HIS A CB  1 
ATOM   732  C CG  . HIS A 1 109 ? -5.742  -11.856 -0.943  1.00 23.81 ? 100 HIS A CG  1 
ATOM   733  N ND1 . HIS A 1 109 ? -4.776  -12.457 -0.165  1.00 24.77 ? 100 HIS A ND1 1 
ATOM   734  C CD2 . HIS A 1 109 ? -6.318  -10.910 -0.162  1.00 22.27 ? 100 HIS A CD2 1 
ATOM   735  C CE1 . HIS A 1 109 ? -4.769  -11.903 1.036   1.00 24.35 ? 100 HIS A CE1 1 
ATOM   736  N NE2 . HIS A 1 109 ? -5.693  -10.957 1.061   1.00 22.85 ? 100 HIS A NE2 1 
ATOM   737  N N   . LEU A 1 110 ? -5.075  -8.924  -2.878  1.00 19.87 ? 101 LEU A N   1 
ATOM   738  C CA  . LEU A 1 110 ? -3.984  -7.991  -2.680  1.00 19.68 ? 101 LEU A CA  1 
ATOM   739  C C   . LEU A 1 110 ? -3.804  -7.669  -1.211  1.00 19.81 ? 101 LEU A C   1 
ATOM   740  O O   . LEU A 1 110 ? -4.772  -7.339  -0.526  1.00 16.84 ? 101 LEU A O   1 
ATOM   741  C CB  . LEU A 1 110 ? -4.225  -6.693  -3.457  1.00 18.20 ? 101 LEU A CB  1 
ATOM   742  C CG  . LEU A 1 110 ? -4.601  -6.857  -4.924  1.00 16.68 ? 101 LEU A CG  1 
ATOM   743  C CD1 . LEU A 1 110 ? -4.812  -5.477  -5.526  1.00 16.56 ? 101 LEU A CD1 1 
ATOM   744  C CD2 . LEU A 1 110 ? -3.505  -7.599  -5.666  1.00 18.52 ? 101 LEU A CD2 1 
ATOM   745  N N   . VAL A 1 111 ? -2.559  -7.758  -0.750  1.00 17.49 ? 102 VAL A N   1 
ATOM   746  C CA  . VAL A 1 111 ? -2.189  -7.392  0.607   1.00 16.14 ? 102 VAL A CA  1 
ATOM   747  C C   . VAL A 1 111 ? -1.483  -6.041  0.538   1.00 16.98 ? 102 VAL A C   1 
ATOM   748  O O   . VAL A 1 111 ? -0.406  -5.942  -0.035  1.00 16.72 ? 102 VAL A O   1 
ATOM   749  C CB  . VAL A 1 111 ? -1.275  -8.449  1.248   1.00 17.30 ? 102 VAL A CB  1 
ATOM   750  C CG1 . VAL A 1 111 ? -0.752  -7.970  2.578   1.00 17.48 ? 102 VAL A CG1 1 
ATOM   751  C CG2 . VAL A 1 111 ? -2.032  -9.773  1.408   1.00 20.09 ? 102 VAL A CG2 1 
ATOM   752  N N   . ILE A 1 112 ? -2.101  -5.001  1.099   1.00 15.01 ? 103 ILE A N   1 
ATOM   753  C CA  . ILE A 1 112 ? -1.646  -3.633  0.844   1.00 15.07 ? 103 ILE A CA  1 
ATOM   754  C C   . ILE A 1 112 ? -0.928  -2.980  2.029   1.00 16.01 ? 103 ILE A C   1 
ATOM   755  O O   . ILE A 1 112 ? -1.426  -2.955  3.165   1.00 15.78 ? 103 ILE A O   1 
ATOM   756  C CB  . ILE A 1 112 ? -2.839  -2.725  0.419   1.00 16.71 ? 103 ILE A CB  1 
ATOM   757  C CG1 . ILE A 1 112 ? -3.389  -3.191  -0.937  1.00 17.91 ? 103 ILE A CG1 1 
ATOM   758  C CG2 . ILE A 1 112 ? -2.397  -1.264  0.374   1.00 14.34 ? 103 ILE A CG2 1 
ATOM   759  C CD1 . ILE A 1 112 ? -4.630  -2.449  -1.423  1.00 18.46 ? 103 ILE A CD1 1 
ATOM   760  N N   . THR A 1 113 ? 0.267   -2.470  1.734   1.00 14.90 ? 104 THR A N   1 
ATOM   761  C CA  . THR A 1 113 ? 1.072   -1.665  2.647   1.00 13.59 ? 104 THR A CA  1 
ATOM   762  C C   . THR A 1 113 ? 1.476   -0.407  1.886   1.00 13.09 ? 104 THR A C   1 
ATOM   763  O O   . THR A 1 113 ? 1.627   -0.460  0.673   1.00 15.08 ? 104 THR A O   1 
ATOM   764  C CB  . THR A 1 113 ? 2.334   -2.427  3.127   1.00 14.96 ? 104 THR A CB  1 
ATOM   765  O OG1 . THR A 1 113 ? 3.148   -1.574  3.936   1.00 15.68 ? 104 THR A OG1 1 
ATOM   766  C CG2 . THR A 1 113 ? 3.153   -2.900  1.930   1.00 17.92 ? 104 THR A CG2 1 
ATOM   767  N N   . GLY A 1 114 ? 1.637   0.720   2.570   1.00 14.24 ? 105 GLY A N   1 
ATOM   768  C CA  . GLY A 1 114 ? 2.130   1.900   1.874   1.00 14.62 ? 105 GLY A CA  1 
ATOM   769  C C   . GLY A 1 114 ? 1.803   3.258   2.454   1.00 15.22 ? 105 GLY A C   1 
ATOM   770  O O   . GLY A 1 114 ? 1.430   3.389   3.612   1.00 12.70 ? 105 GLY A O   1 
ATOM   771  N N   . ALA A 1 115 ? 1.992   4.285   1.629   1.00 13.91 ? 106 ALA A N   1 
ATOM   772  C CA  . ALA A 1 115 ? 1.651   5.667   1.983   1.00 13.23 ? 106 ALA A CA  1 
ATOM   773  C C   . ALA A 1 115 ? 1.082   6.349   0.741   1.00 12.23 ? 106 ALA A C   1 
ATOM   774  O O   . ALA A 1 115 ? 1.279   5.851   -0.375  1.00 13.40 ? 106 ALA A O   1 
ATOM   775  C CB  . ALA A 1 115 ? 2.885   6.415   2.513   1.00 14.10 ? 106 ALA A CB  1 
ATOM   776  N N   . GLN A 1 116 ? 0.336   7.439   0.911   1.00 12.84 ? 107 GLN A N   1 
ATOM   777  C CA  . GLN A 1 116 ? -0.143  7.876   2.222   1.00 12.50 ? 107 GLN A CA  1 
ATOM   778  C C   . GLN A 1 116 ? -1.532  7.293   2.454   1.00 12.06 ? 107 GLN A C   1 
ATOM   779  O O   . GLN A 1 116 ? -2.278  7.100   1.502   1.00 13.22 ? 107 GLN A O   1 
ATOM   780  C CB  . GLN A 1 116 ? -0.193  9.403   2.301   1.00 13.40 ? 107 GLN A CB  1 
ATOM   781  C CG  . GLN A 1 116 ? 1.172   10.060  2.347   1.00 14.00 ? 107 GLN A CG  1 
ATOM   782  C CD  . GLN A 1 116 ? 1.100   11.552  2.064   1.00 18.21 ? 107 GLN A CD  1 
ATOM   783  O OE1 . GLN A 1 116 ? 1.748   12.045  1.146   1.00 25.57 ? 107 GLN A OE1 1 
ATOM   784  N NE2 . GLN A 1 116 ? 0.303   12.270  2.837   1.00 20.25 ? 107 GLN A NE2 1 
ATOM   785  N N   . SER A 1 117 ? -1.879  7.041   3.717   1.00 10.77 ? 108 SER A N   1 
ATOM   786  C CA  . SER A 1 117 ? -3.134  6.384   4.061   1.00 11.01 ? 108 SER A CA  1 
ATOM   787  C C   . SER A 1 117 ? -4.334  7.006   3.379   1.00 11.36 ? 108 SER A C   1 
ATOM   788  O O   . SER A 1 117 ? -5.226  6.289   2.916   1.00 12.77 ? 108 SER A O   1 
ATOM   789  C CB  . SER A 1 117 ? -3.345  6.416   5.576   1.00 11.29 ? 108 SER A CB  1 
ATOM   790  O OG  . SER A 1 117 ? -2.176  5.935   6.234   1.00 12.19 ? 108 SER A OG  1 
ATOM   791  N N   . ASP A 1 118 ? -4.369  8.339   3.345   1.00 11.85 ? 109 ASP A N   1 
ATOM   792  C CA  . ASP A 1 118 ? -5.569  9.022   2.885   1.00 11.71 ? 109 ASP A CA  1 
ATOM   793  C C   . ASP A 1 118 ? -5.531  9.412   1.419   1.00 12.20 ? 109 ASP A C   1 
ATOM   794  O O   . ASP A 1 118 ? -6.497  9.974   0.917   1.00 12.86 ? 109 ASP A O   1 
ATOM   795  C CB  . ASP A 1 118 ? -5.874  10.274  3.740   1.00 10.34 ? 109 ASP A CB  1 
ATOM   796  C CG  . ASP A 1 118 ? -4.635  11.104  4.107   1.00 11.92 ? 109 ASP A CG  1 
ATOM   797  O OD1 . ASP A 1 118 ? -3.482  10.686  3.873   1.00 13.19 ? 109 ASP A OD1 1 
ATOM   798  O OD2 . ASP A 1 118 ? -4.849  12.193  4.687   1.00 12.72 ? 109 ASP A OD2 1 
ATOM   799  N N   . PHE A 1 119 ? -4.446  9.103   0.719   1.00 11.59 ? 110 PHE A N   1 
ATOM   800  C CA  . PHE A 1 119 ? -4.393  9.492   -0.685  1.00 13.38 ? 110 PHE A CA  1 
ATOM   801  C C   . PHE A 1 119 ? -4.182  8.287   -1.593  1.00 12.14 ? 110 PHE A C   1 
ATOM   802  O O   . PHE A 1 119 ? -5.166  7.696   -2.040  1.00 12.96 ? 110 PHE A O   1 
ATOM   803  C CB  . PHE A 1 119 ? -3.320  10.565  -0.868  1.00 14.73 ? 110 PHE A CB  1 
ATOM   804  C CG  . PHE A 1 119 ? -3.566  11.802  -0.026  1.00 14.14 ? 110 PHE A CG  1 
ATOM   805  C CD1 . PHE A 1 119 ? -4.694  12.577  -0.230  1.00 14.03 ? 110 PHE A CD1 1 
ATOM   806  C CD2 . PHE A 1 119 ? -2.669  12.178  0.960   1.00 15.14 ? 110 PHE A CD2 1 
ATOM   807  C CE1 . PHE A 1 119 ? -4.925  13.708  0.532   1.00 13.58 ? 110 PHE A CE1 1 
ATOM   808  C CE2 . PHE A 1 119 ? -2.889  13.317  1.724   1.00 17.00 ? 110 PHE A CE2 1 
ATOM   809  C CZ  . PHE A 1 119 ? -4.019  14.083  1.508   1.00 15.68 ? 110 PHE A CZ  1 
ATOM   810  N N   . ALA A 1 120 ? -2.931  7.906   -1.869  1.00 12.93 ? 111 ALA A N   1 
ATOM   811  C CA  . ALA A 1 120 ? -2.680  6.749   -2.751  1.00 13.71 ? 111 ALA A CA  1 
ATOM   812  C C   . ALA A 1 120 ? -3.225  5.440   -2.179  1.00 15.01 ? 111 ALA A C   1 
ATOM   813  O O   . ALA A 1 120 ? -3.758  4.599   -2.914  1.00 14.09 ? 111 ALA A O   1 
ATOM   814  C CB  . ALA A 1 120 ? -1.177  6.587   -3.033  1.00 13.32 ? 111 ALA A CB  1 
ATOM   815  N N   . VAL A 1 121 ? -3.071  5.253   -0.876  1.00 12.22 ? 112 VAL A N   1 
ATOM   816  C CA  . VAL A 1 121 ? -3.511  3.991   -0.271  1.00 11.32 ? 112 VAL A CA  1 
ATOM   817  C C   . VAL A 1 121 ? -5.032  3.918   -0.285  1.00 12.07 ? 112 VAL A C   1 
ATOM   818  O O   . VAL A 1 121 ? -5.618  2.954   -0.774  1.00 10.78 ? 112 VAL A O   1 
ATOM   819  C CB  . VAL A 1 121 ? -2.980  3.837   1.157   1.00 11.47 ? 112 VAL A CB  1 
ATOM   820  C CG1 . VAL A 1 121 ? -3.584  2.585   1.834   1.00 12.22 ? 112 VAL A CG1 1 
ATOM   821  C CG2 . VAL A 1 121 ? -1.440  3.763   1.147   1.00 12.07 ? 112 VAL A CG2 1 
ATOM   822  N N   . ARG A 1 122 ? -5.667  4.959   0.240   1.00 11.62 ? 113 ARG A N   1 
ATOM   823  C CA  . ARG A 1 122 ? -7.116  5.081   0.203   1.00 12.54 ? 113 ARG A CA  1 
ATOM   824  C C   . ARG A 1 122 ? -7.683  4.858   -1.201  1.00 14.08 ? 113 ARG A C   1 
ATOM   825  O O   . ARG A 1 122 ? -8.611  4.076   -1.403  1.00 13.44 ? 113 ARG A O   1 
ATOM   826  C CB  . ARG A 1 122 ? -7.530  6.478   0.716   1.00 11.10 ? 113 ARG A CB  1 
ATOM   827  C CG  . ARG A 1 122 ? -8.983  6.879   0.370   1.00 11.23 ? 113 ARG A CG  1 
ATOM   828  C CD  . ARG A 1 122 ? -9.402  8.092   1.215   1.00 11.75 ? 113 ARG A CD  1 
ATOM   829  N NE  . ARG A 1 122 ? -10.762 8.524   0.911   1.00 11.12 ? 113 ARG A NE  1 
ATOM   830  C CZ  . ARG A 1 122 ? -11.475 9.343   1.680   1.00 11.55 ? 113 ARG A CZ  1 
ATOM   831  N NH1 . ARG A 1 122 ? -10.983 9.812   2.825   1.00 11.45 ? 113 ARG A NH1 1 
ATOM   832  N NH2 . ARG A 1 122 ? -12.709 9.658   1.322   1.00 13.42 ? 113 ARG A NH2 1 
ATOM   833  N N   . THR A 1 123 ? -7.125  5.558   -2.186  1.00 11.91 ? 114 THR A N   1 
ATOM   834  C CA  . THR A 1 123 ? -7.731  5.538   -3.511  1.00 12.15 ? 114 THR A CA  1 
ATOM   835  C C   . THR A 1 123 ? -7.485  4.205   -4.216  1.00 14.35 ? 114 THR A C   1 
ATOM   836  O O   . THR A 1 123 ? -8.379  3.662   -4.878  1.00 13.41 ? 114 THR A O   1 
ATOM   837  C CB  . THR A 1 123 ? -7.214  6.726   -4.357  1.00 11.23 ? 114 THR A CB  1 
ATOM   838  O OG1 . THR A 1 123 ? -7.320  7.919   -3.570  1.00 12.09 ? 114 THR A OG1 1 
ATOM   839  C CG2 . THR A 1 123 ? -8.056  6.891   -5.625  1.00 13.13 ? 114 THR A CG2 1 
ATOM   840  N N   . THR A 1 124 ? -6.289  3.657   -4.038  1.00 13.53 ? 115 THR A N   1 
ATOM   841  C CA  . THR A 1 124 ? -5.938  2.382   -4.655  1.00 11.87 ? 115 THR A CA  1 
ATOM   842  C C   . THR A 1 124 ? -6.677  1.202   -4.010  1.00 13.16 ? 115 THR A C   1 
ATOM   843  O O   . THR A 1 124 ? -7.153  0.312   -4.711  1.00 14.49 ? 115 THR A O   1 
ATOM   844  C CB  . THR A 1 124 ? -4.425  2.131   -4.572  1.00 13.36 ? 115 THR A CB  1 
ATOM   845  O OG1 . THR A 1 124 ? -3.732  3.192   -5.242  1.00 13.18 ? 115 THR A OG1 1 
ATOM   846  C CG2 . THR A 1 124 ? -4.047  0.808   -5.219  1.00 13.09 ? 115 THR A CG2 1 
ATOM   847  N N   . MET A 1 125 ? -6.774  1.188   -2.682  1.00 12.97 ? 116 MET A N   1 
ATOM   848  C CA  . MET A 1 125 ? -7.413  0.042   -2.039  1.00 15.35 ? 116 MET A CA  1 
ATOM   849  C C   . MET A 1 125 ? -8.891  0.026   -2.385  1.00 14.81 ? 116 MET A C   1 
ATOM   850  O O   . MET A 1 125 ? -9.471  -1.044  -2.604  1.00 12.30 ? 116 MET A O   1 
ATOM   851  C CB  . MET A 1 125 ? -7.199  0.047   -0.519  1.00 12.81 ? 116 MET A CB  1 
ATOM   852  C CG  . MET A 1 125 ? -8.018  1.062   0.241   1.00 12.65 ? 116 MET A CG  1 
ATOM   853  S SD  . MET A 1 125 ? -7.507  1.129   1.965   1.00 15.08 ? 116 MET A SD  1 
ATOM   854  C CE  . MET A 1 125 ? -8.820  2.157   2.636   1.00 15.41 ? 116 MET A CE  1 
ATOM   855  N N   . GLN A 1 126 ? -9.514  1.199   -2.484  1.00 13.09 ? 117 GLN A N   1 
ATOM   856  C CA  . GLN A 1 126 ? -10.920 1.211   -2.857  1.00 13.61 ? 117 GLN A CA  1 
ATOM   857  C C   . GLN A 1 126 ? -11.116 0.860   -4.326  1.00 14.93 ? 117 GLN A C   1 
ATOM   858  O O   . GLN A 1 126 ? -12.078 0.179   -4.671  1.00 16.45 ? 117 GLN A O   1 
ATOM   859  C CB  . GLN A 1 126 ? -11.556 2.556   -2.514  1.00 13.93 ? 117 GLN A CB  1 
ATOM   860  C CG  . GLN A 1 126 ? -11.899 2.577   -1.020  1.00 13.79 ? 117 GLN A CG  1 
ATOM   861  C CD  . GLN A 1 126 ? -12.436 3.894   -0.537  1.00 11.99 ? 117 GLN A CD  1 
ATOM   862  O OE1 . GLN A 1 126 ? -11.895 4.466   0.405   1.00 13.17 ? 117 GLN A OE1 1 
ATOM   863  N NE2 . GLN A 1 126 ? -13.514 4.382   -1.166  1.00 12.93 ? 117 GLN A NE2 1 
ATOM   864  N N   . ARG A 1 127 ? -10.204 1.299   -5.188  1.00 13.71 ? 118 ARG A N   1 
ATOM   865  C CA  . ARG A 1 127 ? -10.290 0.915   -6.591  1.00 14.42 ? 118 ARG A CA  1 
ATOM   866  C C   . ARG A 1 127 ? -10.148 -0.598  -6.719  1.00 16.16 ? 118 ARG A C   1 
ATOM   867  O O   . ARG A 1 127 ? -10.904 -1.225  -7.462  1.00 15.27 ? 118 ARG A O   1 
ATOM   868  C CB  . ARG A 1 127 ? -9.211  1.624   -7.437  1.00 15.41 ? 118 ARG A CB  1 
ATOM   869  C CG  . ARG A 1 127 ? -9.101  1.075   -8.871  1.00 15.30 ? 118 ARG A CG  1 
ATOM   870  C CD  . ARG A 1 127 ? -10.301 1.500   -9.693  1.00 17.41 ? 118 ARG A CD  1 
ATOM   871  N NE  . ARG A 1 127 ? -10.222 1.080   -11.093 1.00 20.41 ? 118 ARG A NE  1 
ATOM   872  C CZ  . ARG A 1 127 ? -9.721  1.835   -12.069 1.00 23.28 ? 118 ARG A CZ  1 
ATOM   873  N NH1 . ARG A 1 127 ? -9.237  3.038   -11.796 1.00 21.11 ? 118 ARG A NH1 1 
ATOM   874  N NH2 . ARG A 1 127 ? -9.691  1.380   -13.319 1.00 25.27 ? 118 ARG A NH2 1 
ATOM   875  N N   . ALA A 1 128 ? -9.201  -1.183  -5.984  1.00 16.00 ? 119 ALA A N   1 
ATOM   876  C CA  . ALA A 1 128 ? -8.988  -2.634  -6.040  1.00 15.45 ? 119 ALA A CA  1 
ATOM   877  C C   . ALA A 1 128 ? -10.268 -3.350  -5.635  1.00 18.32 ? 119 ALA A C   1 
ATOM   878  O O   . ALA A 1 128 ? -10.666 -4.328  -6.265  1.00 17.21 ? 119 ALA A O   1 
ATOM   879  C CB  . ALA A 1 128 ? -7.831  -3.061  -5.144  1.00 15.14 ? 119 ALA A CB  1 
ATOM   880  N N   . ALA A 1 129 ? -10.929 -2.848  -4.592  1.00 15.59 ? 120 ALA A N   1 
ATOM   881  C CA  . ALA A 1 129 ? -12.179 -3.463  -4.148  1.00 17.45 ? 120 ALA A CA  1 
ATOM   882  C C   . ALA A 1 129 ? -13.236 -3.376  -5.253  1.00 18.77 ? 120 ALA A C   1 
ATOM   883  O O   . ALA A 1 129 ? -13.943 -4.353  -5.532  1.00 20.02 ? 120 ALA A O   1 
ATOM   884  C CB  . ALA A 1 129 ? -12.681 -2.801  -2.865  1.00 16.31 ? 120 ALA A CB  1 
ATOM   885  N N   . ALA A 1 130 ? -13.330 -2.210  -5.890  1.00 15.12 ? 121 ALA A N   1 
ATOM   886  C CA  . ALA A 1 130 ? -14.300 -2.004  -6.961  1.00 15.47 ? 121 ALA A CA  1 
ATOM   887  C C   . ALA A 1 130 ? -14.053 -2.956  -8.132  1.00 17.84 ? 121 ALA A C   1 
ATOM   888  O O   . ALA A 1 130 ? -15.003 -3.469  -8.727  1.00 21.54 ? 121 ALA A O   1 
ATOM   889  C CB  . ALA A 1 130 ? -14.272 -0.566  -7.440  1.00 15.86 ? 121 ALA A CB  1 
ATOM   890  N N   . GLU A 1 131 ? -12.780 -3.196  -8.435  1.00 18.10 ? 122 GLU A N   1 
ATOM   891  C CA  . GLU A 1 131 ? -12.387 -4.083  -9.539  1.00 21.99 ? 122 GLU A CA  1 
ATOM   892  C C   . GLU A 1 131 ? -12.707 -5.546  -9.260  1.00 23.00 ? 122 GLU A C   1 
ATOM   893  O O   . GLU A 1 131 ? -12.710 -6.364  -10.176 1.00 25.20 ? 122 GLU A O   1 
ATOM   894  C CB  . GLU A 1 131 ? -10.895 -3.942  -9.834  1.00 17.25 ? 122 GLU A CB  1 
ATOM   895  C CG  . GLU A 1 131 ? -10.517 -2.582  -10.402 1.00 22.49 ? 122 GLU A CG  1 
ATOM   896  C CD  . GLU A 1 131 ? -10.989 -2.395  -11.836 1.00 28.74 ? 122 GLU A CD  1 
ATOM   897  O OE1 . GLU A 1 131 ? -10.990 -1.251  -12.326 1.00 28.34 ? 122 GLU A OE1 1 
ATOM   898  O OE2 . GLU A 1 131 ? -11.359 -3.402  -12.479 1.00 31.99 ? 122 GLU A OE2 1 
ATOM   899  N N   . GLY A 1 132 ? -12.945 -5.881  -7.996  1.00 21.16 ? 123 GLY A N   1 
ATOM   900  C CA  . GLY A 1 132 ? -13.357 -7.226  -7.642  1.00 23.18 ? 123 GLY A CA  1 
ATOM   901  C C   . GLY A 1 132 ? -12.352 -8.041  -6.859  1.00 23.20 ? 123 GLY A C   1 
ATOM   902  O O   . GLY A 1 132 ? -12.600 -9.215  -6.581  1.00 24.77 ? 123 GLY A O   1 
ATOM   903  N N   . TYR A 1 133 ? -11.221 -7.439  -6.496  1.00 18.97 ? 124 TYR A N   1 
ATOM   904  C CA  . TYR A 1 133 ? -10.216 -8.141  -5.700  1.00 20.33 ? 124 TYR A CA  1 
ATOM   905  C C   . TYR A 1 133 ? -10.666 -8.406  -4.273  1.00 21.31 ? 124 TYR A C   1 
ATOM   906  O O   . TYR A 1 133 ? -11.438 -7.636  -3.703  1.00 21.82 ? 124 TYR A O   1 
ATOM   907  C CB  . TYR A 1 133 ? -8.899  -7.351  -5.649  1.00 20.24 ? 124 TYR A CB  1 
ATOM   908  C CG  . TYR A 1 133 ? -8.167  -7.283  -6.968  1.00 19.25 ? 124 TYR A CG  1 
ATOM   909  C CD1 . TYR A 1 133 ? -7.313  -8.314  -7.369  1.00 22.16 ? 124 TYR A CD1 1 
ATOM   910  C CD2 . TYR A 1 133 ? -8.342  -6.209  -7.815  1.00 19.01 ? 124 TYR A CD2 1 
ATOM   911  C CE1 . TYR A 1 133 ? -6.645  -8.248  -8.585  1.00 22.47 ? 124 TYR A CE1 1 
ATOM   912  C CE2 . TYR A 1 133 ? -7.689  -6.136  -9.024  1.00 23.14 ? 124 TYR A CE2 1 
ATOM   913  C CZ  . TYR A 1 133 ? -6.842  -7.157  -9.408  1.00 22.90 ? 124 TYR A CZ  1 
ATOM   914  O OH  . TYR A 1 133 ? -6.198  -7.071  -10.623 1.00 23.94 ? 124 TYR A OH  1 
ATOM   915  N N   . ASP A 1 134 ? -10.177 -9.501  -3.700  1.00 20.92 ? 125 ASP A N   1 
ATOM   916  C CA  . ASP A 1 134 ? -10.111 -9.613  -2.255  1.00 20.85 ? 125 ASP A CA  1 
ATOM   917  C C   . ASP A 1 134 ? -8.978  -8.689  -1.836  1.00 19.56 ? 125 ASP A C   1 
ATOM   918  O O   . ASP A 1 134 ? -7.944  -8.648  -2.498  1.00 19.29 ? 125 ASP A O   1 
ATOM   919  C CB  . ASP A 1 134 ? -9.833  -11.046 -1.795  1.00 21.17 ? 125 ASP A CB  1 
ATOM   920  C CG  . ASP A 1 134 ? -10.930 -12.022 -2.194  1.00 26.15 ? 125 ASP A CG  1 
ATOM   921  O OD1 . ASP A 1 134 ? -12.095 -11.602 -2.343  1.00 21.41 ? 125 ASP A OD1 1 
ATOM   922  O OD2 . ASP A 1 134 ? -10.619 -13.224 -2.348  1.00 27.61 ? 125 ASP A OD2 1 
ATOM   923  N N   . VAL A 1 135 ? -9.167  -7.929  -0.766  1.00 18.53 ? 126 VAL A N   1 
ATOM   924  C CA  . VAL A 1 135 ? -8.110  -7.023  -0.324  1.00 17.56 ? 126 VAL A CA  1 
ATOM   925  C C   . VAL A 1 135 ? -7.892  -7.138  1.176   1.00 16.23 ? 126 VAL A C   1 
ATOM   926  O O   . VAL A 1 135 ? -8.853  -7.151  1.953   1.00 18.46 ? 126 VAL A O   1 
ATOM   927  C CB  . VAL A 1 135 ? -8.433  -5.545  -0.681  1.00 17.18 ? 126 VAL A CB  1 
ATOM   928  C CG1 . VAL A 1 135 ? -7.246  -4.647  -0.330  1.00 16.91 ? 126 VAL A CG1 1 
ATOM   929  C CG2 . VAL A 1 135 ? -8.779  -5.406  -2.157  1.00 19.59 ? 126 VAL A CG2 1 
ATOM   930  N N   . THR A 1 136 ? -6.629  -7.229  1.578   1.00 15.92 ? 127 THR A N   1 
ATOM   931  C CA  . THR A 1 136 ? -6.257  -7.134  2.981   1.00 17.82 ? 127 THR A CA  1 
ATOM   932  C C   . THR A 1 136 ? -5.405  -5.891  3.201   1.00 17.49 ? 127 THR A C   1 
ATOM   933  O O   . THR A 1 136 ? -4.363  -5.722  2.569   1.00 18.03 ? 127 THR A O   1 
ATOM   934  C CB  . THR A 1 136 ? -5.472  -8.365  3.461   1.00 19.63 ? 127 THR A CB  1 
ATOM   935  O OG1 . THR A 1 136 ? -6.283  -9.536  3.310   1.00 19.91 ? 127 THR A OG1 1 
ATOM   936  C CG2 . THR A 1 136 ? -5.055  -8.209  4.927   1.00 19.35 ? 127 THR A CG2 1 
ATOM   937  N N   . LEU A 1 137 ? -5.858  -5.012  4.088   1.00 14.82 ? 128 LEU A N   1 
ATOM   938  C CA  . LEU A 1 137 ? -5.073  -3.832  4.442   1.00 14.83 ? 128 LEU A CA  1 
ATOM   939  C C   . LEU A 1 137 ? -4.232  -4.183  5.658   1.00 14.55 ? 128 LEU A C   1 
ATOM   940  O O   . LEU A 1 137 ? -4.757  -4.712  6.641   1.00 16.20 ? 128 LEU A O   1 
ATOM   941  C CB  . LEU A 1 137 ? -5.977  -2.624  4.740   1.00 14.35 ? 128 LEU A CB  1 
ATOM   942  C CG  . LEU A 1 137 ? -5.247  -1.340  5.139   1.00 15.81 ? 128 LEU A CG  1 
ATOM   943  C CD1 . LEU A 1 137 ? -4.408  -0.841  3.974   1.00 14.93 ? 128 LEU A CD1 1 
ATOM   944  C CD2 . LEU A 1 137 ? -6.258  -0.282  5.571   1.00 12.42 ? 128 LEU A CD2 1 
ATOM   945  N N   . VAL A 1 138 ? -2.936  -3.896  5.594   1.00 14.83 ? 129 VAL A N   1 
ATOM   946  C CA  . VAL A 1 138 ? -2.046  -4.162  6.714   1.00 15.30 ? 129 VAL A CA  1 
ATOM   947  C C   . VAL A 1 138 ? -2.073  -2.983  7.696   1.00 15.81 ? 129 VAL A C   1 
ATOM   948  O O   . VAL A 1 138 ? -1.490  -1.928  7.448   1.00 14.31 ? 129 VAL A O   1 
ATOM   949  C CB  . VAL A 1 138 ? -0.609  -4.446  6.220   1.00 14.61 ? 129 VAL A CB  1 
ATOM   950  C CG1 . VAL A 1 138 ? 0.294   -4.836  7.394   1.00 14.78 ? 129 VAL A CG1 1 
ATOM   951  C CG2 . VAL A 1 138 ? -0.648  -5.555  5.168   1.00 16.65 ? 129 VAL A CG2 1 
ATOM   952  N N   . SER A 1 139 ? -2.744  -3.193  8.826   1.00 14.01 ? 130 SER A N   1 
ATOM   953  C CA  . SER A 1 139 ? -3.175  -2.112  9.702   1.00 14.57 ? 130 SER A CA  1 
ATOM   954  C C   . SER A 1 139 ? -2.039  -1.309  10.295  1.00 14.25 ? 130 SER A C   1 
ATOM   955  O O   . SER A 1 139 ? -2.189  -0.114  10.567  1.00 15.46 ? 130 SER A O   1 
ATOM   956  C CB  . SER A 1 139 ? -4.031  -2.689  10.824  1.00 16.69 ? 130 SER A CB  1 
ATOM   957  O OG  . SER A 1 139 ? -3.298  -3.687  11.525  1.00 17.18 ? 130 SER A OG  1 
ATOM   958  N N   . ASP A 1 140 ? -0.907  -1.970  10.514  1.00 14.56 ? 131 ASP A N   1 
ATOM   959  C CA  . ASP A 1 140 ? 0.226   -1.329  11.153  1.00 13.94 ? 131 ASP A CA  1 
ATOM   960  C C   . ASP A 1 140 ? 1.338   -1.052  10.142  1.00 16.00 ? 131 ASP A C   1 
ATOM   961  O O   . ASP A 1 140 ? 2.490   -0.822  10.512  1.00 16.93 ? 131 ASP A O   1 
ATOM   962  C CB  . ASP A 1 140 ? 0.728   -2.197  12.323  1.00 15.90 ? 131 ASP A CB  1 
ATOM   963  C CG  . ASP A 1 140 ? 1.157   -3.602  11.891  1.00 20.92 ? 131 ASP A CG  1 
ATOM   964  O OD1 . ASP A 1 140 ? 0.946   -3.987  10.720  1.00 17.85 ? 131 ASP A OD1 1 
ATOM   965  O OD2 . ASP A 1 140 ? 1.712   -4.337  12.749  1.00 20.19 ? 131 ASP A OD2 1 
ATOM   966  N N   . ALA A 1 141 ? 0.980   -1.038  8.860   1.00 14.95 ? 132 ALA A N   1 
ATOM   967  C CA  . ALA A 1 141 ? 1.974   -0.778  7.822   1.00 14.16 ? 132 ALA A CA  1 
ATOM   968  C C   . ALA A 1 141 ? 1.486   0.228   6.774   1.00 13.45 ? 132 ALA A C   1 
ATOM   969  O O   . ALA A 1 141 ? 1.758   0.063   5.591   1.00 14.50 ? 132 ALA A O   1 
ATOM   970  C CB  . ALA A 1 141 ? 2.383   -2.079  7.150   1.00 13.98 ? 132 ALA A CB  1 
ATOM   971  N N   . HIS A 1 142 ? 0.752   1.252   7.208   1.00 12.97 ? 133 HIS A N   1 
ATOM   972  C CA  . HIS A 1 142 ? 0.480   2.404   6.344   1.00 13.13 ? 133 HIS A CA  1 
ATOM   973  C C   . HIS A 1 142 ? 0.475   3.681   7.179   1.00 13.25 ? 133 HIS A C   1 
ATOM   974  O O   . HIS A 1 142 ? 0.249   3.642   8.391   1.00 13.52 ? 133 HIS A O   1 
ATOM   975  C CB  . HIS A 1 142 ? -0.843  2.236   5.581   1.00 12.94 ? 133 HIS A CB  1 
ATOM   976  C CG  . HIS A 1 142 ? -2.055  2.173   6.459   1.00 12.74 ? 133 HIS A CG  1 
ATOM   977  N ND1 . HIS A 1 142 ? -2.760  3.297   6.839   1.00 12.04 ? 133 HIS A ND1 1 
ATOM   978  C CD2 . HIS A 1 142 ? -2.697  1.117   7.013   1.00 14.55 ? 133 HIS A CD2 1 
ATOM   979  C CE1 . HIS A 1 142 ? -3.781  2.936   7.600   1.00 13.84 ? 133 HIS A CE1 1 
ATOM   980  N NE2 . HIS A 1 142 ? -3.766  1.617   7.719   1.00 14.05 ? 133 HIS A NE2 1 
ATOM   981  N N   . THR A 1 143 ? 0.742   4.824   6.549   1.00 13.25 ? 134 THR A N   1 
ATOM   982  C CA  . THR A 1 143 ? 0.825   6.045   7.321   1.00 12.62 ? 134 THR A CA  1 
ATOM   983  C C   . THR A 1 143 ? 0.582   7.285   6.459   1.00 11.06 ? 134 THR A C   1 
ATOM   984  O O   . THR A 1 143 ? 0.529   7.188   5.235   1.00 13.41 ? 134 THR A O   1 
ATOM   985  C CB  . THR A 1 143 ? 2.198   6.167   8.039   1.00 12.74 ? 134 THR A CB  1 
ATOM   986  O OG1 . THR A 1 143 ? 2.196   7.321   8.884   1.00 17.19 ? 134 THR A OG1 1 
ATOM   987  C CG2 . THR A 1 143 ? 3.376   6.238   7.035   1.00 14.59 ? 134 THR A CG2 1 
ATOM   988  N N   . THR A 1 144 ? 0.409   8.421   7.127   1.00 12.81 ? 135 THR A N   1 
ATOM   989  C CA  . THR A 1 144 ? 0.271   9.719   6.468   1.00 13.64 ? 135 THR A CA  1 
ATOM   990  C C   . THR A 1 144 ? 0.650   10.826  7.451   1.00 15.10 ? 135 THR A C   1 
ATOM   991  O O   . THR A 1 144 ? 1.069   10.546  8.575   1.00 15.79 ? 135 THR A O   1 
ATOM   992  C CB  . THR A 1 144 ? -1.164  9.944   5.935   1.00 13.71 ? 135 THR A CB  1 
ATOM   993  O OG1 . THR A 1 144 ? -1.191  11.115  5.107   1.00 13.74 ? 135 THR A OG1 1 
ATOM   994  C CG2 . THR A 1 144 ? -2.156  10.107  7.102   1.00 12.81 ? 135 THR A CG2 1 
ATOM   995  N N   . VAL A 1 145 ? 0.509   12.080  7.028   1.00 14.84 ? 136 VAL A N   1 
ATOM   996  C CA  . VAL A 1 145 ? 0.889   13.230  7.852   1.00 15.06 ? 136 VAL A CA  1 
ATOM   997  C C   . VAL A 1 145 ? -0.309  13.941  8.494   1.00 15.94 ? 136 VAL A C   1 
ATOM   998  O O   . VAL A 1 145 ? -1.455  13.800  8.040   1.00 16.97 ? 136 VAL A O   1 
ATOM   999  C CB  . VAL A 1 145 ? 1.672   14.258  7.014   1.00 16.10 ? 136 VAL A CB  1 
ATOM   1000 C CG1 . VAL A 1 145 ? 2.964   13.643  6.472   1.00 17.51 ? 136 VAL A CG1 1 
ATOM   1001 C CG2 . VAL A 1 145 ? 0.806   14.744  5.860   1.00 16.80 ? 136 VAL A CG2 1 
ATOM   1002 N N   . ASP A 1 146 ? -0.041  14.703  9.555   1.00 14.33 ? 137 ASP A N   1 
ATOM   1003 C CA  . ASP A 1 146 ? -1.040  15.590  10.131  1.00 14.82 ? 137 ASP A CA  1 
ATOM   1004 C C   . ASP A 1 146 ? -1.543  16.556  9.072   1.00 18.47 ? 137 ASP A C   1 
ATOM   1005 O O   . ASP A 1 146 ? -0.789  16.976  8.197   1.00 17.40 ? 137 ASP A O   1 
ATOM   1006 C CB  . ASP A 1 146 ? -0.476  16.415  11.292  1.00 17.68 ? 137 ASP A CB  1 
ATOM   1007 C CG  . ASP A 1 146 ? -0.016  15.574  12.458  1.00 18.91 ? 137 ASP A CG  1 
ATOM   1008 O OD1 . ASP A 1 146 ? -0.335  14.372  12.521  1.00 18.70 ? 137 ASP A OD1 1 
ATOM   1009 O OD2 . ASP A 1 146 ? 0.692   16.132  13.322  1.00 21.23 ? 137 ASP A OD2 1 
ATOM   1010 N N   . THR A 1 147 ? -2.811  16.923  9.162   1.00 14.30 ? 138 THR A N   1 
ATOM   1011 C CA  . THR A 1 147 ? -3.343  17.913  8.250   1.00 17.88 ? 138 THR A CA  1 
ATOM   1012 C C   . THR A 1 147 ? -4.451  18.702  8.938   1.00 15.94 ? 138 THR A C   1 
ATOM   1013 O O   . THR A 1 147 ? -4.715  18.518  10.122  1.00 16.43 ? 138 THR A O   1 
ATOM   1014 C CB  . THR A 1 147 ? -3.850  17.262  6.937   1.00 19.21 ? 138 THR A CB  1 
ATOM   1015 O OG1 . THR A 1 147 ? -4.132  18.276  5.966   1.00 18.04 ? 138 THR A OG1 1 
ATOM   1016 C CG2 . THR A 1 147 ? -5.099  16.421  7.163   1.00 15.96 ? 138 THR A CG2 1 
ATOM   1017 N N   . GLU A 1 148 ? -5.057  19.621  8.202   1.00 15.85 ? 139 GLU A N   1 
ATOM   1018 C CA  . GLU A 1 148 ? -6.151  20.422  8.730   1.00 17.57 ? 139 GLU A CA  1 
ATOM   1019 C C   . GLU A 1 148 ? -6.969  20.938  7.560   1.00 15.82 ? 139 GLU A C   1 
ATOM   1020 O O   . GLU A 1 148 ? -6.458  21.097  6.436   1.00 17.15 ? 139 GLU A O   1 
ATOM   1021 C CB  . GLU A 1 148 ? -5.633  21.585  9.581   1.00 18.31 ? 139 GLU A CB  1 
ATOM   1022 C CG  . GLU A 1 148 ? -4.875  22.605  8.754   1.00 19.44 ? 139 GLU A CG  1 
ATOM   1023 C CD  . GLU A 1 148 ? -4.169  23.633  9.608   1.00 23.52 ? 139 GLU A CD  1 
ATOM   1024 O OE1 . GLU A 1 148 ? -3.081  24.080  9.195   1.00 32.17 ? 139 GLU A OE1 1 
ATOM   1025 O OE2 . GLU A 1 148 ? -4.701  23.999  10.682  1.00 24.42 ? 139 GLU A OE2 1 
ATOM   1026 N N   . TRP A 1 149 ? -8.248  21.170  7.815   1.00 15.59 ? 140 TRP A N   1 
ATOM   1027 C CA  . TRP A 1 149 ? -9.153  21.666  6.791   1.00 14.95 ? 140 TRP A CA  1 
ATOM   1028 C C   . TRP A 1 149 ? -10.384 22.195  7.495   1.00 17.89 ? 140 TRP A C   1 
ATOM   1029 O O   . TRP A 1 149 ? -10.790 21.645  8.527   1.00 18.40 ? 140 TRP A O   1 
ATOM   1030 C CB  . TRP A 1 149 ? -9.528  20.551  5.795   1.00 14.78 ? 140 TRP A CB  1 
ATOM   1031 C CG  . TRP A 1 149 ? -9.990  21.025  4.430   1.00 14.71 ? 140 TRP A CG  1 
ATOM   1032 C CD1 . TRP A 1 149 ? -11.275 21.011  3.941   1.00 13.56 ? 140 TRP A CD1 1 
ATOM   1033 C CD2 . TRP A 1 149 ? -9.168  21.543  3.375   1.00 14.71 ? 140 TRP A CD2 1 
ATOM   1034 N NE1 . TRP A 1 149 ? -11.295 21.494  2.656   1.00 16.86 ? 140 TRP A NE1 1 
ATOM   1035 C CE2 . TRP A 1 149 ? -10.016 21.821  2.282   1.00 16.37 ? 140 TRP A CE2 1 
ATOM   1036 C CE3 . TRP A 1 149 ? -7.796  21.799  3.247   1.00 15.80 ? 140 TRP A CE3 1 
ATOM   1037 C CZ2 . TRP A 1 149 ? -9.538  22.360  1.082   1.00 15.48 ? 140 TRP A CZ2 1 
ATOM   1038 C CZ3 . TRP A 1 149 ? -7.321  22.324  2.049   1.00 16.41 ? 140 TRP A CZ3 1 
ATOM   1039 C CH2 . TRP A 1 149 ? -8.186  22.599  0.987   1.00 16.66 ? 140 TRP A CH2 1 
ATOM   1040 N N   . GLU A 1 150 ? -10.972 23.261  6.952   1.00 18.33 ? 141 GLU A N   1 
ATOM   1041 C CA  . GLU A 1 150 ? -12.195 23.838  7.514   1.00 18.76 ? 141 GLU A CA  1 
ATOM   1042 C C   . GLU A 1 150 ? -12.047 24.226  8.961   1.00 22.01 ? 141 GLU A C   1 
ATOM   1043 O O   . GLU A 1 150 ? -13.027 24.238  9.706   1.00 26.39 ? 141 GLU A O   1 
ATOM   1044 C CB  . GLU A 1 150 ? -13.362 22.860  7.387   1.00 24.50 ? 141 GLU A CB  1 
ATOM   1045 C CG  . GLU A 1 150 ? -13.891 22.774  6.010   1.00 26.24 ? 141 GLU A CG  1 
ATOM   1046 C CD  . GLU A 1 150 ? -14.975 21.740  5.879   1.00 23.80 ? 141 GLU A CD  1 
ATOM   1047 O OE1 . GLU A 1 150 ? -15.952 21.760  6.660   1.00 32.25 ? 141 GLU A OE1 1 
ATOM   1048 O OE2 . GLU A 1 150 ? -14.829 20.910  4.986   1.00 20.43 ? 141 GLU A OE2 1 
ATOM   1049 N N   . GLY A 1 151 ? -10.819 24.515  9.368   1.00 19.80 ? 142 GLY A N   1 
ATOM   1050 C CA  . GLY A 1 151 ? -10.567 24.961  10.720  1.00 19.29 ? 142 GLY A CA  1 
ATOM   1051 C C   . GLY A 1 151 ? -10.457 23.855  11.749  1.00 21.81 ? 142 GLY A C   1 
ATOM   1052 O O   . GLY A 1 151 ? -10.407 24.132  12.941  1.00 22.19 ? 142 GLY A O   1 
ATOM   1053 N N   . VAL A 1 152 ? -10.433 22.594  11.326  1.00 19.02 ? 143 VAL A N   1 
ATOM   1054 C CA  . VAL A 1 152 ? -10.157 21.561  12.321  1.00 19.39 ? 143 VAL A CA  1 
ATOM   1055 C C   . VAL A 1 152 ? -8.955  20.746  11.905  1.00 18.72 ? 143 VAL A C   1 
ATOM   1056 O O   . VAL A 1 152 ? -8.723  20.499  10.721  1.00 19.45 ? 143 VAL A O   1 
ATOM   1057 C CB  . VAL A 1 152 ? -11.351 20.613  12.586  1.00 28.79 ? 143 VAL A CB  1 
ATOM   1058 C CG1 . VAL A 1 152 ? -12.557 21.394  13.111  1.00 31.56 ? 143 VAL A CG1 1 
ATOM   1059 C CG2 . VAL A 1 152 ? -11.688 19.807  11.371  1.00 19.51 ? 143 VAL A CG2 1 
ATOM   1060 N N   . ARG A 1 153 ? -8.181  20.351  12.900  1.00 20.32 ? 144 ARG A N   1 
ATOM   1061 C CA  . ARG A 1 153 ? -6.998  19.547  12.679  1.00 18.02 ? 144 ARG A CA  1 
ATOM   1062 C C   . ARG A 1 153 ? -7.382  18.080  12.707  1.00 18.33 ? 144 ARG A C   1 
ATOM   1063 O O   . ARG A 1 153 ? -8.283  17.676  13.448  1.00 16.82 ? 144 ARG A O   1 
ATOM   1064 C CB  . ARG A 1 153 ? -5.945  19.839  13.751  1.00 19.74 ? 144 ARG A CB  1 
ATOM   1065 C CG  . ARG A 1 153 ? -5.332  21.233  13.634  1.00 27.60 ? 144 ARG A CG  1 
ATOM   1066 C CD  . ARG A 1 153 ? -4.522  21.587  14.854  1.00 34.03 ? 144 ARG A CD  1 
ATOM   1067 N NE  . ARG A 1 153 ? -5.395  22.056  15.926  1.00 48.21 ? 144 ARG A NE  1 
ATOM   1068 C CZ  . ARG A 1 153 ? -5.630  23.337  16.197  1.00 40.35 ? 144 ARG A CZ  1 
ATOM   1069 N NH1 . ARG A 1 153 ? -6.448  23.664  17.187  1.00 34.17 ? 144 ARG A NH1 1 
ATOM   1070 N NH2 . ARG A 1 153 ? -5.038  24.287  15.485  1.00 37.11 ? 144 ARG A NH2 1 
ATOM   1071 N N   . ILE A 1 154 ? -6.706  17.292  11.890  1.00 16.19 ? 145 ILE A N   1 
ATOM   1072 C CA  . ILE A 1 154 ? -6.828  15.848  11.975  1.00 16.37 ? 145 ILE A CA  1 
ATOM   1073 C C   . ILE A 1 154 ? -5.416  15.282  11.865  1.00 15.47 ? 145 ILE A C   1 
ATOM   1074 O O   . ILE A 1 154 ? -4.704  15.525  10.889  1.00 16.76 ? 145 ILE A O   1 
ATOM   1075 C CB  . ILE A 1 154 ? -7.770  15.274  10.876  1.00 18.31 ? 145 ILE A CB  1 
ATOM   1076 C CG1 . ILE A 1 154 ? -8.050  13.787  11.115  1.00 13.17 ? 145 ILE A CG1 1 
ATOM   1077 C CG2 . ILE A 1 154 ? -7.186  15.474  9.506   1.00 24.54 ? 145 ILE A CG2 1 
ATOM   1078 C CD1 . ILE A 1 154 ? -9.134  13.231  10.228  1.00 26.65 ? 145 ILE A CD1 1 
ATOM   1079 N N   . SER A 1 155 ? -4.992  14.542  12.882  1.00 15.57 ? 146 SER A N   1 
ATOM   1080 C CA  . SER A 1 155 ? -3.623  14.051  12.892  1.00 16.76 ? 146 SER A CA  1 
ATOM   1081 C C   . SER A 1 155 ? -3.444  12.866  11.961  1.00 14.54 ? 146 SER A C   1 
ATOM   1082 O O   . SER A 1 155 ? -4.410  12.177  11.621  1.00 13.39 ? 146 SER A O   1 
ATOM   1083 C CB  . SER A 1 155 ? -3.202  13.647  14.303  1.00 16.28 ? 146 SER A CB  1 
ATOM   1084 O OG  . SER A 1 155 ? -3.946  12.524  14.729  1.00 16.57 ? 146 SER A OG  1 
ATOM   1085 N N   . GLY A 1 156 ? -2.190  12.616  11.587  1.00 12.77 ? 147 GLY A N   1 
ATOM   1086 C CA  . GLY A 1 156 ? -1.845  11.411  10.857  1.00 14.45 ? 147 GLY A CA  1 
ATOM   1087 C C   . GLY A 1 156 ? -2.305  10.176  11.609  1.00 13.84 ? 147 GLY A C   1 
ATOM   1088 O O   . GLY A 1 156 ? -2.832  9.248   11.015  1.00 12.02 ? 147 GLY A O   1 
ATOM   1089 N N   . GLU A 1 157 ? -2.096  10.168  12.928  1.00 16.42 ? 148 GLU A N   1 
ATOM   1090 C CA  . GLU A 1 157 ? -2.513  9.041   13.751  1.00 15.36 ? 148 GLU A CA  1 
ATOM   1091 C C   . GLU A 1 157 ? -4.031  8.820   13.658  1.00 14.52 ? 148 GLU A C   1 
ATOM   1092 O O   . GLU A 1 157 ? -4.498  7.691   13.518  1.00 13.00 ? 148 GLU A O   1 
ATOM   1093 C CB  . GLU A 1 157 ? -2.099  9.267   15.207  1.00 17.77 ? 148 GLU A CB  1 
ATOM   1094 C CG  . GLU A 1 157 ? -2.527  8.154   16.145  1.00 20.36 ? 148 GLU A CG  1 
ATOM   1095 C CD  . GLU A 1 157 ? -2.086  8.411   17.574  1.00 25.80 ? 148 GLU A CD  1 
ATOM   1096 O OE1 . GLU A 1 157 ? -1.965  7.441   18.337  1.00 27.45 ? 148 GLU A OE1 1 
ATOM   1097 O OE2 . GLU A 1 157 ? -1.860  9.583   17.928  1.00 25.93 ? 148 GLU A OE2 1 
ATOM   1098 N N   . GLN A 1 158 ? -4.801  9.898   13.726  1.00 12.73 ? 149 GLN A N   1 
ATOM   1099 C CA  . GLN A 1 158 ? -6.259  9.797   13.571  1.00 13.44 ? 149 GLN A CA  1 
ATOM   1100 C C   . GLN A 1 158 ? -6.657  9.250   12.194  1.00 13.51 ? 149 GLN A C   1 
ATOM   1101 O O   . GLN A 1 158 ? -7.623  8.491   12.063  1.00 12.54 ? 149 GLN A O   1 
ATOM   1102 C CB  . GLN A 1 158 ? -6.918  11.161  13.796  1.00 13.89 ? 149 GLN A CB  1 
ATOM   1103 C CG  . GLN A 1 158 ? -6.977  11.554  15.269  1.00 15.78 ? 149 GLN A CG  1 
ATOM   1104 C CD  . GLN A 1 158 ? -7.427  12.984  15.477  1.00 17.92 ? 149 GLN A CD  1 
ATOM   1105 O OE1 . GLN A 1 158 ? -6.937  13.911  14.824  1.00 16.97 ? 149 GLN A OE1 1 
ATOM   1106 N NE2 . GLN A 1 158 ? -8.367  13.173  16.395  1.00 22.57 ? 149 GLN A NE2 1 
ATOM   1107 N N   . ILE A 1 159 ? -5.930  9.651   11.160  1.00 12.10 ? 150 ILE A N   1 
ATOM   1108 C CA  . ILE A 1 159 ? -6.288  9.237   9.802   1.00 11.26 ? 150 ILE A CA  1 
ATOM   1109 C C   . ILE A 1 159 ? -5.974  7.757   9.624   1.00 13.82 ? 150 ILE A C   1 
ATOM   1110 O O   . ILE A 1 159 ? -6.753  7.028   9.011   1.00 12.29 ? 150 ILE A O   1 
ATOM   1111 C CB  . ILE A 1 159 ? -5.545  10.074  8.738   1.00 9.97  ? 150 ILE A CB  1 
ATOM   1112 C CG1 . ILE A 1 159 ? -6.038  11.517  8.786   1.00 13.34 ? 150 ILE A CG1 1 
ATOM   1113 C CG2 . ILE A 1 159 ? -5.790  9.517   7.338   1.00 12.24 ? 150 ILE A CG2 1 
ATOM   1114 C CD1 . ILE A 1 159 ? -5.062  12.522  8.117   1.00 14.18 ? 150 ILE A CD1 1 
ATOM   1115 N N   . VAL A 1 160 ? -4.844  7.317   10.180  1.00 12.08 ? 151 VAL A N   1 
ATOM   1116 C CA  . VAL A 1 160 ? -4.491  5.897   10.139  1.00 12.06 ? 151 VAL A CA  1 
ATOM   1117 C C   . VAL A 1 160 ? -5.564  5.082   10.863  1.00 12.04 ? 151 VAL A C   1 
ATOM   1118 O O   . VAL A 1 160 ? -6.062  4.086   10.334  1.00 12.84 ? 151 VAL A O   1 
ATOM   1119 C CB  . VAL A 1 160 ? -3.096  5.643   10.763  1.00 13.25 ? 151 VAL A CB  1 
ATOM   1120 C CG1 . VAL A 1 160 ? -2.869  4.132   11.038  1.00 14.60 ? 151 VAL A CG1 1 
ATOM   1121 C CG2 . VAL A 1 160 ? -2.009  6.189   9.835   1.00 11.77 ? 151 VAL A CG2 1 
ATOM   1122 N N   . ALA A 1 161 ? -5.929  5.518   12.065  1.00 11.73 ? 152 ALA A N   1 
ATOM   1123 C CA  . ALA A 1 161 ? -6.941  4.802   12.854  1.00 12.71 ? 152 ALA A CA  1 
ATOM   1124 C C   . ALA A 1 161 ? -8.277  4.727   12.120  1.00 12.91 ? 152 ALA A C   1 
ATOM   1125 O O   . ALA A 1 161 ? -8.891  3.668   12.032  1.00 12.95 ? 152 ALA A O   1 
ATOM   1126 C CB  . ALA A 1 161 ? -7.126  5.471   14.213  1.00 14.54 ? 152 ALA A CB  1 
ATOM   1127 N N   . HIS A 1 162 ? -8.726  5.863   11.584  1.00 10.54 ? 153 HIS A N   1 
ATOM   1128 C CA  . HIS A 1 162 ? -10.015 5.920   10.919  1.00 11.78 ? 153 HIS A CA  1 
ATOM   1129 C C   . HIS A 1 162 ? -10.008 5.052   9.666   1.00 12.12 ? 153 HIS A C   1 
ATOM   1130 O O   . HIS A 1 162 ? -11.020 4.437   9.319   1.00 12.65 ? 153 HIS A O   1 
ATOM   1131 C CB  . HIS A 1 162 ? -10.380 7.374   10.575  1.00 10.74 ? 153 HIS A CB  1 
ATOM   1132 C CG  . HIS A 1 162 ? -11.711 7.510   9.900   1.00 12.54 ? 153 HIS A CG  1 
ATOM   1133 N ND1 . HIS A 1 162 ? -11.854 7.515   8.527   1.00 13.36 ? 153 HIS A ND1 1 
ATOM   1134 C CD2 . HIS A 1 162 ? -12.964 7.610   10.410  1.00 13.29 ? 153 HIS A CD2 1 
ATOM   1135 C CE1 . HIS A 1 162 ? -13.134 7.634   8.220   1.00 12.86 ? 153 HIS A CE1 1 
ATOM   1136 N NE2 . HIS A 1 162 ? -13.830 7.685   9.345   1.00 12.90 ? 153 HIS A NE2 1 
ATOM   1137 N N   . THR A 1 163 ? -8.853  4.987   9.000   1.00 11.87 ? 154 THR A N   1 
ATOM   1138 C CA  . THR A 1 163 ? -8.692  4.151   7.807   1.00 12.31 ? 154 THR A CA  1 
ATOM   1139 C C   . THR A 1 163 ? -8.859  2.673   8.145   1.00 11.92 ? 154 THR A C   1 
ATOM   1140 O O   . THR A 1 163 ? -9.577  1.927   7.453   1.00 12.61 ? 154 THR A O   1 
ATOM   1141 C CB  . THR A 1 163 ? -7.303  4.383   7.149   1.00 13.06 ? 154 THR A CB  1 
ATOM   1142 O OG1 . THR A 1 163 ? -7.212  5.756   6.719   1.00 12.23 ? 154 THR A OG1 1 
ATOM   1143 C CG2 . THR A 1 163 ? -7.098  3.446   5.951   1.00 10.76 ? 154 THR A CG2 1 
ATOM   1144 N N   . ASN A 1 164 ? -8.212  2.252   9.224   1.00 11.52 ? 155 ASN A N   1 
ATOM   1145 C CA  . ASN A 1 164 ? -8.341  0.867   9.659   1.00 13.25 ? 155 ASN A CA  1 
ATOM   1146 C C   . ASN A 1 164 ? -9.791  0.574   10.056  1.00 12.59 ? 155 ASN A C   1 
ATOM   1147 O O   . ASN A 1 164 ? -10.322 -0.489  9.725   1.00 14.11 ? 155 ASN A O   1 
ATOM   1148 C CB  . ASN A 1 164 ? -7.361  0.566   10.803  1.00 11.08 ? 155 ASN A CB  1 
ATOM   1149 C CG  . ASN A 1 164 ? -5.918  0.523   10.324  1.00 13.81 ? 155 ASN A CG  1 
ATOM   1150 O OD1 . ASN A 1 164 ? -5.660  0.204   9.164   1.00 15.47 ? 155 ASN A OD1 1 
ATOM   1151 N ND2 . ASN A 1 164 ? -4.973  0.843   11.206  1.00 12.55 ? 155 ASN A ND2 1 
ATOM   1152 N N   . MET A 1 165 ? -10.432 1.513   10.751  1.00 12.09 ? 156 MET A N   1 
ATOM   1153 C CA  . MET A 1 165 ? -11.843 1.356   11.120  1.00 12.31 ? 156 MET A CA  1 
ATOM   1154 C C   . MET A 1 165 ? -12.700 1.175   9.867   1.00 13.55 ? 156 MET A C   1 
ATOM   1155 O O   . MET A 1 165 ? -13.496 0.239   9.772   1.00 14.38 ? 156 MET A O   1 
ATOM   1156 C CB  . MET A 1 165 ? -12.314 2.556   11.956  1.00 13.60 ? 156 MET A CB  1 
ATOM   1157 C CG  . MET A 1 165 ? -13.776 2.515   12.432  1.00 14.05 ? 156 MET A CG  1 
ATOM   1158 S SD  . MET A 1 165 ? -14.975 2.911   11.135  1.00 16.36 ? 156 MET A SD  1 
ATOM   1159 C CE  . MET A 1 165 ? -14.539 4.626   10.777  1.00 16.44 ? 156 MET A CE  1 
ATOM   1160 N N   . TYR A 1 166 ? -12.523 2.069   8.900   1.00 10.77 ? 157 TYR A N   1 
ATOM   1161 C CA  . TYR A 1 166 ? -13.261 1.974   7.639   1.00 11.04 ? 157 TYR A CA  1 
ATOM   1162 C C   . TYR A 1 166 ? -13.076 0.602   6.989   1.00 13.82 ? 157 TYR A C   1 
ATOM   1163 O O   . TYR A 1 166 ? -14.038 -0.053  6.573   1.00 12.08 ? 157 TYR A O   1 
ATOM   1164 C CB  . TYR A 1 166 ? -12.799 3.082   6.677   1.00 11.88 ? 157 TYR A CB  1 
ATOM   1165 C CG  . TYR A 1 166 ? -13.283 2.897   5.260   1.00 11.01 ? 157 TYR A CG  1 
ATOM   1166 C CD1 . TYR A 1 166 ? -14.516 3.374   4.863   1.00 11.19 ? 157 TYR A CD1 1 
ATOM   1167 C CD2 . TYR A 1 166 ? -12.504 2.229   4.320   1.00 12.86 ? 157 TYR A CD2 1 
ATOM   1168 C CE1 . TYR A 1 166 ? -14.971 3.199   3.563   1.00 11.43 ? 157 TYR A CE1 1 
ATOM   1169 C CE2 . TYR A 1 166 ? -12.949 2.049   3.023   1.00 14.34 ? 157 TYR A CE2 1 
ATOM   1170 C CZ  . TYR A 1 166 ? -14.178 2.542   2.647   1.00 12.49 ? 157 TYR A CZ  1 
ATOM   1171 O OH  . TYR A 1 166 ? -14.615 2.381   1.338   1.00 13.22 ? 157 TYR A OH  1 
ATOM   1172 N N   . PHE A 1 167 ? -11.831 0.159   6.900   1.00 12.36 ? 158 PHE A N   1 
ATOM   1173 C CA  . PHE A 1 167 ? -11.558 -1.034  6.124   1.00 12.93 ? 158 PHE A CA  1 
ATOM   1174 C C   . PHE A 1 167 ? -12.117 -2.274  6.820   1.00 14.72 ? 158 PHE A C   1 
ATOM   1175 O O   . PHE A 1 167 ? -12.560 -3.212  6.160   1.00 14.67 ? 158 PHE A O   1 
ATOM   1176 C CB  . PHE A 1 167 ? -10.056 -1.196  5.871   1.00 14.47 ? 158 PHE A CB  1 
ATOM   1177 C CG  . PHE A 1 167 ? -9.758  -2.094  4.720   1.00 14.55 ? 158 PHE A CG  1 
ATOM   1178 C CD1 . PHE A 1 167 ? -9.717  -1.592  3.432   1.00 16.21 ? 158 PHE A CD1 1 
ATOM   1179 C CD2 . PHE A 1 167 ? -9.580  -3.459  4.919   1.00 15.72 ? 158 PHE A CD2 1 
ATOM   1180 C CE1 . PHE A 1 167 ? -9.479  -2.430  2.358   1.00 19.45 ? 158 PHE A CE1 1 
ATOM   1181 C CE2 . PHE A 1 167 ? -9.351  -4.303  3.844   1.00 15.77 ? 158 PHE A CE2 1 
ATOM   1182 C CZ  . PHE A 1 167 ? -9.295  -3.792  2.572   1.00 15.92 ? 158 PHE A CZ  1 
ATOM   1183 N N   . SER A 1 168 ? -12.099 -2.261  8.148   1.00 15.38 ? 159 SER A N   1 
ATOM   1184 C CA  . SER A 1 168 ? -12.572 -3.411  8.934   1.00 17.70 ? 159 SER A CA  1 
ATOM   1185 C C   . SER A 1 168 ? -14.022 -3.778  8.623   1.00 21.57 ? 159 SER A C   1 
ATOM   1186 O O   . SER A 1 168 ? -14.425 -4.933  8.791   1.00 22.22 ? 159 SER A O   1 
ATOM   1187 C CB  . SER A 1 168 ? -12.428 -3.135  10.434  1.00 17.22 ? 159 SER A CB  1 
ATOM   1188 O OG  . SER A 1 168 ? -13.478 -2.298  10.918  1.00 19.85 ? 159 SER A OG  1 
ATOM   1189 N N   . GLY A 1 169 ? -14.806 -2.803  8.171   1.00 17.53 ? 160 GLY A N   1 
ATOM   1190 C CA  . GLY A 1 169 ? -16.205 -3.049  7.862   1.00 17.27 ? 160 GLY A CA  1 
ATOM   1191 C C   . GLY A 1 169 ? -16.570 -3.038  6.390   1.00 19.06 ? 160 GLY A C   1 
ATOM   1192 O O   . GLY A 1 169 ? -17.741 -3.205  6.051   1.00 19.00 ? 160 GLY A O   1 
ATOM   1193 N N   . LEU A 1 170 ? -15.586 -2.853  5.510   1.00 15.18 ? 161 LEU A N   1 
ATOM   1194 C CA  . LEU A 1 170 ? -15.857 -2.822  4.072   1.00 14.78 ? 161 LEU A CA  1 
ATOM   1195 C C   . LEU A 1 170 ? -16.365 -4.166  3.562   1.00 18.39 ? 161 LEU A C   1 
ATOM   1196 O O   . LEU A 1 170 ? -15.777 -5.209  3.857   1.00 17.51 ? 161 LEU A O   1 
ATOM   1197 C CB  . LEU A 1 170 ? -14.601 -2.417  3.308   1.00 13.91 ? 161 LEU A CB  1 
ATOM   1198 C CG  . LEU A 1 170 ? -14.756 -2.198  1.801   1.00 16.15 ? 161 LEU A CG  1 
ATOM   1199 C CD1 . LEU A 1 170 ? -15.737 -1.072  1.507   1.00 16.16 ? 161 LEU A CD1 1 
ATOM   1200 C CD2 . LEU A 1 170 ? -13.384 -1.889  1.191   1.00 15.46 ? 161 LEU A CD2 1 
ATOM   1201 N N   . ARG A 1 171 ? -17.453 -4.125  2.798   1.00 15.33 ? 162 ARG A N   1 
ATOM   1202 C CA  . ARG A 1 171 ? -18.061 -5.325  2.239   1.00 18.40 ? 162 ARG A CA  1 
ATOM   1203 C C   . ARG A 1 171 ? -18.472 -5.118  0.788   1.00 17.84 ? 162 ARG A C   1 
ATOM   1204 O O   . ARG A 1 171 ? -19.004 -4.067  0.419   1.00 17.07 ? 162 ARG A O   1 
ATOM   1205 C CB  . ARG A 1 171 ? -19.294 -5.751  3.062   1.00 17.97 ? 162 ARG A CB  1 
ATOM   1206 C CG  . ARG A 1 171 ? -19.049 -5.933  4.559   1.00 21.54 ? 162 ARG A CG  1 
ATOM   1207 C CD  . ARG A 1 171 ? -18.096 -7.090  4.848   1.00 31.48 ? 162 ARG A CD  1 
ATOM   1208 N NE  . ARG A 1 171 ? -17.830 -7.255  6.281   1.00 39.72 ? 162 ARG A NE  1 
ATOM   1209 C CZ  . ARG A 1 171 ? -16.648 -7.045  6.865   1.00 37.02 ? 162 ARG A CZ  1 
ATOM   1210 N NH1 . ARG A 1 171 ? -16.530 -7.228  8.175   1.00 37.68 ? 162 ARG A NH1 1 
ATOM   1211 N NH2 . ARG A 1 171 ? -15.584 -6.665  6.147   1.00 22.75 ? 162 ARG A NH2 1 
ATOM   1212 N N   . TYR A 1 172 ? -18.207 -6.139  -0.027  1.00 16.27 ? 163 TYR A N   1 
ATOM   1213 C CA  . TYR A 1 172 ? -18.741 -6.263  -1.372  1.00 17.57 ? 163 TYR A CA  1 
ATOM   1214 C C   . TYR A 1 172 ? -19.242 -7.693  -1.515  1.00 20.15 ? 163 TYR A C   1 
ATOM   1215 O O   . TYR A 1 172 ? -18.623 -8.607  -0.986  1.00 16.76 ? 163 TYR A O   1 
ATOM   1216 C CB  . TYR A 1 172 ? -17.689 -6.007  -2.444  1.00 15.96 ? 163 TYR A CB  1 
ATOM   1217 C CG  . TYR A 1 172 ? -17.448 -4.566  -2.826  1.00 14.46 ? 163 TYR A CG  1 
ATOM   1218 C CD1 . TYR A 1 172 ? -16.604 -3.757  -2.072  1.00 16.13 ? 163 TYR A CD1 1 
ATOM   1219 C CD2 . TYR A 1 172 ? -18.012 -4.033  -3.982  1.00 15.67 ? 163 TYR A CD2 1 
ATOM   1220 C CE1 . TYR A 1 172 ? -16.364 -2.445  -2.444  1.00 12.73 ? 163 TYR A CE1 1 
ATOM   1221 C CE2 . TYR A 1 172 ? -17.767 -2.727  -4.363  1.00 14.32 ? 163 TYR A CE2 1 
ATOM   1222 C CZ  . TYR A 1 172 ? -16.940 -1.941  -3.585  1.00 14.67 ? 163 TYR A CZ  1 
ATOM   1223 O OH  . TYR A 1 172 ? -16.694 -0.631  -3.966  1.00 15.66 ? 163 TYR A OH  1 
ATOM   1224 N N   . PRO A 1 173 ? -20.340 -7.891  -2.248  1.00 18.87 ? 164 PRO A N   1 
ATOM   1225 C CA  . PRO A 1 173 ? -20.822 -9.263  -2.441  1.00 22.44 ? 164 PRO A CA  1 
ATOM   1226 C C   . PRO A 1 173 ? -19.810 -10.148 -3.170  1.00 22.82 ? 164 PRO A C   1 
ATOM   1227 O O   . PRO A 1 173 ? -19.327 -9.787  -4.240  1.00 21.47 ? 164 PRO A O   1 
ATOM   1228 C CB  . PRO A 1 173 ? -22.089 -9.071  -3.285  1.00 22.95 ? 164 PRO A CB  1 
ATOM   1229 C CG  . PRO A 1 173 ? -21.902 -7.755  -3.963  1.00 24.06 ? 164 PRO A CG  1 
ATOM   1230 C CD  . PRO A 1 173 ? -21.160 -6.904  -2.965  1.00 20.78 ? 164 PRO A CD  1 
ATOM   1231 N N   . GLY A 1 174 ? -19.495 -11.303 -2.589  1.00 25.21 ? 165 GLY A N   1 
ATOM   1232 C CA  . GLY A 1 174 ? -18.612 -12.252 -3.233  1.00 24.65 ? 165 GLY A CA  1 
ATOM   1233 C C   . GLY A 1 174 ? -17.145 -11.922 -3.072  1.00 24.61 ? 165 GLY A C   1 
ATOM   1234 O O   . GLY A 1 174 ? -16.294 -12.582 -3.655  1.00 23.93 ? 165 GLY A O   1 
ATOM   1235 N N   . GLN A 1 175 ? -16.842 -10.894 -2.284  1.00 21.03 ? 166 GLN A N   1 
ATOM   1236 C CA  . GLN A 1 175 ? -15.450 -10.499 -2.068  1.00 20.05 ? 166 GLN A CA  1 
ATOM   1237 C C   . GLN A 1 175 ? -15.120 -10.514 -0.582  1.00 20.25 ? 166 GLN A C   1 
ATOM   1238 O O   . GLN A 1 175 ? -16.012 -10.424 0.256   1.00 20.06 ? 166 GLN A O   1 
ATOM   1239 C CB  . GLN A 1 175 ? -15.186 -9.112  -2.668  1.00 19.49 ? 166 GLN A CB  1 
ATOM   1240 C CG  . GLN A 1 175 ? -15.487 -9.021  -4.160  1.00 20.80 ? 166 GLN A CG  1 
ATOM   1241 C CD  . GLN A 1 175 ? -15.337 -7.609  -4.706  1.00 19.84 ? 166 GLN A CD  1 
ATOM   1242 O OE1 . GLN A 1 175 ? -16.228 -7.097  -5.378  1.00 21.34 ? 166 GLN A OE1 1 
ATOM   1243 N NE2 . GLN A 1 175 ? -14.211 -6.973  -4.407  1.00 21.05 ? 166 GLN A NE2 1 
ATOM   1244 N N   . GLU A 1 176 ? -13.840 -10.632 -0.260  1.00 19.49 ? 167 GLU A N   1 
ATOM   1245 C CA  . GLU A 1 176 ? -13.408 -10.709 1.132   1.00 21.61 ? 167 GLU A CA  1 
ATOM   1246 C C   . GLU A 1 176 ? -12.419 -9.606  1.460   1.00 19.74 ? 167 GLU A C   1 
ATOM   1247 O O   . GLU A 1 176 ? -11.429 -9.427  0.752   1.00 20.07 ? 167 GLU A O   1 
ATOM   1248 C CB  . GLU A 1 176 ? -12.765 -12.064 1.438   1.00 24.54 ? 167 GLU A CB  1 
ATOM   1249 C CG  . GLU A 1 176 ? -12.431 -12.235 2.920   1.00 30.52 ? 167 GLU A CG  1 
ATOM   1250 C CD  . GLU A 1 176 ? -11.734 -13.555 3.236   1.00 37.28 ? 167 GLU A CD  1 
ATOM   1251 O OE1 . GLU A 1 176 ? -11.259 -14.236 2.300   1.00 38.23 ? 167 GLU A OE1 1 
ATOM   1252 O OE2 . GLU A 1 176 ? -11.656 -13.908 4.431   1.00 39.79 ? 167 GLU A OE2 1 
ATOM   1253 N N   . PHE A 1 177 ? -12.699 -8.879  2.538   1.00 19.86 ? 168 PHE A N   1 
ATOM   1254 C CA  . PHE A 1 177 ? -11.817 -7.831  3.040   1.00 17.93 ? 168 PHE A CA  1 
ATOM   1255 C C   . PHE A 1 177 ? -11.402 -8.126  4.459   1.00 22.36 ? 168 PHE A C   1 
ATOM   1256 O O   . PHE A 1 177 ? -12.230 -8.434  5.314   1.00 23.15 ? 168 PHE A O   1 
ATOM   1257 C CB  . PHE A 1 177 ? -12.514 -6.470  2.933   1.00 18.38 ? 168 PHE A CB  1 
ATOM   1258 C CG  . PHE A 1 177 ? -12.962 -6.182  1.545   1.00 16.89 ? 168 PHE A CG  1 
ATOM   1259 C CD1 . PHE A 1 177 ? -12.048 -5.781  0.588   1.00 17.78 ? 168 PHE A CD1 1 
ATOM   1260 C CD2 . PHE A 1 177 ? -14.267 -6.416  1.163   1.00 15.43 ? 168 PHE A CD2 1 
ATOM   1261 C CE1 . PHE A 1 177 ? -12.439 -5.570  -0.712  1.00 17.66 ? 168 PHE A CE1 1 
ATOM   1262 C CE2 . PHE A 1 177 ? -14.663 -6.207  -0.127  1.00 16.63 ? 168 PHE A CE2 1 
ATOM   1263 C CZ  . PHE A 1 177 ? -13.742 -5.783  -1.074  1.00 18.16 ? 168 PHE A CZ  1 
ATOM   1264 N N   . VAL A 1 178 ? -10.104 -8.037  4.696   1.00 17.27 ? 169 VAL A N   1 
ATOM   1265 C CA  . VAL A 1 178 ? -9.527  -8.331  5.998   1.00 19.48 ? 169 VAL A CA  1 
ATOM   1266 C C   . VAL A 1 178 ? -8.647  -7.172  6.432   1.00 19.32 ? 169 VAL A C   1 
ATOM   1267 O O   . VAL A 1 178 ? -7.927  -6.602  5.618   1.00 18.81 ? 169 VAL A O   1 
ATOM   1268 C CB  . VAL A 1 178 ? -8.681  -9.623  5.963   1.00 20.78 ? 169 VAL A CB  1 
ATOM   1269 C CG1 . VAL A 1 178 ? -7.985  -9.849  7.295   1.00 21.92 ? 169 VAL A CG1 1 
ATOM   1270 C CG2 . VAL A 1 178 ? -9.557  -10.818 5.601   1.00 23.34 ? 169 VAL A CG2 1 
ATOM   1271 N N   . ILE A 1 179 ? -8.727  -6.813  7.707   1.00 18.23 ? 170 ILE A N   1 
ATOM   1272 C CA  . ILE A 1 179 ? -7.774  -5.894  8.302   1.00 16.06 ? 170 ILE A CA  1 
ATOM   1273 C C   . ILE A 1 179 ? -6.864  -6.741  9.177   1.00 18.31 ? 170 ILE A C   1 
ATOM   1274 O O   . ILE A 1 179 ? -7.349  -7.529  9.981   1.00 20.65 ? 170 ILE A O   1 
ATOM   1275 C CB  . ILE A 1 179 ? -8.485  -4.766  9.120   1.00 18.23 ? 170 ILE A CB  1 
ATOM   1276 C CG1 . ILE A 1 179 ? -7.480  -3.741  9.644   1.00 16.83 ? 170 ILE A CG1 1 
ATOM   1277 C CG2 . ILE A 1 179 ? -9.344  -5.334  10.259  1.00 19.53 ? 170 ILE A CG2 1 
ATOM   1278 C CD1 . ILE A 1 179 ? -7.038  -2.747  8.608   1.00 19.08 ? 170 ILE A CD1 1 
ATOM   1279 N N   . ALA A 1 180 ? -5.549  -6.620  9.007   1.00 17.51 ? 171 ALA A N   1 
ATOM   1280 C CA  . ALA A 1 180 ? -4.623  -7.522  9.694   1.00 19.95 ? 171 ALA A CA  1 
ATOM   1281 C C   . ALA A 1 180 ? -3.253  -6.887  9.864   1.00 19.31 ? 171 ALA A C   1 
ATOM   1282 O O   . ALA A 1 180 ? -2.841  -6.054  9.062   1.00 17.29 ? 171 ALA A O   1 
ATOM   1283 C CB  . ALA A 1 180 ? -4.508  -8.840  8.930   1.00 20.83 ? 171 ALA A CB  1 
ATOM   1284 N N   . THR A 1 181 ? -2.543  -7.274  10.914  1.00 17.60 ? 172 THR A N   1 
ATOM   1285 C CA  . THR A 1 181 ? -1.239  -6.690  11.190  1.00 16.29 ? 172 THR A CA  1 
ATOM   1286 C C   . THR A 1 181 ? -0.189  -7.363  10.322  1.00 18.89 ? 172 THR A C   1 
ATOM   1287 O O   . THR A 1 181 ? -0.430  -8.433  9.769   1.00 20.67 ? 172 THR A O   1 
ATOM   1288 C CB  . THR A 1 181 ? -0.839  -6.831  12.660  1.00 21.50 ? 172 THR A CB  1 
ATOM   1289 O OG1 . THR A 1 181 ? -0.715  -8.221  12.982  1.00 24.21 ? 172 THR A OG1 1 
ATOM   1290 C CG2 . THR A 1 181 ? -1.882  -6.201  13.554  1.00 23.16 ? 172 THR A CG2 1 
ATOM   1291 N N   . HIS A 1 182 ? 0.977   -6.729  10.220  1.00 16.46 ? 173 HIS A N   1 
ATOM   1292 C CA  . HIS A 1 182 ? 2.022   -7.188  9.313   1.00 19.77 ? 173 HIS A CA  1 
ATOM   1293 C C   . HIS A 1 182 ? 2.506   -8.594  9.645   1.00 23.37 ? 173 HIS A C   1 
ATOM   1294 O O   . HIS A 1 182 ? 2.955   -9.328  8.762   1.00 24.67 ? 173 HIS A O   1 
ATOM   1295 C CB  . HIS A 1 182 ? 3.214   -6.230  9.343   1.00 19.54 ? 173 HIS A CB  1 
ATOM   1296 C CG  . HIS A 1 182 ? 4.110   -6.417  10.526  1.00 21.38 ? 173 HIS A CG  1 
ATOM   1297 N ND1 . HIS A 1 182 ? 3.786   -5.962  11.787  1.00 20.56 ? 173 HIS A ND1 1 
ATOM   1298 C CD2 . HIS A 1 182 ? 5.321   -7.013  10.642  1.00 20.00 ? 173 HIS A CD2 1 
ATOM   1299 C CE1 . HIS A 1 182 ? 4.755   -6.277  12.630  1.00 23.64 ? 173 HIS A CE1 1 
ATOM   1300 N NE2 . HIS A 1 182 ? 5.697   -6.918  11.960  1.00 22.47 ? 173 HIS A NE2 1 
ATOM   1301 N N   . ASP A 1 183 ? 2.435   -8.964  10.916  1.00 21.60 ? 174 ASP A N   1 
ATOM   1302 C CA  . ASP A 1 183 ? 2.969   -10.268 11.306  1.00 27.22 ? 174 ASP A CA  1 
ATOM   1303 C C   . ASP A 1 183 ? 1.894   -11.340 11.454  1.00 26.29 ? 174 ASP A C   1 
ATOM   1304 O O   . ASP A 1 183 ? 2.215   -12.492 11.739  1.00 28.58 ? 174 ASP A O   1 
ATOM   1305 C CB  . ASP A 1 183 ? 3.782   -10.155 12.598  1.00 26.62 ? 174 ASP A CB  1 
ATOM   1306 C CG  . ASP A 1 183 ? 3.008   -9.523  13.730  1.00 31.22 ? 174 ASP A CG  1 
ATOM   1307 O OD1 . ASP A 1 183 ? 1.918   -8.972  13.484  1.00 29.54 ? 174 ASP A OD1 1 
ATOM   1308 O OD2 . ASP A 1 183 ? 3.503   -9.565  14.874  1.00 33.56 ? 174 ASP A OD2 1 
ATOM   1309 N N   . HIS A 1 184 ? 0.630   -10.986 11.238  1.00 23.67 ? 175 HIS A N   1 
ATOM   1310 C CA  . HIS A 1 184 ? -0.437  -11.984 11.323  1.00 26.62 ? 175 HIS A CA  1 
ATOM   1311 C C   . HIS A 1 184 ? -1.117  -12.251 9.996   1.00 27.62 ? 175 HIS A C   1 
ATOM   1312 O O   . HIS A 1 184 ? -1.763  -13.284 9.830   1.00 30.29 ? 175 HIS A O   1 
ATOM   1313 C CB  . HIS A 1 184 ? -1.480  -11.570 12.358  1.00 30.63 ? 175 HIS A CB  1 
ATOM   1314 C CG  . HIS A 1 184 ? -0.939  -11.503 13.752  1.00 33.81 ? 175 HIS A CG  1 
ATOM   1315 N ND1 . HIS A 1 184 ? -1.391  -10.596 14.686  1.00 40.43 ? 175 HIS A ND1 1 
ATOM   1316 C CD2 . HIS A 1 184 ? 0.031   -12.224 14.365  1.00 39.90 ? 175 HIS A CD2 1 
ATOM   1317 C CE1 . HIS A 1 184 ? -0.724  -10.761 15.815  1.00 43.82 ? 175 HIS A CE1 1 
ATOM   1318 N NE2 . HIS A 1 184 ? 0.144   -11.744 15.647  1.00 38.40 ? 175 HIS A NE2 1 
ATOM   1319 N N   . VAL A 1 185 ? -0.977  -11.338 9.039   1.00 22.89 ? 176 VAL A N   1 
ATOM   1320 C CA  . VAL A 1 185 ? -1.597  -11.547 7.740   1.00 20.98 ? 176 VAL A CA  1 
ATOM   1321 C C   . VAL A 1 185 ? -1.060  -12.832 7.101   1.00 27.96 ? 176 VAL A C   1 
ATOM   1322 O O   . VAL A 1 185 ? 0.140   -13.113 7.158   1.00 27.19 ? 176 VAL A O   1 
ATOM   1323 C CB  . VAL A 1 185 ? -1.371  -10.347 6.786   1.00 24.90 ? 176 VAL A CB  1 
ATOM   1324 C CG1 . VAL A 1 185 ? 0.106   -10.016 6.662   1.00 23.08 ? 176 VAL A CG1 1 
ATOM   1325 C CG2 . VAL A 1 185 ? -2.001  -10.626 5.423   1.00 25.87 ? 176 VAL A CG2 1 
ATOM   1326 N N   . ALA A 1 186 ? -1.962  -13.605 6.506   1.00 27.26 ? 177 ALA A N   1 
ATOM   1327 C CA  . ALA A 1 186 ? -1.611  -14.903 5.936   1.00 32.31 ? 177 ALA A CA  1 
ATOM   1328 C C   . ALA A 1 186 ? -0.853  -14.764 4.614   1.00 31.38 ? 177 ALA A C   1 
ATOM   1329 O O   . ALA A 1 186 ? -1.371  -14.208 3.650   1.00 34.93 ? 177 ALA A O   1 
ATOM   1330 C CB  . ALA A 1 186 ? -2.866  -15.735 5.736   1.00 34.15 ? 177 ALA A CB  1 
ATOM   1331 N N   . LEU A 1 187 ? 0.370   -15.285 4.568   1.00 37.68 ? 178 LEU A N   1 
ATOM   1332 C CA  . LEU A 1 187 ? 1.172   -15.227 3.344   1.00 34.11 ? 178 LEU A CA  1 
ATOM   1333 C C   . LEU A 1 187 ? 1.597   -16.625 2.874   1.00 40.33 ? 178 LEU A C   1 
ATOM   1334 O O   . LEU A 1 187 ? 2.447   -17.271 3.493   1.00 41.89 ? 178 LEU A O   1 
ATOM   1335 C CB  . LEU A 1 187 ? 2.401   -14.337 3.562   1.00 33.37 ? 178 LEU A CB  1 
ATOM   1336 C CG  . LEU A 1 187 ? 2.078   -12.853 3.780   1.00 30.22 ? 178 LEU A CG  1 
ATOM   1337 C CD1 . LEU A 1 187 ? 3.290   -12.070 4.257   1.00 30.45 ? 178 LEU A CD1 1 
ATOM   1338 C CD2 . LEU A 1 187 ? 1.522   -12.251 2.499   1.00 29.04 ? 178 LEU A CD2 1 
HETATM 1339 C C1  . 66Z B 2 .   ? 1.956   11.347  -2.074  1.00 24.64 ? 201 66Z A C1  1 
HETATM 1340 N N1  . 66Z B 2 .   ? 1.423   9.135   -2.579  1.00 18.57 ? 201 66Z A N1  1 
HETATM 1341 O O1  . 66Z B 2 .   ? -0.451  9.027   -1.117  1.00 16.00 ? 201 66Z A O1  1 
HETATM 1342 C C2  . 66Z B 2 .   ? 0.400   11.133  -1.984  1.00 22.84 ? 201 66Z A C2  1 
HETATM 1343 C C3  . 66Z B 2 .   ? 0.032   11.446  -3.385  1.00 27.14 ? 201 66Z A C3  1 
HETATM 1344 C C4  . 66Z B 2 .   ? 1.006   11.013  -4.134  1.00 31.02 ? 201 66Z A C4  1 
HETATM 1345 C C5  . 66Z B 2 .   ? 2.044   10.305  -3.213  1.00 22.78 ? 201 66Z A C5  1 
HETATM 1346 C C6  . 66Z B 2 .   ? 0.348   9.616   -1.794  1.00 18.09 ? 201 66Z A C6  1 
HETATM 1347 H H3  . 66Z B 2 .   ? 2.210   12.367  -2.367  1.00 29.57 ? 201 66Z A H3  1 
HETATM 1348 H H4  . 66Z B 2 .   ? 2.461   11.079  -1.149  1.00 29.57 ? 201 66Z A H4  1 
HETATM 1349 H H7  . 66Z B 2 .   ? 1.761   8.196   -2.766  1.00 22.29 ? 201 66Z A H7  1 
HETATM 1350 H H1  . 66Z B 2 .   ? 0.070   11.772  -1.173  1.00 27.41 ? 201 66Z A H1  1 
HETATM 1351 H H5  . 66Z B 2 .   ? -1.005  11.652  -3.620  1.00 32.57 ? 201 66Z A H5  1 
HETATM 1352 H H6  . 66Z B 2 .   ? 1.004   10.820  -5.201  1.00 37.23 ? 201 66Z A H6  1 
HETATM 1353 H H2  . 66Z B 2 .   ? 3.071   10.172  -3.554  1.00 27.34 ? 201 66Z A H2  1 
HETATM 1354 O O   . HOH C 3 .   ? 11.506  7.780   5.459   1.00 33.40 ? 301 HOH A O   1 
HETATM 1355 O O   . HOH C 3 .   ? 10.297  -4.608  -12.808 1.00 41.49 ? 302 HOH A O   1 
HETATM 1356 O O   . HOH C 3 .   ? -3.374  -13.371 3.322   1.00 35.66 ? 303 HOH A O   1 
HETATM 1357 O O   . HOH C 3 .   ? -0.797  -2.106  -19.146 1.00 39.69 ? 304 HOH A O   1 
HETATM 1358 O O   . HOH C 3 .   ? -9.006  -12.855 2.091   1.00 33.41 ? 305 HOH A O   1 
HETATM 1359 O O   . HOH C 3 .   ? 10.417  -11.356 -4.240  1.00 35.27 ? 306 HOH A O   1 
HETATM 1360 O O   . HOH C 3 .   ? 7.978   5.079   14.671  1.00 26.37 ? 307 HOH A O   1 
HETATM 1361 O O   . HOH C 3 .   ? 6.197   -16.335 -6.142  1.00 43.45 ? 308 HOH A O   1 
HETATM 1362 O O   . HOH C 3 .   ? -4.436  21.809  5.167   1.00 26.50 ? 309 HOH A O   1 
HETATM 1363 O O   . HOH C 3 .   ? 1.250   5.619   -17.403 1.00 34.60 ? 310 HOH A O   1 
HETATM 1364 O O   . HOH C 3 .   ? 21.710  -10.110 -10.617 1.00 41.60 ? 311 HOH A O   1 
HETATM 1365 O O   . HOH C 3 .   ? 6.282   -16.345 4.867   1.00 36.02 ? 312 HOH A O   1 
HETATM 1366 O O   . HOH C 3 .   ? -20.140 -3.178  6.891   1.00 33.81 ? 313 HOH A O   1 
HETATM 1367 O O   . HOH C 3 .   ? 9.358   -3.406  13.403  1.00 35.14 ? 314 HOH A O   1 
HETATM 1368 O O   . HOH C 3 .   ? -12.904 -11.550 -4.767  1.00 31.30 ? 315 HOH A O   1 
HETATM 1369 O O   . HOH C 3 .   ? -17.843 21.449  8.379   1.00 40.35 ? 316 HOH A O   1 
HETATM 1370 O O   . HOH C 3 .   ? -0.262  8.681   -16.534 1.00 34.82 ? 317 HOH A O   1 
HETATM 1371 O O   . HOH C 3 .   ? 4.403   7.511   -15.199 1.00 37.09 ? 318 HOH A O   1 
HETATM 1372 O O   . HOH C 3 .   ? 2.102   -3.908  15.284  1.00 31.22 ? 319 HOH A O   1 
HETATM 1373 O O   . HOH C 3 .   ? 15.494  -3.912  4.905   1.00 38.66 ? 320 HOH A O   1 
HETATM 1374 O O   . HOH C 3 .   ? -0.735  24.902  9.982   1.00 33.61 ? 321 HOH A O   1 
HETATM 1375 O O   . HOH C 3 .   ? -6.485  -12.649 -11.604 1.00 41.66 ? 322 HOH A O   1 
HETATM 1376 O O   . HOH C 3 .   ? -18.870 -7.629  -5.645  1.00 24.03 ? 323 HOH A O   1 
HETATM 1377 O O   . HOH C 3 .   ? 5.899   9.942   -15.572 1.00 35.99 ? 324 HOH A O   1 
HETATM 1378 O O   . HOH C 3 .   ? 11.962  -4.740  9.650   1.00 29.54 ? 325 HOH A O   1 
HETATM 1379 O O   . HOH C 3 .   ? -10.247 24.432  15.554  1.00 34.32 ? 326 HOH A O   1 
HETATM 1380 O O   . HOH C 3 .   ? 0.352   6.900   19.471  1.00 38.26 ? 327 HOH A O   1 
HETATM 1381 O O   . HOH C 3 .   ? 13.666  6.012   6.044   1.00 32.32 ? 328 HOH A O   1 
HETATM 1382 O O   . HOH C 3 .   ? 7.672   11.169  11.346  1.00 26.32 ? 329 HOH A O   1 
HETATM 1383 O O   . HOH C 3 .   ? -12.229 -6.261  -12.782 1.00 34.41 ? 330 HOH A O   1 
HETATM 1384 O O   . HOH C 3 .   ? -16.092 -0.060  9.310   1.00 16.76 ? 331 HOH A O   1 
HETATM 1385 O O   . HOH C 3 .   ? -6.992  25.357  10.662  1.00 22.46 ? 332 HOH A O   1 
HETATM 1386 O O   . HOH C 3 .   ? 9.163   15.359  -4.037  1.00 41.26 ? 333 HOH A O   1 
HETATM 1387 O O   . HOH C 3 .   ? 8.227   -13.341 -3.712  1.00 32.13 ? 334 HOH A O   1 
HETATM 1388 O O   . HOH C 3 .   ? 12.950  -13.191 3.196   1.00 36.99 ? 335 HOH A O   1 
HETATM 1389 O O   . HOH C 3 .   ? -0.051  1.829   10.326  1.00 18.28 ? 336 HOH A O   1 
HETATM 1390 O O   . HOH C 3 .   ? -8.710  -14.671 -3.528  1.00 28.76 ? 337 HOH A O   1 
HETATM 1391 O O   . HOH C 3 .   ? 9.790   -15.499 -3.057  1.00 40.81 ? 338 HOH A O   1 
HETATM 1392 O O   . HOH C 3 .   ? 1.095   18.769  13.187  1.00 29.72 ? 339 HOH A O   1 
HETATM 1393 O O   . HOH C 3 .   ? -15.852 -3.027  11.905  1.00 31.02 ? 340 HOH A O   1 
HETATM 1394 O O   . HOH C 3 .   ? 15.431  12.169  -0.491  1.00 35.72 ? 341 HOH A O   1 
HETATM 1395 O O   . HOH C 3 .   ? -0.909  10.681  20.182  1.00 43.32 ? 342 HOH A O   1 
HETATM 1396 O O   . HOH C 3 .   ? -3.810  11.957  17.348  1.00 28.85 ? 343 HOH A O   1 
HETATM 1397 O O   . HOH C 3 .   ? 16.684  8.170   -1.702  1.00 22.07 ? 344 HOH A O   1 
HETATM 1398 O O   . HOH C 3 .   ? 4.326   13.073  2.066   1.00 28.87 ? 345 HOH A O   1 
HETATM 1399 O O   . HOH C 3 .   ? 6.206   1.947   16.076  1.00 27.41 ? 346 HOH A O   1 
HETATM 1400 O O   . HOH C 3 .   ? -16.686 -5.083  -7.376  1.00 22.72 ? 347 HOH A O   1 
HETATM 1401 O O   . HOH C 3 .   ? 17.629  3.246   -5.025  1.00 23.61 ? 348 HOH A O   1 
HETATM 1402 O O   . HOH C 3 .   ? 2.585   2.724   16.559  1.00 35.03 ? 349 HOH A O   1 
HETATM 1403 O O   . HOH C 3 .   ? 13.898  2.772   -5.326  1.00 19.87 ? 350 HOH A O   1 
HETATM 1404 O O   . HOH C 3 .   ? 9.823   -10.762 8.330   1.00 29.83 ? 351 HOH A O   1 
HETATM 1405 O O   . HOH C 3 .   ? -2.937  7.841   20.823  1.00 35.11 ? 352 HOH A O   1 
HETATM 1406 O O   . HOH C 3 .   ? -13.247 -9.569  7.546   1.00 41.71 ? 353 HOH A O   1 
HETATM 1407 O O   . HOH C 3 .   ? -19.866 -2.160  2.129   1.00 16.55 ? 354 HOH A O   1 
HETATM 1408 O O   . HOH C 3 .   ? -1.450  13.641  -9.448  1.00 30.09 ? 355 HOH A O   1 
HETATM 1409 O O   . HOH C 3 .   ? -14.054 24.951  12.109  1.00 33.24 ? 356 HOH A O   1 
HETATM 1410 O O   . HOH C 3 .   ? -4.708  -6.995  -18.024 1.00 40.45 ? 357 HOH A O   1 
HETATM 1411 O O   . HOH C 3 .   ? -8.509  -7.939  -16.848 1.00 45.27 ? 358 HOH A O   1 
HETATM 1412 O O   . HOH C 3 .   ? -7.861  6.295   4.131   1.00 13.79 ? 359 HOH A O   1 
HETATM 1413 O O   . HOH C 3 .   ? 11.743  -19.429 1.980   1.00 48.52 ? 360 HOH A O   1 
HETATM 1414 O O   . HOH C 3 .   ? -2.220  6.661   -11.439 1.00 16.45 ? 361 HOH A O   1 
HETATM 1415 O O   . HOH C 3 .   ? -18.931 -9.733  5.996   1.00 45.29 ? 362 HOH A O   1 
HETATM 1416 O O   . HOH C 3 .   ? -18.329 21.556  5.336   1.00 27.94 ? 363 HOH A O   1 
HETATM 1417 O O   . HOH C 3 .   ? -9.829  7.361   6.703   1.00 14.99 ? 364 HOH A O   1 
HETATM 1418 O O   . HOH C 3 .   ? -3.815  17.754  3.304   1.00 23.32 ? 365 HOH A O   1 
HETATM 1419 O O   . HOH C 3 .   ? -5.141  -17.047 -10.350 1.00 43.49 ? 366 HOH A O   1 
HETATM 1420 O O   . HOH C 3 .   ? -5.857  16.261  15.705  1.00 22.39 ? 367 HOH A O   1 
HETATM 1421 O O   . HOH C 3 .   ? -14.418 0.639   -3.145  1.00 15.22 ? 368 HOH A O   1 
HETATM 1422 O O   . HOH C 3 .   ? 5.234   9.682   14.883  1.00 27.87 ? 369 HOH A O   1 
HETATM 1423 O O   . HOH C 3 .   ? 1.807   17.827  8.337   1.00 25.45 ? 370 HOH A O   1 
HETATM 1424 O O   . HOH C 3 .   ? -5.366  -9.579  -11.357 1.00 30.56 ? 371 HOH A O   1 
HETATM 1425 O O   . HOH C 3 .   ? 2.470   2.283   -15.255 1.00 22.52 ? 372 HOH A O   1 
HETATM 1426 O O   . HOH C 3 .   ? -3.379  24.328  13.068  1.00 30.18 ? 373 HOH A O   1 
HETATM 1427 O O   . HOH C 3 .   ? 16.282  3.173   -1.852  1.00 35.12 ? 374 HOH A O   1 
HETATM 1428 O O   . HOH C 3 .   ? 12.341  -6.156  3.432   1.00 29.71 ? 375 HOH A O   1 
HETATM 1429 O O   . HOH C 3 .   ? 12.601  4.747   -16.610 1.00 38.30 ? 376 HOH A O   1 
HETATM 1430 O O   . HOH C 3 .   ? 14.755  8.418   -9.017  1.00 18.32 ? 377 HOH A O   1 
HETATM 1431 O O   . HOH C 3 .   ? 5.637   -10.245 8.530   1.00 32.50 ? 378 HOH A O   1 
HETATM 1432 O O   . HOH C 3 .   ? -10.902 4.775   -5.061  1.00 15.64 ? 379 HOH A O   1 
HETATM 1433 O O   . HOH C 3 .   ? -4.652  -15.428 1.962   1.00 38.21 ? 380 HOH A O   1 
HETATM 1434 O O   . HOH C 3 .   ? 4.449   -11.947 15.919  1.00 46.50 ? 381 HOH A O   1 
HETATM 1435 O O   . HOH C 3 .   ? 10.703  -0.461  -5.716  1.00 21.16 ? 382 HOH A O   1 
HETATM 1436 O O   . HOH C 3 .   ? -2.886  14.027  5.389   1.00 14.97 ? 383 HOH A O   1 
HETATM 1437 O O   . HOH C 3 .   ? -2.443  13.601  -4.098  1.00 30.58 ? 384 HOH A O   1 
HETATM 1438 O O   . HOH C 3 .   ? -5.863  -11.887 4.749   1.00 28.89 ? 385 HOH A O   1 
HETATM 1439 O O   . HOH C 3 .   ? -12.378 -6.030  6.720   1.00 28.82 ? 386 HOH A O   1 
HETATM 1440 O O   . HOH C 3 .   ? 6.103   15.683  5.841   1.00 33.20 ? 387 HOH A O   1 
HETATM 1441 O O   . HOH C 3 .   ? 18.066  -11.647 -11.537 1.00 44.11 ? 388 HOH A O   1 
HETATM 1442 O O   . HOH C 3 .   ? 15.275  2.332   -8.746  1.00 19.55 ? 389 HOH A O   1 
HETATM 1443 O O   . HOH C 3 .   ? -8.355  2.519   -15.501 1.00 37.22 ? 390 HOH A O   1 
HETATM 1444 O O   . HOH C 3 .   ? 2.584   14.171  10.696  1.00 22.69 ? 391 HOH A O   1 
HETATM 1445 O O   . HOH C 3 .   ? -19.365 -1.755  -1.123  1.00 15.15 ? 392 HOH A O   1 
HETATM 1446 O O   . HOH C 3 .   ? 13.744  12.589  1.438   1.00 36.49 ? 393 HOH A O   1 
HETATM 1447 O O   . HOH C 3 .   ? 4.222   -14.386 11.228  1.00 39.98 ? 394 HOH A O   1 
HETATM 1448 O O   . HOH C 3 .   ? -17.247 -8.357  1.698   1.00 17.81 ? 395 HOH A O   1 
HETATM 1449 O O   . HOH C 3 .   ? 3.570   -9.197  -13.406 1.00 33.14 ? 396 HOH A O   1 
HETATM 1450 O O   . HOH C 3 .   ? 12.487  1.814   9.698   1.00 27.24 ? 397 HOH A O   1 
HETATM 1451 O O   . HOH C 3 .   ? -3.462  26.849  8.861   1.00 23.38 ? 398 HOH A O   1 
HETATM 1452 O O   . HOH C 3 .   ? 7.567   -8.976  12.420  1.00 35.35 ? 399 HOH A O   1 
HETATM 1453 O O   . HOH C 3 .   ? 0.018   12.012  14.026  1.00 17.55 ? 400 HOH A O   1 
HETATM 1454 O O   . HOH C 3 .   ? -0.813  18.058  5.578   1.00 23.53 ? 401 HOH A O   1 
HETATM 1455 O O   . HOH C 3 .   ? -2.989  18.436  12.370  1.00 22.68 ? 402 HOH A O   1 
HETATM 1456 O O   . HOH C 3 .   ? -15.370 -9.771  8.661   1.00 43.90 ? 403 HOH A O   1 
HETATM 1457 O O   . HOH C 3 .   ? 4.981   11.983  -15.353 1.00 46.76 ? 404 HOH A O   1 
HETATM 1458 O O   . HOH C 3 .   ? -13.574 -14.027 -2.492  1.00 36.74 ? 405 HOH A O   1 
HETATM 1459 O O   . HOH C 3 .   ? -9.026  -10.343 1.968   1.00 24.10 ? 406 HOH A O   1 
HETATM 1460 O O   . HOH C 3 .   ? -0.920  9.237   -5.035  1.00 27.17 ? 407 HOH A O   1 
HETATM 1461 O O   . HOH C 3 .   ? 16.138  6.283   0.249   1.00 29.11 ? 408 HOH A O   1 
HETATM 1462 O O   . HOH C 3 .   ? -2.863  -2.372  -16.809 1.00 26.31 ? 409 HOH A O   1 
HETATM 1463 O O   . HOH C 3 .   ? -6.472  3.323   -16.887 1.00 32.20 ? 410 HOH A O   1 
HETATM 1464 O O   . HOH C 3 .   ? -6.877  -10.028 11.279  1.00 28.44 ? 411 HOH A O   1 
HETATM 1465 O O   . HOH C 3 .   ? 0.764   14.307  -7.148  1.00 25.38 ? 412 HOH A O   1 
HETATM 1466 O O   . HOH C 3 .   ? -7.798  -13.636 3.814   1.00 38.77 ? 413 HOH A O   1 
HETATM 1467 O O   . HOH C 3 .   ? 5.528   -1.630  -14.952 1.00 31.17 ? 414 HOH A O   1 
HETATM 1468 O O   . HOH C 3 .   ? 17.396  -9.461  -5.558  1.00 40.82 ? 415 HOH A O   1 
HETATM 1469 O O   . HOH C 3 .   ? 2.231   6.020   -15.467 1.00 26.82 ? 416 HOH A O   1 
HETATM 1470 O O   . HOH C 3 .   ? -0.616  7.350   -14.230 1.00 20.17 ? 417 HOH A O   1 
HETATM 1471 O O   . HOH C 3 .   ? 13.235  9.300   3.477   1.00 26.81 ? 418 HOH A O   1 
HETATM 1472 O O   . HOH C 3 .   ? 7.934   14.008  3.211   1.00 33.03 ? 419 HOH A O   1 
HETATM 1473 O O   . HOH C 3 .   ? 8.617   13.616  -12.127 1.00 21.37 ? 420 HOH A O   1 
HETATM 1474 O O   . HOH C 3 .   ? 8.451   -3.951  -13.500 1.00 29.51 ? 421 HOH A O   1 
HETATM 1475 O O   . HOH C 3 .   ? -3.859  -0.582  -14.374 1.00 23.11 ? 422 HOH A O   1 
HETATM 1476 O O   . HOH C 3 .   ? 1.225   -16.902 6.833   1.00 38.15 ? 423 HOH A O   1 
HETATM 1477 O O   . HOH C 3 .   ? -15.877 -4.733  -11.201 1.00 41.20 ? 424 HOH A O   1 
HETATM 1478 O O   . HOH C 3 .   ? -20.728 -11.919 -0.021  1.00 34.25 ? 425 HOH A O   1 
HETATM 1479 O O   . HOH C 3 .   ? -12.880 -6.953  10.222  1.00 36.36 ? 426 HOH A O   1 
HETATM 1480 O O   . HOH C 3 .   ? 5.129   1.263   -14.902 1.00 23.34 ? 427 HOH A O   1 
HETATM 1481 O O   . HOH C 3 .   ? -8.938  4.953   -13.989 1.00 24.42 ? 428 HOH A O   1 
HETATM 1482 O O   . HOH C 3 .   ? 7.644   -2.290  14.817  1.00 30.68 ? 429 HOH A O   1 
HETATM 1483 O O   . HOH C 3 .   ? 6.631   1.802   -2.956  1.00 20.55 ? 430 HOH A O   1 
HETATM 1484 O O   . HOH C 3 .   ? 4.493   -16.557 6.791   1.00 35.79 ? 431 HOH A O   1 
HETATM 1485 O O   . HOH C 3 .   ? 5.413   12.682  -13.197 1.00 32.09 ? 432 HOH A O   1 
HETATM 1486 O O   . HOH C 3 .   ? 3.732   -4.819  -17.645 1.00 45.77 ? 433 HOH A O   1 
HETATM 1487 O O   . HOH C 3 .   ? -1.297  -9.162  -18.484 1.00 40.89 ? 434 HOH A O   1 
HETATM 1488 O O   . HOH C 3 .   ? 9.410   7.478   13.446  1.00 29.51 ? 435 HOH A O   1 
HETATM 1489 O O   . HOH C 3 .   ? -2.933  16.182  -3.285  1.00 34.59 ? 436 HOH A O   1 
HETATM 1490 O O   . HOH C 3 .   ? 11.318  6.910   -17.498 1.00 41.36 ? 437 HOH A O   1 
HETATM 1491 O O   . HOH C 3 .   ? -1.376  -17.337 -2.908  1.00 40.16 ? 438 HOH A O   1 
HETATM 1492 O O   . HOH C 3 .   ? -15.360 -8.993  3.824   1.00 20.97 ? 439 HOH A O   1 
HETATM 1493 O O   . HOH C 3 .   ? 0.275   15.195  2.392   1.00 21.21 ? 440 HOH A O   1 
HETATM 1494 O O   . HOH C 3 .   ? -4.328  -10.239 14.827  1.00 36.54 ? 441 HOH A O   1 
HETATM 1495 O O   . HOH C 3 .   ? -8.850  8.821   4.626   1.00 13.39 ? 442 HOH A O   1 
HETATM 1496 O O   . HOH C 3 .   ? -16.861 -5.765  10.730  1.00 40.91 ? 443 HOH A O   1 
HETATM 1497 O O   . HOH C 3 .   ? -1.000  16.131  15.758  1.00 32.90 ? 444 HOH A O   1 
HETATM 1498 O O   . HOH C 3 .   ? 13.450  3.848   8.480   1.00 35.26 ? 445 HOH A O   1 
HETATM 1499 O O   . HOH C 3 .   ? -8.330  -2.455  -13.585 1.00 33.35 ? 446 HOH A O   1 
HETATM 1500 O O   . HOH C 3 .   ? 12.244  -4.400  1.198   1.00 31.75 ? 447 HOH A O   1 
HETATM 1501 O O   . HOH C 3 .   ? -10.710 -8.461  9.245   1.00 29.53 ? 448 HOH A O   1 
HETATM 1502 O O   . HOH C 3 .   ? -4.034  -9.240  12.629  1.00 28.78 ? 449 HOH A O   1 
HETATM 1503 O O   . HOH C 3 .   ? 11.743  7.623   14.771  1.00 42.52 ? 450 HOH A O   1 
HETATM 1504 O O   . HOH C 3 .   ? 12.248  15.525  -5.995  1.00 28.66 ? 451 HOH A O   1 
HETATM 1505 O O   . HOH C 3 .   ? 0.048   11.559  16.676  1.00 28.42 ? 452 HOH A O   1 
HETATM 1506 O O   . HOH C 3 .   ? -3.347  5.163   14.760  1.00 25.12 ? 453 HOH A O   1 
HETATM 1507 O O   . HOH C 3 .   ? -0.806  11.634  -17.072 1.00 42.44 ? 454 HOH A O   1 
HETATM 1508 O O   . HOH C 3 .   ? 15.240  7.106   2.942   1.00 28.20 ? 455 HOH A O   1 
HETATM 1509 O O   . HOH C 3 .   ? -8.663  15.776  17.990  0.50 23.55 ? 456 HOH A O   1 
HETATM 1510 O O   . HOH C 3 .   ? 16.271  0.701   -2.343  1.00 36.64 ? 457 HOH A O   1 
HETATM 1511 O O   . HOH C 3 .   ? -10.880 -12.253 -6.311  1.00 36.10 ? 458 HOH A O   1 
HETATM 1512 O O   . HOH C 3 .   ? -9.324  20.252  15.760  1.00 35.51 ? 459 HOH A O   1 
HETATM 1513 O O   . HOH C 3 .   ? -4.849  -12.793 7.221   1.00 33.52 ? 460 HOH A O   1 
HETATM 1514 O O   . HOH C 3 .   ? 9.687   15.019  -1.661  1.00 40.77 ? 461 HOH A O   1 
HETATM 1515 O O   . HOH C 3 .   ? 16.892  15.926  -5.832  1.00 37.29 ? 462 HOH A O   1 
HETATM 1516 O O   . HOH C 3 .   ? 7.441   -10.382 -7.265  1.00 33.56 ? 463 HOH A O   1 
HETATM 1517 O O   . HOH C 3 .   ? 1.246   2.306   12.655  1.00 29.64 ? 464 HOH A O   1 
HETATM 1518 O O   . HOH C 3 .   ? 5.022   6.212   17.304  1.00 41.26 ? 465 HOH A O   1 
HETATM 1519 O O   . HOH C 3 .   ? -0.351  13.955  -14.645 1.00 40.83 ? 466 HOH A O   1 
HETATM 1520 O O   . HOH C 3 .   ? -1.915  20.565  5.633   1.00 36.37 ? 467 HOH A O   1 
HETATM 1521 O O   . HOH C 3 .   ? -6.741  -0.402  -14.917 1.00 32.86 ? 468 HOH A O   1 
HETATM 1522 O O   . HOH C 3 .   ? 0.236   14.181  -12.527 1.00 36.09 ? 469 HOH A O   1 
HETATM 1523 O O   . HOH C 3 .   ? 2.267   -17.600 -4.751  1.00 41.02 ? 470 HOH A O   1 
HETATM 1524 O O   . HOH C 3 .   ? 5.752   -4.367  -14.132 1.00 41.54 ? 471 HOH A O   1 
HETATM 1525 O O   . HOH C 3 .   ? -5.130  15.408  -15.257 1.00 34.75 ? 472 HOH A O   1 
HETATM 1526 O O   . HOH C 3 .   ? -13.156 3.146   -5.942  0.50 17.64 ? 473 HOH A O   1 
HETATM 1527 O O   . HOH C 3 .   ? -1.375  21.107  8.861   1.00 33.10 ? 474 HOH A O   1 
HETATM 1528 O O   . HOH C 3 .   ? -1.568  12.346  -6.558  1.00 32.68 ? 475 HOH A O   1 
HETATM 1529 O O   . HOH C 3 .   ? 3.005   14.817  2.862   1.00 44.11 ? 476 HOH A O   1 
HETATM 1530 O O   . HOH C 3 .   ? 10.360  -11.742 -7.280  1.00 41.51 ? 477 HOH A O   1 
HETATM 1531 O O   . HOH C 3 .   ? 12.668  -6.977  8.176   1.00 38.79 ? 478 HOH A O   1 
HETATM 1532 O O   . HOH C 3 .   ? 2.699   12.549  13.051  1.00 29.40 ? 479 HOH A O   1 
HETATM 1533 O O   . HOH C 3 .   ? -8.997  -14.284 6.823   1.00 43.66 ? 480 HOH A O   1 
HETATM 1534 O O   . HOH C 3 .   ? 10.351  -13.503 7.375   1.00 36.27 ? 481 HOH A O   1 
HETATM 1535 O O   . HOH C 3 .   ? -10.034 -17.707 -9.320  1.00 54.09 ? 482 HOH A O   1 
HETATM 1536 O O   . HOH C 3 .   ? 13.986  -2.930  9.787   1.00 37.82 ? 483 HOH A O   1 
HETATM 1537 O O   . HOH C 3 .   ? 8.428   16.650  6.519   1.00 44.53 ? 484 HOH A O   1 
HETATM 1538 O O   . HOH C 3 .   ? 2.036   3.185   -17.648 1.00 32.36 ? 485 HOH A O   1 
HETATM 1539 O O   . HOH C 3 .   ? -7.554  6.577   -15.733 1.00 25.96 ? 486 HOH A O   1 
HETATM 1540 O O   . HOH C 3 .   ? 14.235  -6.154  5.703   1.00 41.45 ? 487 HOH A O   1 
HETATM 1541 O O   . HOH C 3 .   ? -3.419  17.272  14.823  1.00 24.79 ? 488 HOH A O   1 
HETATM 1542 O O   . HOH C 3 .   ? -19.803 -9.419  2.429   1.00 27.60 ? 489 HOH A O   1 
HETATM 1543 O O   . HOH C 3 .   ? -0.270  2.214   -19.288 1.00 37.97 ? 490 HOH A O   1 
HETATM 1544 O O   . HOH C 3 .   ? -1.861  15.979  4.033   1.00 16.91 ? 491 HOH A O   1 
HETATM 1545 O O   . HOH C 3 .   ? 9.255   5.662   -18.683 1.00 42.99 ? 492 HOH A O   1 
HETATM 1546 O O   . HOH C 3 .   ? 7.845   9.831   13.641  1.00 34.44 ? 493 HOH A O   1 
HETATM 1547 O O   . HOH C 3 .   ? 14.037  -0.522  10.345  1.00 35.32 ? 494 HOH A O   1 
HETATM 1548 O O   . HOH C 3 .   ? 0.337   0.574   14.304  1.00 28.06 ? 495 HOH A O   1 
HETATM 1549 O O   . HOH C 3 .   ? -11.213 2.517   -16.697 1.00 43.44 ? 496 HOH A O   1 
HETATM 1550 O O   . HOH C 3 .   ? 7.852   -14.853 -6.149  1.00 41.04 ? 497 HOH A O   1 
HETATM 1551 O O   . HOH C 3 .   ? -7.219  18.240  17.151  1.00 32.32 ? 498 HOH A O   1 
HETATM 1552 O O   . HOH C 3 .   ? -14.387 -8.183  11.286  1.00 42.75 ? 499 HOH A O   1 
HETATM 1553 O O   . HOH C 3 .   ? -5.943  12.037  19.275  1.00 32.60 ? 500 HOH A O   1 
HETATM 1554 O O   . HOH C 3 .   ? -1.535  14.477  -2.305  1.00 37.22 ? 501 HOH A O   1 
HETATM 1555 O O   . HOH C 3 .   ? -5.283  -3.137  -17.926 1.00 40.77 ? 502 HOH A O   1 
HETATM 1556 O O   . HOH C 3 .   ? 9.977   3.975   16.158  1.00 38.60 ? 503 HOH A O   1 
HETATM 1557 O O   . HOH C 3 .   ? -0.327  -19.274 -4.398  1.00 51.15 ? 504 HOH A O   1 
HETATM 1558 O O   . HOH C 3 .   ? -17.286 -6.891  -9.266  1.00 35.55 ? 505 HOH A O   1 
HETATM 1559 O O   . HOH C 3 .   ? -3.745  20.680  2.738   1.00 33.22 ? 506 HOH A O   1 
HETATM 1560 O O   . HOH C 3 .   ? 6.326   7.891   16.630  1.00 44.43 ? 507 HOH A O   1 
HETATM 1561 O O   . HOH C 3 .   ? -1.336  14.222  17.391  1.00 34.32 ? 508 HOH A O   1 
HETATM 1562 O O   . HOH C 3 .   ? -6.067  27.622  9.322   1.00 21.47 ? 509 HOH A O   1 
HETATM 1563 O O   . HOH C 3 .   ? -13.528 -16.028 -0.630  1.00 48.99 ? 510 HOH A O   1 
HETATM 1564 O O   . HOH C 3 .   ? 17.179  10.224  -0.057  1.00 30.83 ? 511 HOH A O   1 
HETATM 1565 O O   . HOH C 3 .   ? 2.951   -7.414  18.358  1.00 35.32 ? 512 HOH A O   1 
HETATM 1566 O O   . HOH C 3 .   ? -21.448 -2.861  4.224   1.00 29.93 ? 513 HOH A O   1 
HETATM 1567 O O   . HOH C 3 .   ? -4.219  17.947  -0.408  1.00 38.75 ? 514 HOH A O   1 
HETATM 1568 O O   . HOH C 3 .   ? -4.601  15.232  18.197  1.00 38.64 ? 515 HOH A O   1 
HETATM 1569 O O   . HOH C 3 .   ? 7.304   12.252  -14.579 1.00 43.38 ? 516 HOH A O   1 
HETATM 1570 O O   . HOH C 3 .   ? 18.772  7.396   -2.686  1.00 31.65 ? 517 HOH A O   1 
HETATM 1571 O O   . HOH C 3 .   ? 4.674   12.492  13.937  1.00 40.40 ? 518 HOH A O   1 
HETATM 1572 O O   . HOH C 3 .   ? 7.323   -10.733 10.698  1.00 34.74 ? 519 HOH A O   1 
HETATM 1573 O O   . HOH C 3 .   ? 12.007  -9.618  9.089   1.00 41.34 ? 520 HOH A O   1 
HETATM 1574 O O   . HOH C 3 .   ? 4.719   15.845  3.645   1.00 40.81 ? 521 HOH A O   1 
HETATM 1575 O O   . HOH C 3 .   ? 15.852  7.115   6.574   1.00 42.23 ? 522 HOH A O   1 
HETATM 1576 O O   . HOH C 3 .   ? -16.000 -11.111 5.019   1.00 40.24 ? 523 HOH A O   1 
HETATM 1577 O O   . HOH C 3 .   ? -16.907 -0.688  13.288  1.00 40.25 ? 524 HOH A O   1 
HETATM 1578 O O   . HOH C 3 .   ? -0.657  14.517  -4.869  1.00 38.30 ? 525 HOH A O   1 
HETATM 1579 O O   . HOH C 3 .   ? 2.451   6.683   -19.161 1.00 47.24 ? 526 HOH A O   1 
HETATM 1580 O O   . HOH C 3 .   ? -6.297  -12.316 9.799   1.00 40.31 ? 527 HOH A O   1 
HETATM 1581 O O   . HOH C 3 .   ? 18.602  5.509   1.367   1.00 40.86 ? 528 HOH A O   1 
HETATM 1582 O O   . HOH C 3 .   ? 18.493  5.001   -2.975  1.00 32.25 ? 529 HOH A O   1 
HETATM 1583 O O   . HOH C 3 .   ? 1.670   18.458  4.469   1.00 41.91 ? 530 HOH A O   1 
HETATM 1584 O O   . HOH C 3 .   ? -6.500  -15.245 6.944   1.00 42.95 ? 531 HOH A O   1 
HETATM 1585 O O   . HOH C 3 .   ? -16.287 -3.693  14.619  1.00 38.30 ? 532 HOH A O   1 
HETATM 1586 O O   . HOH C 3 .   ? 2.521   11.716  17.140  1.00 43.00 ? 533 HOH A O   1 
HETATM 1587 O O   . HOH C 3 .   ? -1.140  16.088  -0.655  1.00 42.49 ? 534 HOH A O   1 
HETATM 1588 O O   . HOH C 3 .   ? 2.395   16.864  3.097   1.00 30.22 ? 535 HOH A O   1 
HETATM 1589 O O   . HOH C 3 .   ? -9.536  -22.953 -12.121 1.00 51.69 ? 536 HOH A O   1 
HETATM 1590 O O   . HOH C 3 .   ? 20.361  3.636   -1.731  1.00 44.87 ? 537 HOH A O   1 
# 
